data_2WPF
#
_entry.id   2WPF
#
_cell.length_a   99.820
_cell.length_b   62.760
_cell.length_c   167.440
_cell.angle_alpha   90.00
_cell.angle_beta   98.13
_cell.angle_gamma   90.00
#
_symmetry.space_group_name_H-M   'P 1 21 1'
#
loop_
_entity.id
_entity.type
_entity.pdbx_description
1 polymer 'TRYPANOTHIONE REDUCTASE'
2 non-polymer 'FLAVIN-ADENINE DINUCLEOTIDE'
3 non-polymer 3-[(4S)-6-CHLORO-2-METHYL-4-(4-METHYLPHENYL)QUINAZOLIN-3(4H)-YL]-N,N-DIMETHYLPROPAN-1-AMINE
4 non-polymer 'CHLORIDE ION'
5 non-polymer 'BROMIDE ION'
6 water water
#
_entity_poly.entity_id   1
_entity_poly.type   'polypeptide(L)'
_entity_poly.pdbx_seq_one_letter_code
;GSHMSKAFDLVVIGAGSGGLEAGWNAATLYGKRVAVVDVQTSHGPPFYAALGGTCVNVGCVPKKLMVTGAQYMDHLRESA
GFGWEFDGSSVKANWKKLIAAKNEAVLDINKSYEGMFNDTEGLDFFLGWGSLESKNVVVVRETADPKSAVKERLQADHIL
LATGSWPQMPAIPGIEHCISSNEAFYLPEPPRRVLTVGGGFISVEFAGIFNAYKPPGGKVTLCYRNNLILRGFDETIREE
VTKQLTANGIEIMTNENPAKVSLNTDGSKHVTFESGKTLDVDVVMMAIGRIPRTNDLQLGNVGVKLTPKGGVQVDEFSRT
NVPNIYAIGDITDRLMLTPVAINEGAALVDTVFGNKPRKTDHTRVASAVFSIPPIGTCGLIEEVAAKEFEKVAVYMSSFT
PLMHNISGSKYKKFVAKIVTNHSDGTVLGVHLLGDGAPEIIQAVGVCLRLNAKISDFYNTIGVHPTSAEELCSMRTPSYY
YVKGEKMEKLPDSNL
;
_entity_poly.pdbx_strand_id   A,B,C,D
#
loop_
_chem_comp.id
_chem_comp.type
_chem_comp.name
_chem_comp.formula
BR non-polymer 'BROMIDE ION' 'Br -1'
CL non-polymer 'CHLORIDE ION' 'Cl -1'
FAD non-polymer 'FLAVIN-ADENINE DINUCLEOTIDE' 'C27 H33 N9 O15 P2'
WPF non-polymer 3-[(4S)-6-CHLORO-2-METHYL-4-(4-METHYLPHENYL)QUINAZOLIN-3(4H)-YL]-N,N-DIMETHYLPROPAN-1-AMINE 'C21 H26 Cl N3'
#
# COMPACT_ATOMS: atom_id res chain seq x y z
N SER A 2 32.19 2.77 -36.37
CA SER A 2 32.77 3.98 -35.76
C SER A 2 32.16 4.24 -34.38
N HIS A 3 33.01 4.89 -33.57
CA HIS A 3 32.93 4.87 -32.13
C HIS A 3 32.72 6.26 -31.65
N MET A 4 32.27 7.07 -32.59
CA MET A 4 31.92 8.43 -32.31
C MET A 4 30.42 8.70 -32.20
N SER A 5 30.10 9.68 -31.38
CA SER A 5 28.74 10.12 -31.22
C SER A 5 28.25 10.70 -32.53
N LYS A 6 26.92 10.86 -32.61
CA LYS A 6 26.25 11.39 -33.79
C LYS A 6 25.55 12.67 -33.36
N ALA A 7 25.46 13.64 -34.24
CA ALA A 7 24.87 14.90 -33.84
C ALA A 7 23.57 15.11 -34.63
N PHE A 8 22.58 15.79 -34.06
CA PHE A 8 21.30 15.99 -34.76
C PHE A 8 20.81 17.33 -34.37
N ASP A 9 19.89 17.85 -35.16
CA ASP A 9 19.19 19.03 -34.76
C ASP A 9 18.18 18.67 -33.70
N LEU A 10 17.62 17.49 -33.82
CA LEU A 10 16.54 17.07 -32.87
C LEU A 10 16.75 15.62 -32.49
N VAL A 11 16.70 15.32 -31.21
CA VAL A 11 16.68 13.91 -30.83
C VAL A 11 15.33 13.68 -30.17
N VAL A 12 14.63 12.69 -30.64
CA VAL A 12 13.31 12.39 -30.03
C VAL A 12 13.42 11.09 -29.23
N ILE A 13 12.94 11.12 -28.01
CA ILE A 13 13.07 9.90 -27.19
C ILE A 13 11.67 9.36 -27.17
N GLY A 14 11.51 8.22 -27.85
CA GLY A 14 10.23 7.56 -27.98
C GLY A 14 9.75 7.66 -29.43
N ALA A 15 9.72 6.51 -30.13
CA ALA A 15 9.27 6.47 -31.54
C ALA A 15 7.75 6.15 -31.65
N GLY A 16 6.97 6.92 -30.89
CA GLY A 16 5.57 6.67 -30.78
C GLY A 16 4.79 7.70 -31.58
N SER A 17 3.52 7.86 -31.26
CA SER A 17 2.66 8.67 -32.09
C SER A 17 3.19 10.13 -32.19
N GLY A 18 3.57 10.72 -31.07
CA GLY A 18 4.02 12.09 -31.10
C GLY A 18 5.43 12.16 -31.70
N GLY A 19 6.29 11.25 -31.25
CA GLY A 19 7.74 11.21 -31.57
C GLY A 19 7.92 11.07 -33.07
N LEU A 20 7.21 10.13 -33.64
CA LEU A 20 7.34 9.89 -35.05
C LEU A 20 6.78 11.03 -35.89
N GLU A 21 5.69 11.65 -35.45
CA GLU A 21 5.14 12.73 -36.23
C GLU A 21 6.15 13.89 -36.23
N ALA A 22 6.68 14.23 -35.06
CA ALA A 22 7.69 15.31 -34.92
C ALA A 22 8.93 14.97 -35.70
N GLY A 23 9.43 13.74 -35.51
CA GLY A 23 10.64 13.29 -36.20
C GLY A 23 10.51 13.33 -37.74
N TRP A 24 9.44 12.74 -38.23
CA TRP A 24 9.15 12.72 -39.64
C TRP A 24 9.00 14.11 -40.21
N ASN A 25 8.25 14.96 -39.51
CA ASN A 25 8.06 16.30 -40.02
C ASN A 25 9.34 17.16 -40.03
N ALA A 26 10.09 17.13 -38.92
CA ALA A 26 11.31 17.90 -38.85
C ALA A 26 12.22 17.57 -40.00
N ALA A 27 12.44 16.26 -40.23
CA ALA A 27 13.29 15.76 -41.30
C ALA A 27 12.73 16.06 -42.69
N THR A 28 11.47 15.70 -42.93
CA THR A 28 11.02 15.71 -44.33
C THR A 28 10.41 17.05 -44.73
N LEU A 29 9.79 17.80 -43.82
CA LEU A 29 9.34 19.10 -44.20
C LEU A 29 10.40 20.14 -44.05
N TYR A 30 11.28 20.01 -43.04
CA TYR A 30 12.24 21.08 -42.75
C TYR A 30 13.72 20.82 -42.93
N GLY A 31 14.11 19.68 -43.49
CA GLY A 31 15.52 19.36 -43.71
C GLY A 31 16.32 19.30 -42.41
N LYS A 32 15.67 18.98 -41.27
CA LYS A 32 16.47 18.78 -40.03
C LYS A 32 17.05 17.38 -39.98
N ARG A 33 18.11 17.28 -39.19
CA ARG A 33 18.72 15.98 -38.90
C ARG A 33 18.14 15.53 -37.59
N VAL A 34 17.50 14.37 -37.62
CA VAL A 34 16.67 13.93 -36.51
C VAL A 34 17.08 12.54 -36.15
N ALA A 35 17.12 12.30 -34.84
CA ALA A 35 17.29 10.98 -34.31
C ALA A 35 16.08 10.64 -33.51
N VAL A 36 15.67 9.41 -33.59
CA VAL A 36 14.58 8.91 -32.75
C VAL A 36 15.03 7.62 -32.04
N VAL A 37 14.73 7.53 -30.75
CA VAL A 37 15.18 6.37 -29.98
C VAL A 37 13.95 5.64 -29.50
N ASP A 38 13.97 4.33 -29.61
CA ASP A 38 12.96 3.51 -28.93
C ASP A 38 13.59 2.21 -28.47
N VAL A 39 12.84 1.44 -27.65
CA VAL A 39 13.46 0.35 -26.89
C VAL A 39 13.39 -0.95 -27.62
N GLN A 40 12.54 -1.00 -28.66
CA GLN A 40 12.26 -2.21 -29.31
C GLN A 40 11.78 -1.85 -30.73
N THR A 41 12.10 -2.71 -31.71
CA THR A 41 11.79 -2.50 -33.12
C THR A 41 10.42 -3.08 -33.45
N SER A 42 10.00 -4.15 -32.76
CA SER A 42 8.66 -4.59 -32.99
C SER A 42 7.92 -4.99 -31.69
N HIS A 43 6.63 -5.21 -31.81
CA HIS A 43 5.74 -5.28 -30.68
C HIS A 43 6.03 -6.41 -29.79
N GLY A 44 5.59 -6.23 -28.55
CA GLY A 44 5.35 -7.41 -27.69
C GLY A 44 6.35 -7.45 -26.55
N PRO A 45 6.32 -8.53 -25.75
CA PRO A 45 7.26 -8.63 -24.65
C PRO A 45 8.74 -8.48 -25.16
N PRO A 46 9.66 -7.96 -24.34
CA PRO A 46 9.44 -7.62 -22.95
C PRO A 46 8.87 -6.24 -22.77
N PHE A 47 8.94 -5.36 -23.76
CA PHE A 47 8.70 -3.91 -23.43
C PHE A 47 7.37 -3.40 -24.01
N TYR A 48 6.78 -4.22 -24.84
CA TYR A 48 5.39 -4.09 -25.31
C TYR A 48 5.30 -3.05 -26.42
N ALA A 49 5.43 -1.76 -26.05
CA ALA A 49 5.56 -0.65 -26.98
C ALA A 49 6.89 -0.83 -27.70
N ALA A 50 6.97 -0.26 -28.86
CA ALA A 50 8.11 -0.38 -29.69
C ALA A 50 7.92 0.70 -30.69
N LEU A 51 8.64 0.58 -31.76
CA LEU A 51 8.52 1.44 -32.89
C LEU A 51 7.07 1.59 -33.34
N GLY A 52 6.61 2.86 -33.37
CA GLY A 52 5.20 3.17 -33.68
C GLY A 52 4.47 3.49 -32.42
N GLY A 53 5.07 3.14 -31.30
CA GLY A 53 4.56 3.61 -30.02
C GLY A 53 3.47 2.69 -29.48
N THR A 54 2.65 3.24 -28.57
CA THR A 54 1.75 2.42 -27.80
C THR A 54 0.58 2.09 -28.68
N CYS A 55 0.12 3.14 -29.37
CA CYS A 55 -0.99 3.09 -30.35
CA CYS A 55 -1.02 3.03 -30.27
C CYS A 55 -0.85 1.88 -31.25
N VAL A 56 0.26 1.85 -31.98
CA VAL A 56 0.59 0.74 -32.93
C VAL A 56 0.71 -0.64 -32.31
N ASN A 57 1.37 -0.73 -31.17
CA ASN A 57 1.80 -2.03 -30.71
C ASN A 57 0.87 -2.60 -29.67
N VAL A 58 0.39 -1.77 -28.78
CA VAL A 58 -0.35 -2.29 -27.63
C VAL A 58 -1.42 -1.24 -27.15
N GLY A 59 -2.11 -0.62 -28.14
CA GLY A 59 -2.93 0.55 -27.99
C GLY A 59 -3.99 0.48 -29.08
N CYS A 60 -4.29 1.64 -29.64
CA CYS A 60 -5.48 1.83 -30.50
C CYS A 60 -5.57 0.82 -31.65
N VAL A 61 -4.47 0.63 -32.37
CA VAL A 61 -4.46 -0.30 -33.54
C VAL A 61 -4.87 -1.74 -33.19
N PRO A 62 -4.11 -2.41 -32.33
CA PRO A 62 -4.63 -3.74 -32.10
C PRO A 62 -5.87 -3.78 -31.22
N LYS A 63 -6.14 -2.81 -30.35
CA LYS A 63 -7.34 -2.93 -29.67
C LYS A 63 -8.53 -2.81 -30.61
N LYS A 64 -8.44 -1.93 -31.60
CA LYS A 64 -9.55 -1.74 -32.52
C LYS A 64 -9.75 -3.02 -33.33
N LEU A 65 -8.64 -3.72 -33.68
CA LEU A 65 -8.80 -4.96 -34.45
C LEU A 65 -9.58 -6.00 -33.65
N MET A 66 -9.25 -6.05 -32.37
CA MET A 66 -9.84 -7.00 -31.42
C MET A 66 -11.24 -6.70 -31.03
N VAL A 67 -11.57 -5.44 -30.84
CA VAL A 67 -12.95 -5.04 -30.71
C VAL A 67 -13.78 -5.39 -31.97
N THR A 68 -13.19 -5.15 -33.14
CA THR A 68 -13.82 -5.57 -34.40
C THR A 68 -14.11 -7.06 -34.42
N GLY A 69 -13.12 -7.86 -33.96
CA GLY A 69 -13.38 -9.31 -33.85
C GLY A 69 -14.47 -9.58 -32.82
N ALA A 70 -14.45 -8.85 -31.71
CA ALA A 70 -15.48 -8.96 -30.68
C ALA A 70 -16.93 -8.68 -31.17
N GLN A 71 -17.09 -7.70 -32.06
CA GLN A 71 -18.34 -7.35 -32.70
C GLN A 71 -19.03 -8.52 -33.37
N TYR A 72 -18.27 -9.43 -33.97
CA TYR A 72 -18.91 -10.55 -34.63
C TYR A 72 -19.79 -11.41 -33.73
N MET A 73 -19.55 -11.45 -32.43
CA MET A 73 -20.48 -12.14 -31.57
C MET A 73 -21.86 -11.51 -31.75
N ASP A 74 -21.87 -10.18 -31.73
CA ASP A 74 -23.08 -9.45 -31.95
C ASP A 74 -23.65 -9.65 -33.33
N HIS A 75 -22.80 -9.62 -34.35
CA HIS A 75 -23.26 -9.75 -35.72
C HIS A 75 -23.88 -11.10 -35.95
N LEU A 76 -23.18 -12.17 -35.56
CA LEU A 76 -23.72 -13.53 -35.74
C LEU A 76 -25.09 -13.72 -35.13
N ARG A 77 -25.28 -13.23 -33.91
CA ARG A 77 -26.57 -13.39 -33.29
C ARG A 77 -27.56 -12.44 -33.99
N GLU A 78 -27.12 -11.23 -34.30
CA GLU A 78 -28.06 -10.27 -34.83
C GLU A 78 -28.44 -10.65 -36.24
N SER A 79 -27.58 -11.41 -36.91
CA SER A 79 -27.87 -11.88 -38.24
C SER A 79 -29.25 -12.64 -38.35
N ALA A 80 -29.52 -13.47 -37.33
CA ALA A 80 -30.72 -14.31 -37.32
C ALA A 80 -31.92 -13.50 -37.61
N GLY A 81 -32.06 -12.35 -36.95
CA GLY A 81 -33.23 -11.46 -37.13
C GLY A 81 -33.49 -11.04 -38.59
N PHE A 82 -32.45 -11.10 -39.42
CA PHE A 82 -32.53 -10.69 -40.83
C PHE A 82 -32.54 -11.94 -41.70
N GLY A 83 -32.66 -13.11 -41.05
CA GLY A 83 -32.97 -14.33 -41.78
C GLY A 83 -31.78 -15.18 -42.05
N TRP A 84 -30.66 -14.87 -41.42
CA TRP A 84 -29.49 -15.74 -41.54
C TRP A 84 -29.70 -16.94 -40.60
N GLU A 85 -29.52 -18.12 -41.19
CA GLU A 85 -29.70 -19.39 -40.48
C GLU A 85 -28.37 -20.11 -40.61
N PHE A 86 -27.87 -20.60 -39.48
CA PHE A 86 -26.68 -21.39 -39.50
C PHE A 86 -26.65 -22.11 -38.17
N ASP A 87 -25.71 -23.05 -38.06
CA ASP A 87 -25.65 -23.88 -36.90
C ASP A 87 -24.95 -23.13 -35.78
N GLY A 88 -25.74 -22.53 -34.90
CA GLY A 88 -25.31 -21.68 -33.83
C GLY A 88 -24.42 -22.40 -32.82
N SER A 89 -24.60 -23.70 -32.72
CA SER A 89 -23.86 -24.44 -31.73
C SER A 89 -22.52 -24.90 -32.37
N SER A 90 -22.38 -24.67 -33.65
CA SER A 90 -21.08 -24.82 -34.24
C SER A 90 -20.14 -23.57 -34.00
N VAL A 91 -20.64 -22.49 -33.39
CA VAL A 91 -19.88 -21.24 -33.40
C VAL A 91 -18.73 -21.29 -32.40
N LYS A 92 -17.52 -21.05 -32.85
CA LYS A 92 -16.49 -20.87 -31.85
C LYS A 92 -15.67 -19.60 -32.07
N ALA A 93 -15.31 -18.96 -30.97
CA ALA A 93 -14.45 -17.78 -31.04
C ALA A 93 -13.02 -18.20 -30.82
N ASN A 94 -12.23 -18.20 -31.89
CA ASN A 94 -10.87 -18.68 -31.76
C ASN A 94 -9.93 -17.51 -31.47
N TRP A 95 -9.74 -17.22 -30.19
CA TRP A 95 -8.83 -16.19 -29.71
C TRP A 95 -7.40 -16.30 -30.27
N LYS A 96 -6.89 -17.53 -30.38
CA LYS A 96 -5.53 -17.65 -30.85
C LYS A 96 -5.43 -17.15 -32.28
N LYS A 97 -6.44 -17.37 -33.11
CA LYS A 97 -6.40 -16.88 -34.49
C LYS A 97 -6.41 -15.35 -34.49
N LEU A 98 -7.29 -14.77 -33.65
CA LEU A 98 -7.36 -13.29 -33.47
C LEU A 98 -6.00 -12.68 -33.16
N ILE A 99 -5.37 -13.27 -32.16
CA ILE A 99 -4.09 -12.84 -31.70
C ILE A 99 -3.04 -13.03 -32.78
N ALA A 100 -2.98 -14.18 -33.48
CA ALA A 100 -2.00 -14.29 -34.55
C ALA A 100 -2.18 -13.22 -35.62
N ALA A 101 -3.46 -13.04 -36.03
CA ALA A 101 -3.82 -12.13 -37.10
C ALA A 101 -3.43 -10.73 -36.69
N LYS A 102 -3.76 -10.39 -35.44
CA LYS A 102 -3.37 -9.12 -34.86
C LYS A 102 -1.88 -8.94 -34.80
N ASN A 103 -1.15 -10.02 -34.45
CA ASN A 103 0.31 -9.83 -34.22
C ASN A 103 0.97 -9.55 -35.55
N GLU A 104 0.38 -10.18 -36.59
CA GLU A 104 0.98 -10.13 -37.93
C GLU A 104 0.75 -8.72 -38.51
N ALA A 105 -0.47 -8.24 -38.33
CA ALA A 105 -0.80 -6.86 -38.75
C ALA A 105 0.08 -5.82 -38.08
N VAL A 106 0.38 -6.02 -36.81
CA VAL A 106 1.13 -5.06 -36.06
C VAL A 106 2.59 -5.17 -36.51
N LEU A 107 3.14 -6.40 -36.56
CA LEU A 107 4.45 -6.62 -37.11
C LEU A 107 4.64 -5.94 -38.48
N ASP A 108 3.64 -6.06 -39.38
CA ASP A 108 3.67 -5.35 -40.67
C ASP A 108 3.85 -3.87 -40.46
N ILE A 109 3.17 -3.27 -39.46
CA ILE A 109 3.43 -1.86 -39.22
C ILE A 109 4.88 -1.64 -38.76
N ASN A 110 5.30 -2.40 -37.74
CA ASN A 110 6.70 -2.30 -37.24
C ASN A 110 7.69 -2.26 -38.39
N LYS A 111 7.62 -3.24 -39.31
CA LYS A 111 8.65 -3.42 -40.36
C LYS A 111 8.53 -2.31 -41.38
N SER A 112 7.30 -1.91 -41.67
CA SER A 112 7.16 -0.76 -42.50
C SER A 112 7.79 0.53 -41.89
N TYR A 113 7.68 0.74 -40.57
CA TYR A 113 8.29 1.94 -39.98
C TYR A 113 9.79 1.82 -39.96
N GLU A 114 10.24 0.59 -39.68
CA GLU A 114 11.66 0.32 -39.65
C GLU A 114 12.20 0.65 -41.06
N GLY A 115 11.43 0.27 -42.08
CA GLY A 115 11.85 0.47 -43.46
C GLY A 115 11.98 1.95 -43.71
N MET A 116 10.97 2.75 -43.32
CA MET A 116 11.07 4.23 -43.50
C MET A 116 12.30 4.88 -42.86
N PHE A 117 12.65 4.47 -41.67
CA PHE A 117 13.89 4.94 -41.03
C PHE A 117 15.11 4.66 -41.88
N ASN A 118 15.20 3.45 -42.43
CA ASN A 118 16.31 3.14 -43.35
C ASN A 118 16.34 4.03 -44.59
N ASP A 119 15.18 4.38 -45.14
CA ASP A 119 15.07 5.18 -46.38
C ASP A 119 15.10 6.68 -46.29
N THR A 120 15.02 7.26 -45.12
CA THR A 120 14.72 8.68 -45.10
C THR A 120 15.92 9.41 -44.61
N GLU A 121 16.47 10.21 -45.52
CA GLU A 121 17.62 11.03 -45.19
C GLU A 121 17.21 11.94 -44.00
N GLY A 122 18.06 12.00 -42.98
CA GLY A 122 17.88 12.94 -41.89
C GLY A 122 16.99 12.40 -40.78
N LEU A 123 16.49 11.17 -40.92
CA LEU A 123 15.61 10.56 -39.89
C LEU A 123 16.20 9.18 -39.56
N ASP A 124 16.89 9.10 -38.41
CA ASP A 124 17.65 7.92 -38.08
C ASP A 124 16.99 7.28 -36.82
N PHE A 125 16.93 5.98 -36.80
CA PHE A 125 16.40 5.26 -35.64
C PHE A 125 17.51 4.63 -34.82
N PHE A 126 17.46 4.80 -33.52
CA PHE A 126 18.43 4.16 -32.67
C PHE A 126 17.59 3.37 -31.66
N LEU A 127 18.05 2.14 -31.47
CA LEU A 127 17.51 1.19 -30.52
C LEU A 127 18.18 1.24 -29.16
N GLY A 128 17.36 1.38 -28.11
CA GLY A 128 17.89 1.41 -26.77
C GLY A 128 17.03 2.34 -25.92
N TRP A 129 17.53 2.63 -24.75
CA TRP A 129 16.81 3.42 -23.80
C TRP A 129 17.42 4.79 -23.81
N GLY A 130 16.64 5.82 -24.01
CA GLY A 130 17.28 7.16 -24.09
C GLY A 130 17.11 7.81 -22.76
N SER A 131 18.11 8.58 -22.33
CA SER A 131 17.97 9.44 -21.24
C SER A 131 18.79 10.67 -21.44
N LEU A 132 18.56 11.60 -20.55
CA LEU A 132 19.22 12.91 -20.68
C LEU A 132 20.51 12.96 -19.89
N GLU A 133 21.62 13.18 -20.59
CA GLU A 133 22.90 13.24 -19.88
C GLU A 133 23.08 14.68 -19.54
N SER A 134 22.91 15.55 -20.55
CA SER A 134 22.85 17.00 -20.39
C SER A 134 21.89 17.62 -21.44
N LYS A 135 21.75 18.94 -21.36
CA LYS A 135 20.98 19.81 -22.27
C LYS A 135 21.10 19.39 -23.72
N ASN A 136 22.28 18.95 -24.12
CA ASN A 136 22.52 18.68 -25.51
C ASN A 136 23.01 17.27 -25.82
N VAL A 137 22.83 16.33 -24.90
CA VAL A 137 23.33 14.94 -25.18
C VAL A 137 22.30 13.98 -24.68
N VAL A 138 21.84 13.14 -25.56
CA VAL A 138 20.96 12.10 -25.11
C VAL A 138 21.83 10.84 -25.18
N VAL A 139 21.76 10.00 -24.14
CA VAL A 139 22.59 8.80 -24.13
C VAL A 139 21.57 7.73 -24.37
N VAL A 140 21.99 6.70 -25.11
CA VAL A 140 21.17 5.54 -25.41
C VAL A 140 21.83 4.34 -24.76
N ARG A 141 21.12 3.69 -23.84
CA ARG A 141 21.70 2.63 -23.06
C ARG A 141 21.06 1.30 -23.39
N GLU A 142 21.67 0.23 -22.94
CA GLU A 142 21.11 -1.09 -23.22
C GLU A 142 19.81 -1.41 -22.50
N THR A 143 19.59 -0.83 -21.33
CA THR A 143 18.34 -1.06 -20.55
C THR A 143 18.00 0.25 -19.89
N ALA A 144 16.83 0.27 -19.24
CA ALA A 144 16.35 1.39 -18.41
C ALA A 144 17.21 1.72 -17.19
N ASP A 145 18.03 0.78 -16.74
CA ASP A 145 19.02 1.05 -15.69
C ASP A 145 20.06 2.11 -16.15
N PRO A 146 20.16 3.26 -15.47
CA PRO A 146 21.19 4.16 -16.03
C PRO A 146 22.62 3.66 -15.81
N LYS A 147 22.83 2.47 -15.24
CA LYS A 147 24.20 1.95 -15.16
C LYS A 147 24.43 0.97 -16.29
N SER A 148 23.42 0.72 -17.12
CA SER A 148 23.60 -0.19 -18.23
C SER A 148 24.57 0.40 -19.27
N ALA A 149 25.06 -0.44 -20.19
CA ALA A 149 26.07 0.02 -21.14
C ALA A 149 25.56 1.11 -22.12
N VAL A 150 26.39 2.08 -22.48
CA VAL A 150 26.06 3.05 -23.53
C VAL A 150 26.22 2.42 -24.93
N LYS A 151 25.15 2.45 -25.70
CA LYS A 151 25.21 2.08 -27.08
C LYS A 151 25.56 3.29 -27.95
N GLU A 152 25.08 4.46 -27.59
CA GLU A 152 25.24 5.61 -28.44
C GLU A 152 25.08 6.82 -27.53
N ARG A 153 25.68 7.91 -28.00
CA ARG A 153 25.48 9.22 -27.44
C ARG A 153 25.01 10.07 -28.56
N LEU A 154 23.92 10.79 -28.35
CA LEU A 154 23.36 11.56 -29.51
C LEU A 154 23.37 13.02 -29.15
N GLN A 155 24.19 13.80 -29.82
CA GLN A 155 24.18 15.23 -29.52
C GLN A 155 22.94 15.82 -30.13
N ALA A 156 22.32 16.79 -29.46
CA ALA A 156 21.06 17.33 -29.91
C ALA A 156 20.99 18.82 -29.60
N ASP A 157 20.58 19.63 -30.57
CA ASP A 157 20.21 21.01 -30.27
C ASP A 157 18.93 21.09 -29.50
N HIS A 158 18.02 20.20 -29.85
CA HIS A 158 16.65 20.21 -29.36
C HIS A 158 16.35 18.78 -28.98
N ILE A 159 15.76 18.61 -27.83
CA ILE A 159 15.37 17.27 -27.39
C ILE A 159 13.89 17.20 -27.17
N LEU A 160 13.29 16.21 -27.77
CA LEU A 160 11.89 15.93 -27.54
C LEU A 160 11.62 14.73 -26.65
N LEU A 161 10.95 14.95 -25.53
CA LEU A 161 10.59 13.83 -24.64
C LEU A 161 9.24 13.35 -25.11
N ALA A 162 9.12 12.08 -25.54
CA ALA A 162 7.89 11.57 -26.11
C ALA A 162 7.74 10.12 -25.77
N THR A 163 7.95 9.84 -24.49
CA THR A 163 8.02 8.45 -24.02
C THR A 163 6.68 7.85 -23.62
N GLY A 164 5.59 8.59 -23.74
CA GLY A 164 4.27 8.03 -23.54
C GLY A 164 3.99 7.73 -22.08
N SER A 165 3.20 6.70 -21.87
CA SER A 165 2.74 6.36 -20.52
C SER A 165 2.80 4.83 -20.27
N TRP A 166 2.46 4.41 -19.07
CA TRP A 166 2.60 3.01 -18.70
C TRP A 166 1.45 2.67 -17.78
N PRO A 167 1.03 1.39 -17.76
CA PRO A 167 -0.11 1.07 -16.88
C PRO A 167 0.27 1.24 -15.43
N GLN A 168 -0.65 1.81 -14.66
CA GLN A 168 -0.42 1.90 -13.24
C GLN A 168 -0.97 0.64 -12.56
N MET A 169 -0.15 0.06 -11.67
CA MET A 169 -0.47 -1.14 -10.88
C MET A 169 -0.69 -0.73 -9.39
N PRO A 170 -1.91 -0.91 -8.85
CA PRO A 170 -2.02 -0.51 -7.47
C PRO A 170 -1.22 -1.46 -6.55
N ALA A 171 -0.81 -0.95 -5.41
CA ALA A 171 0.15 -1.65 -4.58
C ALA A 171 -0.73 -2.46 -3.68
N ILE A 172 -1.30 -3.57 -4.16
CA ILE A 172 -2.12 -4.42 -3.28
C ILE A 172 -1.41 -5.75 -3.16
N PRO A 173 -1.62 -6.47 -2.04
CA PRO A 173 -1.10 -7.83 -1.90
C PRO A 173 -1.54 -8.70 -3.12
N GLY A 174 -0.57 -9.30 -3.80
CA GLY A 174 -0.86 -10.26 -4.87
C GLY A 174 -0.96 -9.61 -6.26
N ILE A 175 -0.40 -8.39 -6.32
CA ILE A 175 -0.48 -7.56 -7.50
C ILE A 175 0.22 -8.27 -8.62
N GLU A 176 1.21 -9.06 -8.23
CA GLU A 176 1.97 -9.82 -9.17
C GLU A 176 1.17 -10.91 -9.86
N HIS A 177 -0.02 -11.24 -9.34
CA HIS A 177 -0.90 -12.19 -10.03
C HIS A 177 -1.75 -11.49 -11.12
N CYS A 178 -1.66 -10.15 -11.21
CA CYS A 178 -2.48 -9.36 -12.15
C CYS A 178 -1.66 -8.94 -13.34
N ILE A 179 -2.36 -8.63 -14.41
CA ILE A 179 -1.74 -8.21 -15.63
C ILE A 179 -2.26 -6.83 -15.95
N SER A 180 -1.73 -6.25 -17.03
CA SER A 180 -2.25 -4.95 -17.47
C SER A 180 -2.74 -5.20 -18.87
N SER A 181 -3.24 -4.18 -19.55
CA SER A 181 -3.50 -4.28 -20.98
C SER A 181 -2.34 -4.80 -21.82
N ASN A 182 -1.06 -4.48 -21.48
CA ASN A 182 0.07 -5.00 -22.28
C ASN A 182 -0.01 -6.50 -22.43
N GLU A 183 -0.19 -7.17 -21.31
CA GLU A 183 -0.13 -8.62 -21.30
C GLU A 183 -1.39 -9.17 -21.92
N ALA A 184 -2.49 -8.44 -21.77
CA ALA A 184 -3.79 -8.85 -22.37
C ALA A 184 -3.67 -9.16 -23.88
N PHE A 185 -2.85 -8.41 -24.59
CA PHE A 185 -2.69 -8.50 -26.00
C PHE A 185 -2.06 -9.82 -26.39
N TYR A 186 -1.40 -10.49 -25.46
CA TYR A 186 -0.62 -11.68 -25.79
C TYR A 186 -1.11 -12.94 -25.01
N LEU A 187 -2.23 -12.82 -24.31
CA LEU A 187 -2.77 -13.99 -23.62
C LEU A 187 -2.82 -15.17 -24.59
N PRO A 188 -2.28 -16.30 -24.18
CA PRO A 188 -2.16 -17.49 -25.01
C PRO A 188 -3.55 -18.09 -25.23
N GLU A 189 -4.43 -17.89 -24.27
CA GLU A 189 -5.78 -18.38 -24.33
C GLU A 189 -6.71 -17.31 -23.83
N PRO A 190 -7.94 -17.28 -24.35
CA PRO A 190 -8.86 -16.25 -23.84
C PRO A 190 -9.36 -16.74 -22.45
N PRO A 191 -9.46 -15.86 -21.44
CA PRO A 191 -9.79 -16.40 -20.09
C PRO A 191 -11.26 -16.74 -20.01
N ARG A 192 -11.52 -17.90 -19.39
CA ARG A 192 -12.90 -18.28 -19.04
C ARG A 192 -13.48 -17.20 -18.16
N ARG A 193 -12.80 -16.86 -17.07
CA ARG A 193 -13.25 -15.81 -16.19
C ARG A 193 -12.25 -14.71 -16.12
N VAL A 194 -12.69 -13.47 -16.32
CA VAL A 194 -11.72 -12.37 -16.25
C VAL A 194 -12.38 -11.30 -15.44
N LEU A 195 -11.58 -10.69 -14.57
CA LEU A 195 -11.97 -9.45 -13.93
C LEU A 195 -11.22 -8.27 -14.63
N THR A 196 -11.91 -7.27 -15.20
CA THR A 196 -11.16 -6.02 -15.57
C THR A 196 -11.41 -4.98 -14.52
N VAL A 197 -10.32 -4.38 -14.02
CA VAL A 197 -10.39 -3.45 -12.91
C VAL A 197 -10.21 -2.02 -13.43
N GLY A 198 -11.22 -1.20 -13.28
CA GLY A 198 -11.11 0.20 -13.76
C GLY A 198 -12.39 0.50 -14.46
N GLY A 199 -12.79 1.76 -14.37
CA GLY A 199 -14.02 2.25 -15.02
C GLY A 199 -13.81 3.01 -16.33
N GLY A 200 -12.56 3.14 -16.78
CA GLY A 200 -12.24 3.92 -17.99
C GLY A 200 -12.30 3.10 -19.27
N PHE A 201 -11.92 3.68 -20.40
CA PHE A 201 -12.19 3.05 -21.69
C PHE A 201 -11.43 1.74 -21.87
N ILE A 202 -10.23 1.64 -21.31
CA ILE A 202 -9.42 0.43 -21.56
C ILE A 202 -10.08 -0.80 -20.92
N SER A 203 -10.59 -0.60 -19.70
CA SER A 203 -11.20 -1.71 -18.96
C SER A 203 -12.50 -2.10 -19.71
N VAL A 204 -13.29 -1.08 -20.02
CA VAL A 204 -14.54 -1.23 -20.77
C VAL A 204 -14.34 -1.92 -22.12
N GLU A 205 -13.32 -1.51 -22.87
CA GLU A 205 -13.08 -2.05 -24.17
C GLU A 205 -12.61 -3.45 -24.04
N PHE A 206 -11.66 -3.71 -23.12
CA PHE A 206 -11.24 -5.05 -22.90
C PHE A 206 -12.33 -5.94 -22.39
N ALA A 207 -13.26 -5.39 -21.58
CA ALA A 207 -14.40 -6.21 -21.10
C ALA A 207 -15.15 -6.80 -22.26
N GLY A 208 -15.44 -5.95 -23.24
CA GLY A 208 -16.24 -6.40 -24.35
C GLY A 208 -15.43 -7.31 -25.26
N ILE A 209 -14.14 -7.13 -25.34
CA ILE A 209 -13.31 -8.09 -26.12
C ILE A 209 -13.39 -9.51 -25.49
N PHE A 210 -13.15 -9.55 -24.17
CA PHE A 210 -13.06 -10.85 -23.43
C PHE A 210 -14.42 -11.52 -23.43
N ASN A 211 -15.46 -10.72 -23.37
CA ASN A 211 -16.83 -11.22 -23.42
C ASN A 211 -17.12 -12.01 -24.68
N ALA A 212 -16.58 -11.59 -25.80
CA ALA A 212 -16.94 -12.17 -27.07
C ALA A 212 -16.13 -13.42 -27.31
N TYR A 213 -14.93 -13.48 -26.74
CA TYR A 213 -14.00 -14.55 -26.99
C TYR A 213 -13.87 -15.54 -25.81
N LYS A 214 -14.54 -15.28 -24.71
CA LYS A 214 -14.53 -16.20 -23.55
C LYS A 214 -14.98 -17.62 -24.00
N PRO A 215 -14.27 -18.62 -23.52
CA PRO A 215 -14.67 -19.99 -23.91
C PRO A 215 -16.03 -20.33 -23.26
N PRO A 216 -16.57 -21.50 -23.55
CA PRO A 216 -17.84 -21.85 -22.97
C PRO A 216 -17.87 -21.68 -21.45
N GLY A 217 -18.97 -21.11 -20.94
CA GLY A 217 -19.19 -21.05 -19.51
C GLY A 217 -18.39 -19.96 -18.87
N GLY A 218 -17.93 -19.02 -19.68
CA GLY A 218 -17.11 -17.97 -19.21
C GLY A 218 -17.93 -16.83 -18.67
N LYS A 219 -17.25 -15.95 -17.98
CA LYS A 219 -17.87 -14.74 -17.50
C LYS A 219 -16.84 -13.59 -17.41
N VAL A 220 -17.25 -12.39 -17.86
CA VAL A 220 -16.39 -11.23 -17.71
C VAL A 220 -17.00 -10.36 -16.67
N THR A 221 -16.19 -9.92 -15.73
CA THR A 221 -16.68 -8.98 -14.72
C THR A 221 -15.82 -7.73 -14.78
N LEU A 222 -16.43 -6.57 -14.66
CA LEU A 222 -15.66 -5.30 -14.66
C LEU A 222 -15.93 -4.73 -13.29
N CYS A 223 -14.92 -4.31 -12.57
CA CYS A 223 -15.21 -3.66 -11.33
C CYS A 223 -14.73 -2.25 -11.41
N TYR A 224 -15.36 -1.34 -10.70
CA TYR A 224 -14.79 -0.01 -10.64
C TYR A 224 -15.07 0.63 -9.30
N ARG A 225 -14.10 1.34 -8.75
CA ARG A 225 -14.23 1.71 -7.35
C ARG A 225 -15.29 2.76 -7.06
N ASN A 226 -15.70 3.51 -8.06
CA ASN A 226 -16.74 4.51 -7.81
C ASN A 226 -18.03 4.03 -8.38
N ASN A 227 -18.94 4.97 -8.53
CA ASN A 227 -20.28 4.53 -8.64
C ASN A 227 -20.80 4.28 -10.03
N LEU A 228 -20.19 4.92 -11.00
CA LEU A 228 -20.60 4.71 -12.36
C LEU A 228 -19.35 4.83 -13.26
N ILE A 229 -19.24 3.89 -14.20
CA ILE A 229 -18.10 3.86 -15.07
C ILE A 229 -17.98 5.07 -16.00
N LEU A 230 -16.80 5.18 -16.55
CA LEU A 230 -16.47 6.18 -17.59
C LEU A 230 -16.65 7.60 -17.13
N ARG A 231 -16.08 7.98 -15.97
CA ARG A 231 -16.18 9.39 -15.52
C ARG A 231 -15.53 10.21 -16.69
N GLY A 232 -15.96 11.45 -16.86
CA GLY A 232 -15.44 12.20 -17.96
C GLY A 232 -16.38 12.13 -19.14
N PHE A 233 -17.10 11.02 -19.33
CA PHE A 233 -18.05 10.96 -20.44
C PHE A 233 -19.42 11.45 -20.01
N ASP A 234 -20.28 11.64 -21.01
CA ASP A 234 -21.63 12.11 -20.81
C ASP A 234 -22.34 11.17 -19.87
N GLU A 235 -23.02 11.75 -18.87
CA GLU A 235 -23.66 10.93 -17.88
C GLU A 235 -24.75 9.97 -18.46
N THR A 236 -25.63 10.43 -19.36
CA THR A 236 -26.62 9.53 -19.89
C THR A 236 -25.90 8.36 -20.57
N ILE A 237 -24.87 8.72 -21.34
CA ILE A 237 -24.03 7.74 -22.02
C ILE A 237 -23.37 6.74 -21.05
N ARG A 238 -22.87 7.23 -19.94
CA ARG A 238 -22.30 6.32 -18.91
C ARG A 238 -23.35 5.32 -18.43
N GLU A 239 -24.52 5.79 -17.99
CA GLU A 239 -25.65 4.95 -17.61
C GLU A 239 -26.05 4.00 -18.72
N GLU A 240 -26.18 4.50 -19.93
CA GLU A 240 -26.60 3.61 -21.03
C GLU A 240 -25.56 2.55 -21.30
N VAL A 241 -24.29 2.90 -21.29
CA VAL A 241 -23.33 1.94 -21.81
C VAL A 241 -23.15 0.84 -20.71
N THR A 242 -23.23 1.26 -19.45
CA THR A 242 -23.45 0.34 -18.32
C THR A 242 -24.58 -0.66 -18.61
N LYS A 243 -25.78 -0.16 -18.99
CA LYS A 243 -26.91 -1.04 -19.34
C LYS A 243 -26.57 -2.01 -20.47
N GLN A 244 -25.85 -1.52 -21.46
CA GLN A 244 -25.67 -2.33 -22.65
C GLN A 244 -24.58 -3.34 -22.45
N LEU A 245 -23.60 -3.00 -21.62
CA LEU A 245 -22.57 -3.99 -21.29
C LEU A 245 -23.21 -5.16 -20.52
N THR A 246 -24.00 -4.80 -19.51
CA THR A 246 -24.84 -5.76 -18.74
C THR A 246 -25.75 -6.62 -19.62
N ALA A 247 -26.56 -6.01 -20.46
CA ALA A 247 -27.43 -6.74 -21.39
C ALA A 247 -26.59 -7.73 -22.20
N ASN A 248 -25.31 -7.46 -22.38
CA ASN A 248 -24.51 -8.38 -23.20
C ASN A 248 -23.68 -9.37 -22.36
N GLY A 249 -24.04 -9.49 -21.07
CA GLY A 249 -23.50 -10.56 -20.22
C GLY A 249 -22.32 -10.20 -19.36
N ILE A 250 -21.95 -8.93 -19.33
CA ILE A 250 -20.81 -8.47 -18.48
C ILE A 250 -21.37 -8.04 -17.14
N GLU A 251 -20.79 -8.57 -16.08
CA GLU A 251 -21.15 -8.17 -14.74
C GLU A 251 -20.34 -6.93 -14.46
N ILE A 252 -21.03 -5.86 -14.07
CA ILE A 252 -20.38 -4.62 -13.73
C ILE A 252 -20.55 -4.43 -12.23
N MET A 253 -19.44 -4.43 -11.53
CA MET A 253 -19.45 -4.23 -10.11
C MET A 253 -18.97 -2.84 -9.87
N THR A 254 -19.85 -1.92 -9.55
CA THR A 254 -19.46 -0.61 -9.11
C THR A 254 -19.30 -0.53 -7.58
N ASN A 255 -18.60 0.51 -7.13
CA ASN A 255 -18.31 0.74 -5.73
C ASN A 255 -17.52 -0.41 -5.13
N GLU A 256 -16.73 -1.07 -5.98
CA GLU A 256 -15.94 -2.21 -5.58
C GLU A 256 -14.50 -2.00 -6.03
N ASN A 257 -13.59 -2.47 -5.17
CA ASN A 257 -12.17 -2.34 -5.42
C ASN A 257 -11.38 -3.53 -4.87
N PRO A 258 -10.49 -4.11 -5.70
CA PRO A 258 -9.77 -5.26 -5.18
C PRO A 258 -8.80 -4.86 -4.04
N ALA A 259 -8.89 -5.57 -2.93
CA ALA A 259 -7.97 -5.33 -1.81
C ALA A 259 -6.81 -6.28 -1.89
N LYS A 260 -7.09 -7.47 -2.39
CA LYS A 260 -6.01 -8.44 -2.52
C LYS A 260 -6.30 -9.50 -3.52
N VAL A 261 -5.26 -10.13 -4.03
CA VAL A 261 -5.38 -11.28 -4.94
C VAL A 261 -4.48 -12.40 -4.41
N SER A 262 -5.00 -13.63 -4.40
CA SER A 262 -4.16 -14.80 -4.06
C SER A 262 -4.52 -15.89 -5.03
N LEU A 263 -3.72 -16.93 -5.04
CA LEU A 263 -3.92 -17.99 -5.99
C LEU A 263 -4.62 -19.09 -5.24
N ASN A 264 -5.69 -19.55 -5.82
CA ASN A 264 -6.27 -20.77 -5.39
C ASN A 264 -5.36 -21.94 -5.65
N THR A 265 -5.71 -23.04 -5.02
CA THR A 265 -4.89 -24.24 -5.14
C THR A 265 -4.84 -24.71 -6.58
N ASP A 266 -5.89 -24.49 -7.36
CA ASP A 266 -5.81 -24.77 -8.78
C ASP A 266 -5.13 -23.69 -9.58
N GLY A 267 -4.70 -22.59 -8.97
CA GLY A 267 -3.92 -21.65 -9.73
C GLY A 267 -4.78 -20.51 -10.25
N SER A 268 -6.11 -20.59 -10.05
CA SER A 268 -6.97 -19.47 -10.43
C SER A 268 -6.75 -18.34 -9.44
N LYS A 269 -7.18 -17.14 -9.79
CA LYS A 269 -6.98 -16.03 -8.88
C LYS A 269 -8.18 -15.79 -8.00
N HIS A 270 -7.93 -15.59 -6.72
CA HIS A 270 -9.00 -15.29 -5.78
C HIS A 270 -8.84 -13.86 -5.38
N VAL A 271 -9.86 -13.08 -5.58
CA VAL A 271 -9.74 -11.66 -5.47
C VAL A 271 -10.69 -11.36 -4.34
N THR A 272 -10.18 -10.62 -3.38
CA THR A 272 -10.99 -10.11 -2.31
C THR A 272 -11.09 -8.65 -2.51
N PHE A 273 -12.31 -8.15 -2.59
CA PHE A 273 -12.53 -6.71 -2.57
C PHE A 273 -12.51 -6.18 -1.16
N GLU A 274 -12.42 -4.85 -1.10
CA GLU A 274 -12.52 -4.09 0.11
C GLU A 274 -13.75 -4.39 0.87
N SER A 275 -14.83 -4.67 0.15
CA SER A 275 -16.08 -4.93 0.80
C SER A 275 -16.05 -6.32 1.42
N GLY A 276 -15.06 -7.15 1.08
CA GLY A 276 -15.04 -8.54 1.53
C GLY A 276 -15.78 -9.47 0.60
N LYS A 277 -16.38 -8.93 -0.46
CA LYS A 277 -16.85 -9.78 -1.52
C LYS A 277 -15.65 -10.49 -2.11
N THR A 278 -15.84 -11.65 -2.72
CA THR A 278 -14.77 -12.32 -3.38
C THR A 278 -15.11 -12.70 -4.78
N LEU A 279 -14.08 -12.94 -5.56
CA LEU A 279 -14.32 -13.41 -6.89
C LEU A 279 -13.17 -14.22 -7.34
N ASP A 280 -13.49 -15.34 -7.96
CA ASP A 280 -12.47 -16.20 -8.50
C ASP A 280 -12.43 -15.97 -9.98
N VAL A 281 -11.29 -15.56 -10.47
CA VAL A 281 -11.08 -15.54 -11.91
C VAL A 281 -9.79 -16.22 -12.43
N ASP A 282 -9.73 -16.27 -13.76
CA ASP A 282 -8.55 -16.71 -14.45
C ASP A 282 -7.57 -15.59 -14.74
N VAL A 283 -8.07 -14.37 -14.96
CA VAL A 283 -7.23 -13.23 -15.21
C VAL A 283 -7.79 -12.05 -14.50
N VAL A 284 -6.91 -11.30 -13.84
CA VAL A 284 -7.23 -9.98 -13.30
C VAL A 284 -6.45 -8.97 -14.17
N MET A 285 -7.17 -8.20 -14.95
CA MET A 285 -6.49 -7.12 -15.71
C MET A 285 -6.74 -5.81 -15.03
N MET A 286 -5.69 -5.23 -14.50
CA MET A 286 -5.72 -3.86 -13.95
C MET A 286 -5.73 -2.86 -15.11
N ALA A 287 -6.72 -1.98 -15.12
CA ALA A 287 -6.75 -0.88 -16.09
C ALA A 287 -7.26 0.31 -15.33
N ILE A 288 -6.54 0.65 -14.27
CA ILE A 288 -7.02 1.73 -13.41
C ILE A 288 -6.41 3.09 -13.75
N GLY A 289 -5.60 3.16 -14.81
CA GLY A 289 -4.97 4.44 -15.07
C GLY A 289 -3.67 4.14 -15.77
N ARG A 290 -3.13 5.16 -16.42
CA ARG A 290 -1.79 5.04 -17.02
C ARG A 290 -0.92 6.22 -16.56
N ILE A 291 0.30 5.97 -16.20
CA ILE A 291 1.09 7.07 -15.64
C ILE A 291 2.17 7.50 -16.68
N PRO A 292 2.53 8.80 -16.69
CA PRO A 292 3.59 9.27 -17.64
C PRO A 292 4.93 8.52 -17.39
N ARG A 293 5.65 8.18 -18.46
CA ARG A 293 6.86 7.42 -18.28
C ARG A 293 8.04 8.38 -18.24
N THR A 294 8.35 8.89 -17.06
CA THR A 294 9.36 9.90 -16.89
C THR A 294 10.56 9.34 -16.12
N ASN A 295 10.41 8.23 -15.43
CA ASN A 295 11.45 7.73 -14.52
C ASN A 295 12.78 7.44 -15.17
N ASP A 296 12.73 6.89 -16.36
CA ASP A 296 13.92 6.40 -16.99
C ASP A 296 14.70 7.47 -17.78
N LEU A 297 14.15 8.70 -17.89
CA LEU A 297 14.79 9.74 -18.70
C LEU A 297 15.92 10.41 -17.96
N GLN A 298 16.10 10.08 -16.70
CA GLN A 298 17.10 10.81 -15.87
C GLN A 298 16.91 12.31 -15.95
N LEU A 299 15.68 12.73 -15.75
CA LEU A 299 15.37 14.14 -15.84
C LEU A 299 16.09 15.09 -14.87
N GLY A 300 16.48 14.55 -13.70
CA GLY A 300 17.22 15.29 -12.69
C GLY A 300 18.57 15.73 -13.25
N ASN A 301 19.16 14.97 -14.17
CA ASN A 301 20.40 15.43 -14.81
C ASN A 301 20.37 16.79 -15.42
N VAL A 302 19.21 17.24 -15.91
CA VAL A 302 19.11 18.56 -16.54
C VAL A 302 18.09 19.47 -15.87
N GLY A 303 17.40 18.98 -14.84
CA GLY A 303 16.41 19.73 -14.09
C GLY A 303 15.05 19.97 -14.75
N VAL A 304 14.64 19.08 -15.68
CA VAL A 304 13.28 19.26 -16.26
C VAL A 304 12.23 19.07 -15.18
N LYS A 305 11.33 20.02 -14.99
CA LYS A 305 10.35 19.99 -13.92
C LYS A 305 9.15 19.11 -14.28
N LEU A 306 8.62 18.44 -13.27
CA LEU A 306 7.48 17.54 -13.40
C LEU A 306 6.38 18.27 -12.69
N THR A 307 5.14 18.18 -13.18
CA THR A 307 4.00 18.78 -12.46
C THR A 307 3.78 17.98 -11.17
N PRO A 308 2.94 18.51 -10.26
CA PRO A 308 2.55 17.73 -9.08
C PRO A 308 2.07 16.35 -9.46
N LYS A 309 1.33 16.21 -10.56
CA LYS A 309 0.80 14.90 -10.89
C LYS A 309 1.84 13.92 -11.44
N GLY A 310 2.96 14.43 -11.98
CA GLY A 310 4.09 13.57 -12.40
C GLY A 310 4.34 13.66 -13.89
N GLY A 311 3.48 14.41 -14.59
CA GLY A 311 3.69 14.64 -16.00
C GLY A 311 4.84 15.63 -16.17
N VAL A 312 5.47 15.66 -17.35
CA VAL A 312 6.49 16.71 -17.67
C VAL A 312 5.75 18.00 -17.87
N GLN A 313 6.08 18.99 -17.05
CA GLN A 313 5.42 20.27 -17.16
C GLN A 313 5.77 20.97 -18.48
N VAL A 314 4.74 21.42 -19.19
CA VAL A 314 4.95 22.13 -20.46
C VAL A 314 4.08 23.37 -20.53
N ASP A 315 4.55 24.34 -21.27
CA ASP A 315 3.71 25.49 -21.57
C ASP A 315 2.86 25.11 -22.80
N GLU A 316 2.10 26.05 -23.32
CA GLU A 316 1.24 25.76 -24.47
C GLU A 316 2.00 25.33 -25.70
N PHE A 317 3.29 25.72 -25.79
CA PHE A 317 4.16 25.36 -26.90
C PHE A 317 4.98 24.11 -26.62
N SER A 318 4.54 23.30 -25.62
CA SER A 318 5.17 22.05 -25.29
C SER A 318 6.59 22.25 -24.76
N ARG A 319 6.94 23.47 -24.29
CA ARG A 319 8.31 23.64 -23.79
C ARG A 319 8.39 23.30 -22.37
N THR A 320 9.43 22.59 -21.99
CA THR A 320 9.72 22.41 -20.57
C THR A 320 10.43 23.67 -20.04
N ASN A 321 10.81 23.64 -18.76
CA ASN A 321 11.56 24.75 -18.15
C ASN A 321 13.00 24.82 -18.68
N VAL A 322 13.46 23.79 -19.38
CA VAL A 322 14.77 23.81 -20.03
C VAL A 322 14.56 24.21 -21.53
N PRO A 323 15.01 25.41 -21.96
CA PRO A 323 14.66 26.03 -23.29
C PRO A 323 14.39 25.13 -24.57
N ASN A 324 15.29 24.18 -24.76
CA ASN A 324 15.42 23.40 -26.01
C ASN A 324 15.02 21.95 -25.79
N ILE A 325 14.38 21.71 -24.65
CA ILE A 325 13.86 20.40 -24.36
C ILE A 325 12.34 20.47 -24.30
N TYR A 326 11.68 19.63 -25.06
CA TYR A 326 10.20 19.70 -25.16
C TYR A 326 9.58 18.36 -24.74
N ALA A 327 8.31 18.36 -24.43
CA ALA A 327 7.56 17.13 -24.12
C ALA A 327 6.20 17.22 -24.80
N ILE A 328 5.80 16.12 -25.42
CA ILE A 328 4.45 16.03 -26.09
C ILE A 328 3.88 14.63 -25.74
N GLY A 329 2.59 14.43 -26.02
CA GLY A 329 1.98 13.13 -25.82
C GLY A 329 1.73 12.80 -24.36
N ASP A 330 1.66 11.51 -24.05
CA ASP A 330 1.17 11.07 -22.74
C ASP A 330 2.11 11.42 -21.63
N ILE A 331 3.36 11.69 -21.95
CA ILE A 331 4.33 12.06 -20.90
C ILE A 331 3.89 13.40 -20.28
N THR A 332 3.03 14.15 -20.95
CA THR A 332 2.55 15.39 -20.30
C THR A 332 1.31 15.17 -19.42
N ASP A 333 0.79 13.95 -19.38
CA ASP A 333 -0.29 13.58 -18.47
C ASP A 333 -1.47 14.50 -18.55
N ARG A 334 -1.96 14.67 -19.75
CA ARG A 334 -3.10 15.54 -20.00
CA ARG A 334 -3.08 15.54 -19.98
C ARG A 334 -4.10 14.68 -20.72
N LEU A 335 -4.23 14.89 -22.02
CA LEU A 335 -5.16 14.14 -22.81
C LEU A 335 -4.35 13.02 -23.43
N MET A 336 -4.67 11.77 -23.11
CA MET A 336 -3.84 10.67 -23.54
C MET A 336 -4.50 10.02 -24.75
N LEU A 337 -4.32 10.66 -25.91
CA LEU A 337 -4.83 10.20 -27.21
C LEU A 337 -3.76 10.37 -28.25
N THR A 338 -3.64 9.40 -29.14
CA THR A 338 -2.68 9.45 -30.16
C THR A 338 -2.81 10.71 -31.06
N PRO A 339 -4.03 11.03 -31.54
CA PRO A 339 -3.91 12.16 -32.46
C PRO A 339 -3.65 13.51 -31.75
N VAL A 340 -3.80 13.61 -30.43
CA VAL A 340 -3.40 14.85 -29.79
C VAL A 340 -1.86 14.86 -29.72
N ALA A 341 -1.25 13.72 -29.34
CA ALA A 341 0.24 13.58 -29.43
C ALA A 341 0.80 13.99 -30.82
N ILE A 342 0.17 13.49 -31.87
CA ILE A 342 0.50 13.82 -33.23
C ILE A 342 0.35 15.33 -33.53
N ASN A 343 -0.75 15.95 -33.09
CA ASN A 343 -0.95 17.37 -33.30
C ASN A 343 0.12 18.15 -32.54
N GLU A 344 0.45 17.70 -31.31
CA GLU A 344 1.48 18.36 -30.51
C GLU A 344 2.78 18.31 -31.28
N GLY A 345 3.11 17.13 -31.77
CA GLY A 345 4.35 16.89 -32.42
C GLY A 345 4.47 17.82 -33.58
N ALA A 346 3.46 17.78 -34.48
CA ALA A 346 3.38 18.63 -35.60
C ALA A 346 3.50 20.09 -35.27
N ALA A 347 2.80 20.57 -34.25
CA ALA A 347 2.82 22.00 -33.88
C ALA A 347 4.20 22.44 -33.44
N LEU A 348 4.84 21.58 -32.65
CA LEU A 348 6.13 21.86 -32.07
C LEU A 348 7.18 22.12 -33.16
N VAL A 349 7.24 21.26 -34.13
CA VAL A 349 8.20 21.26 -35.20
C VAL A 349 7.96 22.43 -36.15
N ASP A 350 6.71 22.73 -36.49
CA ASP A 350 6.33 23.96 -37.25
C ASP A 350 6.83 25.15 -36.46
N THR A 351 6.62 25.15 -35.14
CA THR A 351 7.05 26.28 -34.32
C THR A 351 8.56 26.45 -34.30
N VAL A 352 9.26 25.34 -34.01
CA VAL A 352 10.68 25.32 -33.74
C VAL A 352 11.53 25.39 -35.01
N PHE A 353 11.12 24.62 -36.03
CA PHE A 353 11.86 24.46 -37.23
C PHE A 353 11.23 25.12 -38.40
N GLY A 354 9.95 25.45 -38.32
CA GLY A 354 9.30 25.97 -39.52
C GLY A 354 8.92 27.44 -39.42
N ASN A 355 9.44 28.16 -38.43
CA ASN A 355 8.95 29.52 -38.14
C ASN A 355 7.49 29.69 -38.58
N LYS A 356 6.62 28.97 -37.87
CA LYS A 356 5.18 28.97 -38.12
C LYS A 356 4.56 28.62 -36.78
N PRO A 357 4.61 29.53 -35.80
CA PRO A 357 4.31 29.06 -34.46
C PRO A 357 2.90 28.51 -34.39
N ARG A 358 2.68 27.51 -33.56
CA ARG A 358 1.35 27.00 -33.49
C ARG A 358 1.27 26.21 -32.22
N LYS A 359 0.14 26.34 -31.53
CA LYS A 359 -0.05 25.53 -30.35
C LYS A 359 -1.22 24.62 -30.63
N THR A 360 -1.13 23.41 -30.07
CA THR A 360 -2.23 22.51 -30.08
C THR A 360 -3.41 23.09 -29.30
N ASP A 361 -4.57 23.01 -29.94
CA ASP A 361 -5.83 23.26 -29.26
C ASP A 361 -6.30 22.01 -28.49
N HIS A 362 -6.45 22.12 -27.18
CA HIS A 362 -6.84 20.95 -26.36
C HIS A 362 -8.29 20.84 -26.12
N THR A 363 -9.08 21.73 -26.74
CA THR A 363 -10.49 21.85 -26.44
C THR A 363 -11.15 21.24 -27.67
N ARG A 364 -12.38 20.73 -27.50
CA ARG A 364 -13.16 20.35 -28.67
C ARG A 364 -12.44 19.26 -29.42
N VAL A 365 -11.70 18.42 -28.71
CA VAL A 365 -11.01 17.30 -29.32
C VAL A 365 -11.97 16.12 -29.36
N ALA A 366 -12.16 15.53 -30.54
CA ALA A 366 -13.04 14.41 -30.66
C ALA A 366 -12.36 13.09 -30.30
N SER A 367 -13.15 12.19 -29.70
CA SER A 367 -12.61 10.94 -29.31
C SER A 367 -13.70 9.90 -29.20
N ALA A 368 -13.25 8.66 -29.07
CA ALA A 368 -14.16 7.56 -29.16
C ALA A 368 -13.90 6.53 -28.04
N VAL A 369 -14.91 5.73 -27.69
CA VAL A 369 -14.64 4.58 -26.91
C VAL A 369 -15.26 3.44 -27.71
N PHE A 370 -14.46 2.42 -28.01
CA PHE A 370 -14.91 1.28 -28.77
C PHE A 370 -15.43 0.20 -27.89
N SER A 371 -16.29 0.64 -26.99
CA SER A 371 -17.21 -0.23 -26.30
C SER A 371 -18.16 -0.81 -27.33
N ILE A 372 -18.89 -1.86 -26.95
CA ILE A 372 -19.90 -2.34 -27.88
C ILE A 372 -21.24 -2.11 -27.21
N PRO A 373 -22.07 -1.17 -27.72
CA PRO A 373 -21.80 -0.24 -28.85
C PRO A 373 -20.86 0.93 -28.43
N PRO A 374 -20.27 1.64 -29.42
CA PRO A 374 -19.22 2.64 -29.11
C PRO A 374 -19.76 4.04 -28.76
N ILE A 375 -18.89 4.89 -28.17
CA ILE A 375 -19.16 6.28 -27.89
C ILE A 375 -18.29 7.10 -28.87
N GLY A 376 -18.85 8.18 -29.37
CA GLY A 376 -18.05 9.21 -30.06
C GLY A 376 -18.43 10.46 -29.33
N THR A 377 -17.48 11.29 -29.06
CA THR A 377 -17.73 12.45 -28.25
C THR A 377 -16.78 13.58 -28.64
N CYS A 378 -17.26 14.81 -28.52
CA CYS A 378 -16.40 15.91 -28.77
C CYS A 378 -16.89 17.08 -27.90
N GLY A 379 -16.03 17.61 -27.04
CA GLY A 379 -16.33 18.87 -26.37
C GLY A 379 -16.92 18.56 -25.04
N LEU A 380 -17.64 19.56 -24.48
CA LEU A 380 -17.94 19.55 -23.04
C LEU A 380 -19.12 18.65 -22.72
N ILE A 381 -19.04 17.97 -21.59
CA ILE A 381 -20.26 17.39 -21.00
C ILE A 381 -21.04 18.50 -20.33
N GLU A 382 -22.35 18.29 -20.19
CA GLU A 382 -23.25 19.32 -19.72
C GLU A 382 -22.98 19.84 -18.32
N GLU A 383 -22.65 18.95 -17.39
CA GLU A 383 -22.38 19.41 -16.03
C GLU A 383 -21.17 20.34 -15.99
N VAL A 384 -20.23 20.12 -16.89
CA VAL A 384 -19.06 20.96 -16.99
C VAL A 384 -19.49 22.28 -17.63
N ALA A 385 -20.17 22.21 -18.78
CA ALA A 385 -20.70 23.37 -19.44
C ALA A 385 -21.48 24.24 -18.46
N ALA A 386 -22.33 23.58 -17.66
CA ALA A 386 -23.22 24.26 -16.72
C ALA A 386 -22.47 25.04 -15.65
N LYS A 387 -21.23 24.67 -15.37
CA LYS A 387 -20.38 25.39 -14.43
C LYS A 387 -19.83 26.64 -15.10
N GLU A 388 -19.68 26.61 -16.42
CA GLU A 388 -19.04 27.71 -17.15
C GLU A 388 -19.91 28.68 -17.92
N PHE A 389 -21.17 28.37 -18.13
CA PHE A 389 -22.02 29.24 -18.90
C PHE A 389 -23.29 29.36 -18.12
N GLU A 390 -23.89 30.54 -18.15
CA GLU A 390 -25.04 30.83 -17.32
C GLU A 390 -26.24 29.99 -17.72
N LYS A 391 -26.41 29.79 -19.02
CA LYS A 391 -27.55 29.07 -19.55
C LYS A 391 -27.03 28.06 -20.55
N VAL A 392 -27.31 26.81 -20.23
CA VAL A 392 -26.93 25.69 -21.10
C VAL A 392 -28.17 24.96 -21.57
N ALA A 393 -28.18 24.55 -22.84
CA ALA A 393 -29.31 23.79 -23.34
C ALA A 393 -28.83 22.42 -23.71
N VAL A 394 -29.67 21.41 -23.51
CA VAL A 394 -29.33 20.06 -23.94
C VAL A 394 -30.39 19.52 -24.85
N TYR A 395 -29.94 19.09 -26.02
CA TYR A 395 -30.79 18.51 -27.02
C TYR A 395 -30.40 17.06 -26.98
N MET A 396 -31.35 16.20 -26.67
CA MET A 396 -31.11 14.75 -26.54
C MET A 396 -32.06 13.98 -27.42
N SER A 397 -31.57 12.99 -28.09
CA SER A 397 -32.46 12.06 -28.73
C SER A 397 -31.87 10.70 -28.40
N SER A 398 -32.74 9.81 -27.92
CA SER A 398 -32.37 8.49 -27.48
C SER A 398 -33.49 7.59 -27.93
N PHE A 399 -33.17 6.50 -28.62
CA PHE A 399 -34.19 5.58 -29.14
C PHE A 399 -33.38 4.33 -29.50
N THR A 400 -33.98 3.13 -29.37
CA THR A 400 -33.49 1.94 -30.09
C THR A 400 -33.73 2.15 -31.56
N PRO A 401 -32.65 2.13 -32.36
CA PRO A 401 -32.83 2.24 -33.81
C PRO A 401 -33.60 1.05 -34.37
N LEU A 402 -34.32 1.26 -35.47
CA LEU A 402 -35.17 0.20 -36.03
C LEU A 402 -34.40 -1.08 -36.34
N MET A 403 -33.17 -0.96 -36.86
CA MET A 403 -32.42 -2.17 -37.22
C MET A 403 -32.33 -3.10 -35.98
N HIS A 404 -32.25 -2.52 -34.79
CA HIS A 404 -32.05 -3.29 -33.57
C HIS A 404 -33.33 -3.69 -32.91
N ASN A 405 -34.42 -3.24 -33.46
CA ASN A 405 -35.72 -3.84 -33.16
C ASN A 405 -35.86 -5.10 -34.02
N ILE A 406 -35.15 -5.20 -35.13
CA ILE A 406 -35.19 -6.43 -35.91
C ILE A 406 -34.09 -7.42 -35.50
N SER A 407 -32.93 -6.88 -35.12
CA SER A 407 -31.77 -7.72 -34.74
C SER A 407 -32.03 -8.47 -33.45
N GLY A 408 -32.85 -7.90 -32.58
CA GLY A 408 -33.14 -8.54 -31.32
C GLY A 408 -32.48 -7.80 -30.18
N SER A 409 -31.45 -6.99 -30.47
CA SER A 409 -30.72 -6.28 -29.45
C SER A 409 -31.45 -4.98 -29.19
N LYS A 410 -32.62 -5.07 -28.59
CA LYS A 410 -33.45 -3.92 -28.37
C LYS A 410 -32.79 -3.08 -27.32
N TYR A 411 -31.90 -3.68 -26.53
CA TYR A 411 -31.23 -2.90 -25.51
C TYR A 411 -30.21 -1.88 -26.11
N LYS A 412 -29.89 -2.04 -27.37
CA LYS A 412 -28.92 -1.14 -28.03
C LYS A 412 -29.52 0.24 -28.43
N LYS A 413 -29.71 1.07 -27.42
CA LYS A 413 -30.31 2.37 -27.55
C LYS A 413 -29.23 3.35 -28.05
N PHE A 414 -29.53 4.08 -29.11
CA PHE A 414 -28.67 5.11 -29.64
C PHE A 414 -28.94 6.39 -28.87
N VAL A 415 -27.87 7.07 -28.49
CA VAL A 415 -28.04 8.30 -27.70
C VAL A 415 -27.32 9.33 -28.52
N ALA A 416 -27.98 10.45 -28.82
CA ALA A 416 -27.25 11.61 -29.37
C ALA A 416 -27.60 12.84 -28.56
N LYS A 417 -26.61 13.46 -27.96
CA LYS A 417 -26.81 14.70 -27.22
C LYS A 417 -25.98 15.87 -27.75
N ILE A 418 -26.58 17.06 -27.93
CA ILE A 418 -25.83 18.24 -28.27
C ILE A 418 -26.02 19.19 -27.09
N VAL A 419 -24.92 19.80 -26.65
CA VAL A 419 -24.91 20.66 -25.49
C VAL A 419 -24.55 22.05 -26.05
N THR A 420 -25.29 23.07 -25.63
CA THR A 420 -25.05 24.38 -26.18
C THR A 420 -24.97 25.41 -25.08
N ASN A 421 -24.34 26.53 -25.43
CA ASN A 421 -24.51 27.80 -24.76
C ASN A 421 -25.80 28.38 -25.29
N HIS A 422 -26.84 28.31 -24.47
CA HIS A 422 -28.12 28.71 -24.94
C HIS A 422 -28.11 30.18 -25.22
N SER A 423 -27.14 30.88 -24.66
CA SER A 423 -27.07 32.32 -24.89
C SER A 423 -26.83 32.68 -26.32
N ASP A 424 -26.14 31.83 -27.07
CA ASP A 424 -25.82 32.16 -28.42
C ASP A 424 -25.88 30.93 -29.33
N GLY A 425 -26.34 29.80 -28.77
CA GLY A 425 -26.53 28.58 -29.53
C GLY A 425 -25.27 27.87 -29.91
N THR A 426 -24.09 28.42 -29.60
CA THR A 426 -22.80 27.74 -29.84
C THR A 426 -22.85 26.33 -29.28
N VAL A 427 -22.46 25.37 -30.12
CA VAL A 427 -22.36 23.97 -29.71
C VAL A 427 -21.10 23.76 -28.86
N LEU A 428 -21.30 23.28 -27.65
CA LEU A 428 -20.20 23.06 -26.67
C LEU A 428 -19.69 21.65 -26.69
N GLY A 429 -20.60 20.71 -26.99
CA GLY A 429 -20.31 19.27 -26.88
C GLY A 429 -21.34 18.49 -27.64
N VAL A 430 -20.89 17.36 -28.19
CA VAL A 430 -21.75 16.37 -28.86
C VAL A 430 -21.30 14.96 -28.35
N HIS A 431 -22.26 14.12 -27.97
CA HIS A 431 -22.03 12.91 -27.21
C HIS A 431 -22.95 11.94 -27.82
N LEU A 432 -22.36 10.87 -28.33
CA LEU A 432 -23.06 9.85 -29.07
C LEU A 432 -22.66 8.52 -28.52
N LEU A 433 -23.63 7.61 -28.58
CA LEU A 433 -23.50 6.26 -28.20
C LEU A 433 -24.27 5.47 -29.18
N GLY A 434 -23.62 4.54 -29.87
CA GLY A 434 -24.33 3.81 -30.88
C GLY A 434 -23.43 3.38 -32.02
N ASP A 435 -23.88 2.40 -32.77
CA ASP A 435 -23.09 1.94 -33.91
C ASP A 435 -22.70 3.11 -34.80
N GLY A 436 -21.43 3.18 -35.17
CA GLY A 436 -21.00 4.28 -36.02
C GLY A 436 -20.62 5.55 -35.26
N ALA A 437 -20.87 5.60 -33.95
CA ALA A 437 -20.54 6.80 -33.16
C ALA A 437 -19.10 7.36 -33.41
N PRO A 438 -18.06 6.49 -33.39
CA PRO A 438 -16.69 7.05 -33.53
C PRO A 438 -16.50 7.71 -34.94
N GLU A 439 -17.17 7.15 -35.96
CA GLU A 439 -17.16 7.70 -37.33
C GLU A 439 -17.94 8.98 -37.51
N ILE A 440 -19.11 9.06 -36.87
CA ILE A 440 -19.98 10.24 -36.99
C ILE A 440 -19.27 11.38 -36.37
N ILE A 441 -18.60 11.15 -35.23
CA ILE A 441 -18.04 12.24 -34.46
C ILE A 441 -16.86 12.97 -35.13
N GLN A 442 -16.18 12.34 -36.07
CA GLN A 442 -15.00 12.99 -36.60
C GLN A 442 -15.33 14.38 -37.16
N ALA A 443 -16.32 14.48 -38.02
CA ALA A 443 -16.54 15.69 -38.72
C ALA A 443 -17.23 16.68 -37.78
N VAL A 444 -17.83 16.18 -36.71
CA VAL A 444 -18.36 17.03 -35.64
C VAL A 444 -17.23 17.82 -35.00
N GLY A 445 -16.07 17.22 -34.81
CA GLY A 445 -14.88 17.99 -34.38
C GLY A 445 -14.55 19.16 -35.30
N VAL A 446 -14.60 18.97 -36.61
CA VAL A 446 -14.38 20.10 -37.54
C VAL A 446 -15.44 21.20 -37.30
N CYS A 447 -16.69 20.80 -37.17
CA CYS A 447 -17.76 21.72 -36.86
C CYS A 447 -17.51 22.57 -35.62
N LEU A 448 -17.22 21.91 -34.48
CA LEU A 448 -16.93 22.62 -33.26
C LEU A 448 -15.73 23.56 -33.41
N ARG A 449 -14.72 23.15 -34.15
CA ARG A 449 -13.56 24.03 -34.47
C ARG A 449 -13.99 25.25 -35.33
N LEU A 450 -15.08 25.11 -36.09
CA LEU A 450 -15.58 26.20 -36.83
C LEU A 450 -16.65 26.91 -36.04
N ASN A 451 -16.72 26.65 -34.72
CA ASN A 451 -17.72 27.31 -33.86
C ASN A 451 -19.21 27.16 -34.31
N ALA A 452 -19.58 25.97 -34.79
CA ALA A 452 -20.98 25.64 -35.08
C ALA A 452 -21.90 26.01 -33.94
N LYS A 453 -23.06 26.48 -34.39
CA LYS A 453 -24.24 26.70 -33.53
C LYS A 453 -25.21 25.58 -33.74
N ILE A 454 -26.14 25.39 -32.82
CA ILE A 454 -27.17 24.37 -33.01
C ILE A 454 -27.96 24.59 -34.30
N SER A 455 -28.22 25.84 -34.66
CA SER A 455 -28.94 26.09 -35.91
C SER A 455 -28.09 25.69 -37.17
N ASP A 456 -26.76 25.79 -37.12
CA ASP A 456 -25.95 25.19 -38.21
C ASP A 456 -26.22 23.69 -38.42
N PHE A 457 -26.26 22.96 -37.32
CA PHE A 457 -26.71 21.56 -37.34
C PHE A 457 -28.09 21.39 -37.87
N TYR A 458 -29.05 22.09 -37.27
CA TYR A 458 -30.45 21.83 -37.58
C TYR A 458 -30.81 22.23 -38.99
N ASN A 459 -30.14 23.22 -39.53
CA ASN A 459 -30.36 23.65 -40.91
C ASN A 459 -29.76 22.72 -41.92
N THR A 460 -28.76 21.93 -41.53
CA THR A 460 -28.16 20.94 -42.45
C THR A 460 -29.19 19.85 -42.72
N ILE A 461 -29.33 19.49 -43.97
CA ILE A 461 -30.25 18.46 -44.31
C ILE A 461 -29.72 17.07 -43.97
N GLY A 462 -30.58 16.25 -43.33
CA GLY A 462 -30.13 14.90 -42.93
C GLY A 462 -29.82 13.98 -44.12
N VAL A 463 -28.88 13.04 -43.90
CA VAL A 463 -28.76 11.84 -44.73
C VAL A 463 -29.69 10.80 -44.10
N HIS A 464 -30.58 10.23 -44.89
CA HIS A 464 -31.54 9.33 -44.34
C HIS A 464 -31.46 8.01 -45.09
N PRO A 465 -31.66 6.87 -44.39
CA PRO A 465 -31.73 6.76 -42.94
C PRO A 465 -30.36 6.55 -42.30
N THR A 466 -30.02 7.32 -41.29
CA THR A 466 -28.73 7.07 -40.58
C THR A 466 -28.98 7.38 -39.12
N SER A 467 -28.06 6.99 -38.23
CA SER A 467 -28.16 7.53 -36.88
C SER A 467 -27.71 8.99 -36.87
N ALA A 468 -26.72 9.29 -37.70
CA ALA A 468 -26.12 10.60 -37.72
C ALA A 468 -27.10 11.73 -37.97
N GLU A 469 -28.17 11.47 -38.74
CA GLU A 469 -29.17 12.53 -39.02
C GLU A 469 -29.91 13.08 -37.78
N GLU A 470 -29.92 12.30 -36.72
CA GLU A 470 -30.47 12.78 -35.48
C GLU A 470 -29.84 14.12 -35.05
N LEU A 471 -28.59 14.36 -35.43
CA LEU A 471 -27.91 15.57 -34.96
C LEU A 471 -28.34 16.78 -35.73
N CYS A 472 -29.05 16.53 -36.84
CA CYS A 472 -29.50 17.57 -37.77
C CYS A 472 -31.02 17.76 -37.68
N SER A 473 -31.65 17.05 -36.73
CA SER A 473 -33.09 17.07 -36.49
C SER A 473 -33.45 17.67 -35.13
N MET A 474 -32.48 18.23 -34.42
CA MET A 474 -32.73 18.69 -33.05
C MET A 474 -32.83 20.17 -33.00
N ARG A 475 -34.04 20.65 -32.70
CA ARG A 475 -34.28 22.09 -32.64
C ARG A 475 -34.76 22.61 -31.29
N THR A 476 -35.31 21.75 -30.46
CA THR A 476 -35.80 22.18 -29.17
C THR A 476 -35.04 21.54 -28.05
N PRO A 477 -34.42 22.35 -27.17
CA PRO A 477 -33.75 21.69 -26.06
C PRO A 477 -34.67 20.73 -25.37
N SER A 478 -34.15 19.60 -24.94
CA SER A 478 -34.88 18.74 -24.02
C SER A 478 -34.91 19.30 -22.64
N TYR A 479 -33.89 20.07 -22.28
CA TYR A 479 -33.83 20.67 -20.97
C TYR A 479 -32.64 21.63 -20.88
N TYR A 480 -32.42 22.18 -19.69
CA TYR A 480 -31.50 23.28 -19.56
C TYR A 480 -30.77 23.20 -18.27
N TYR A 481 -29.67 23.93 -18.21
CA TYR A 481 -29.07 24.29 -16.95
C TYR A 481 -29.04 25.83 -16.91
N VAL A 482 -29.70 26.44 -15.91
CA VAL A 482 -29.70 27.90 -15.73
C VAL A 482 -28.95 28.11 -14.44
N LYS A 483 -27.93 28.99 -14.50
CA LYS A 483 -26.86 29.07 -13.51
C LYS A 483 -26.65 27.72 -12.77
N GLY A 484 -26.15 26.72 -13.47
CA GLY A 484 -25.83 25.44 -12.84
C GLY A 484 -26.98 24.52 -12.50
N GLU A 485 -28.21 24.99 -12.63
CA GLU A 485 -29.37 24.21 -12.19
C GLU A 485 -30.23 23.63 -13.33
N LYS A 486 -30.46 22.34 -13.27
CA LYS A 486 -31.13 21.61 -14.33
C LYS A 486 -32.66 21.71 -14.32
N MET A 487 -33.23 22.03 -15.47
CA MET A 487 -34.68 22.30 -15.53
C MET A 487 -35.21 22.08 -16.93
N GLU A 488 -36.41 21.50 -17.02
CA GLU A 488 -37.04 21.22 -18.29
C GLU A 488 -37.23 22.48 -19.13
N LYS A 489 -37.60 23.58 -18.45
CA LYS A 489 -37.98 24.83 -19.11
C LYS A 489 -37.17 26.01 -18.56
N LEU A 490 -37.05 27.03 -19.39
CA LEU A 490 -36.48 28.31 -18.97
C LEU A 490 -37.47 29.05 -18.03
N PRO A 491 -37.00 29.63 -16.90
CA PRO A 491 -37.91 30.29 -15.91
C PRO A 491 -38.88 31.33 -16.49
N SER B 5 -69.47 18.53 -48.24
CA SER B 5 -68.10 19.14 -48.16
C SER B 5 -67.48 19.15 -46.74
N LYS B 6 -66.47 20.04 -46.60
CA LYS B 6 -65.48 20.14 -45.48
C LYS B 6 -64.39 21.17 -45.89
N ALA B 7 -64.01 22.08 -45.00
CA ALA B 7 -63.23 23.32 -45.40
C ALA B 7 -61.83 23.50 -44.75
N PHE B 8 -60.73 23.68 -45.50
CA PHE B 8 -59.38 23.64 -44.92
C PHE B 8 -58.40 24.77 -45.30
N ASP B 9 -57.41 25.00 -44.44
CA ASP B 9 -56.30 25.89 -44.82
C ASP B 9 -55.38 25.28 -45.85
N LEU B 10 -55.20 23.98 -45.69
CA LEU B 10 -54.21 23.30 -46.53
C LEU B 10 -54.70 21.93 -46.83
N VAL B 11 -54.75 21.61 -48.11
CA VAL B 11 -54.98 20.21 -48.47
C VAL B 11 -53.69 19.76 -49.09
N VAL B 12 -53.17 18.66 -48.53
CA VAL B 12 -51.93 18.07 -48.98
C VAL B 12 -52.30 16.80 -49.71
N ILE B 13 -51.90 16.73 -50.97
CA ILE B 13 -52.19 15.49 -51.69
C ILE B 13 -50.93 14.71 -51.63
N GLY B 14 -50.93 13.68 -50.83
CA GLY B 14 -49.73 12.86 -50.68
C GLY B 14 -49.29 12.90 -49.24
N ALA B 15 -49.50 11.82 -48.51
CA ALA B 15 -49.01 11.68 -47.15
C ALA B 15 -47.59 11.11 -47.05
N GLY B 16 -46.66 11.64 -47.85
CA GLY B 16 -45.27 11.19 -47.82
C GLY B 16 -44.34 12.05 -47.00
N SER B 17 -43.07 11.84 -47.20
CA SER B 17 -42.02 12.67 -46.62
C SER B 17 -42.33 14.19 -46.63
N GLY B 18 -42.59 14.75 -47.80
CA GLY B 18 -42.80 16.20 -47.91
C GLY B 18 -44.15 16.56 -47.32
N GLY B 19 -45.15 15.75 -47.67
CA GLY B 19 -46.56 16.01 -47.36
C GLY B 19 -46.85 16.03 -45.87
N LEU B 20 -46.33 15.01 -45.19
CA LEU B 20 -46.43 14.85 -43.73
C LEU B 20 -45.73 15.99 -42.95
N GLU B 21 -44.51 16.34 -43.37
CA GLU B 21 -43.83 17.47 -42.77
C GLU B 21 -44.70 18.75 -42.80
N ALA B 22 -45.19 19.08 -43.98
CA ALA B 22 -45.91 20.31 -44.21
C ALA B 22 -47.18 20.32 -43.39
N GLY B 23 -47.88 19.19 -43.41
CA GLY B 23 -49.19 19.12 -42.81
C GLY B 23 -49.06 19.15 -41.31
N TRP B 24 -48.07 18.44 -40.80
CA TRP B 24 -47.80 18.46 -39.36
C TRP B 24 -47.38 19.86 -38.92
N ASN B 25 -46.43 20.48 -39.61
CA ASN B 25 -45.98 21.85 -39.22
C ASN B 25 -47.10 22.89 -39.28
N ALA B 26 -47.78 22.93 -40.44
CA ALA B 26 -49.03 23.66 -40.58
C ALA B 26 -49.95 23.47 -39.34
N ALA B 27 -50.44 22.25 -39.09
CA ALA B 27 -51.32 21.98 -37.95
C ALA B 27 -50.72 22.37 -36.57
N THR B 28 -49.62 21.71 -36.19
CA THR B 28 -49.02 21.81 -34.86
C THR B 28 -48.28 23.13 -34.60
N LEU B 29 -47.54 23.66 -35.56
CA LEU B 29 -46.84 24.90 -35.27
C LEU B 29 -47.68 26.12 -35.55
N TYR B 30 -48.52 26.04 -36.58
CA TYR B 30 -49.29 27.20 -36.98
C TYR B 30 -50.77 27.20 -36.66
N GLY B 31 -51.28 26.11 -36.09
CA GLY B 31 -52.69 26.05 -35.75
C GLY B 31 -53.66 26.10 -36.92
N LYS B 32 -53.17 25.80 -38.11
CA LYS B 32 -54.03 25.67 -39.29
C LYS B 32 -54.79 24.33 -39.32
N ARG B 33 -55.86 24.33 -40.11
CA ARG B 33 -56.75 23.19 -40.34
C ARG B 33 -56.23 22.55 -41.64
N VAL B 34 -55.75 21.32 -41.51
CA VAL B 34 -55.03 20.64 -42.60
C VAL B 34 -55.73 19.32 -42.98
N ALA B 35 -55.82 19.05 -44.28
CA ALA B 35 -56.32 17.76 -44.71
C ALA B 35 -55.24 17.10 -45.59
N VAL B 36 -55.01 15.82 -45.40
CA VAL B 36 -53.94 15.14 -46.11
C VAL B 36 -54.57 13.98 -46.76
N VAL B 37 -54.26 13.81 -48.05
CA VAL B 37 -54.88 12.70 -48.79
C VAL B 37 -53.83 11.65 -49.21
N ASP B 38 -54.12 10.39 -49.01
CA ASP B 38 -53.27 9.38 -49.62
C ASP B 38 -54.12 8.19 -50.02
N VAL B 39 -53.63 7.46 -51.02
CA VAL B 39 -54.39 6.38 -51.62
C VAL B 39 -54.44 5.11 -50.81
N GLN B 40 -53.62 5.02 -49.77
CA GLN B 40 -53.53 3.71 -49.06
C GLN B 40 -53.00 3.97 -47.64
N THR B 41 -53.45 3.20 -46.62
CA THR B 41 -53.06 3.54 -45.22
C THR B 41 -51.87 2.73 -44.78
N SER B 42 -51.65 1.64 -45.50
CA SER B 42 -50.74 0.60 -45.10
C SER B 42 -49.93 0.18 -46.36
N HIS B 43 -48.70 -0.28 -46.14
CA HIS B 43 -47.77 -0.57 -47.24
C HIS B 43 -48.21 -1.73 -48.08
N GLY B 44 -47.77 -1.74 -49.33
CA GLY B 44 -47.81 -2.94 -50.14
C GLY B 44 -48.71 -2.82 -51.34
N PRO B 45 -48.74 -3.88 -52.14
CA PRO B 45 -49.75 -3.97 -53.22
C PRO B 45 -51.14 -3.60 -52.61
N PRO B 46 -52.01 -2.94 -53.39
CA PRO B 46 -51.75 -2.65 -54.82
C PRO B 46 -50.96 -1.38 -55.10
N PHE B 47 -50.91 -0.44 -54.17
CA PHE B 47 -50.38 0.88 -54.57
C PHE B 47 -49.01 1.17 -53.99
N TYR B 48 -48.49 0.21 -53.19
CA TYR B 48 -47.11 0.23 -52.67
C TYR B 48 -46.86 1.39 -51.73
N ALA B 49 -46.62 2.59 -52.24
CA ALA B 49 -46.62 3.77 -51.37
C ALA B 49 -47.96 3.94 -50.62
N ALA B 50 -47.87 4.48 -49.41
CA ALA B 50 -49.03 4.60 -48.54
C ALA B 50 -48.76 5.74 -47.56
N LEU B 51 -49.49 5.67 -46.44
CA LEU B 51 -49.31 6.61 -45.32
C LEU B 51 -47.83 6.45 -44.91
N GLY B 52 -47.10 7.57 -44.98
CA GLY B 52 -45.69 7.58 -44.68
C GLY B 52 -44.89 7.80 -45.95
N GLY B 53 -45.54 7.53 -47.08
CA GLY B 53 -44.90 7.83 -48.37
C GLY B 53 -43.98 6.73 -48.83
N THR B 54 -43.17 7.07 -49.83
CA THR B 54 -42.34 6.08 -50.50
C THR B 54 -41.22 5.62 -49.59
N CYS B 55 -40.69 6.59 -48.88
CA CYS B 55 -39.60 6.33 -47.94
C CYS B 55 -40.02 5.25 -46.91
N VAL B 56 -41.14 5.47 -46.24
CA VAL B 56 -41.63 4.53 -45.24
C VAL B 56 -41.97 3.18 -45.78
N ASN B 57 -42.59 3.14 -46.97
CA ASN B 57 -43.20 1.90 -47.43
C ASN B 57 -42.35 1.05 -48.39
N VAL B 58 -41.72 1.71 -49.34
CA VAL B 58 -41.07 1.07 -50.51
C VAL B 58 -39.87 1.96 -50.89
N GLY B 59 -39.12 2.37 -49.86
CA GLY B 59 -38.01 3.24 -50.07
C GLY B 59 -36.98 3.10 -48.95
N CYS B 60 -36.60 4.23 -48.38
CA CYS B 60 -35.39 4.35 -47.53
C CYS B 60 -35.42 3.30 -46.45
N VAL B 61 -36.53 3.30 -45.73
CA VAL B 61 -36.65 2.48 -44.54
C VAL B 61 -36.53 1.00 -44.80
N PRO B 62 -37.46 0.40 -45.56
CA PRO B 62 -37.36 -1.02 -45.75
C PRO B 62 -36.06 -1.35 -46.54
N LYS B 63 -35.59 -0.48 -47.43
CA LYS B 63 -34.36 -0.88 -48.11
C LYS B 63 -33.12 -0.87 -47.21
N LYS B 64 -33.05 0.08 -46.29
CA LYS B 64 -31.94 0.11 -45.39
C LYS B 64 -31.99 -1.18 -44.53
N LEU B 65 -33.17 -1.58 -44.06
CA LEU B 65 -33.24 -2.83 -43.32
C LEU B 65 -32.76 -4.01 -44.16
N MET B 66 -33.10 -3.99 -45.43
CA MET B 66 -32.76 -5.10 -46.29
C MET B 66 -31.28 -5.11 -46.62
N VAL B 67 -30.70 -3.90 -46.71
CA VAL B 67 -29.29 -3.78 -46.98
C VAL B 67 -28.51 -4.24 -45.75
N THR B 68 -28.94 -3.78 -44.57
CA THR B 68 -28.41 -4.30 -43.32
C THR B 68 -28.49 -5.84 -43.34
N GLY B 69 -29.63 -6.41 -43.79
CA GLY B 69 -29.71 -7.85 -43.93
C GLY B 69 -28.63 -8.41 -44.79
N ALA B 70 -28.50 -7.81 -45.96
CA ALA B 70 -27.50 -8.19 -46.94
C ALA B 70 -26.05 -8.19 -46.42
N GLN B 71 -25.72 -7.22 -45.54
CA GLN B 71 -24.36 -7.04 -45.06
C GLN B 71 -23.91 -8.26 -44.27
N TYR B 72 -24.86 -9.06 -43.72
CA TYR B 72 -24.48 -10.22 -42.94
C TYR B 72 -23.78 -11.25 -43.78
N MET B 73 -24.09 -11.31 -45.07
CA MET B 73 -23.31 -12.19 -45.94
C MET B 73 -21.80 -11.88 -45.82
N ASP B 74 -21.46 -10.60 -45.80
CA ASP B 74 -20.08 -10.22 -45.66
C ASP B 74 -19.61 -10.46 -44.25
N HIS B 75 -20.35 -9.97 -43.27
CA HIS B 75 -20.05 -10.29 -41.86
C HIS B 75 -19.72 -11.75 -41.56
N LEU B 76 -20.52 -12.64 -42.11
CA LEU B 76 -20.36 -14.01 -41.80
C LEU B 76 -19.06 -14.55 -42.36
N ARG B 77 -18.72 -14.18 -43.59
CA ARG B 77 -17.48 -14.58 -44.22
C ARG B 77 -16.25 -13.92 -43.54
N GLU B 78 -16.40 -12.64 -43.28
CA GLU B 78 -15.33 -11.85 -42.75
C GLU B 78 -14.98 -12.20 -41.31
N SER B 79 -15.93 -12.76 -40.54
CA SER B 79 -15.73 -13.08 -39.16
C SER B 79 -14.55 -14.06 -39.04
N ALA B 80 -14.36 -14.90 -40.06
CA ALA B 80 -13.37 -15.99 -40.00
C ALA B 80 -11.93 -15.45 -39.83
N GLY B 81 -11.68 -14.30 -40.45
CA GLY B 81 -10.38 -13.67 -40.31
C GLY B 81 -10.05 -13.28 -38.90
N PHE B 82 -11.09 -13.14 -38.05
CA PHE B 82 -10.95 -12.72 -36.65
C PHE B 82 -11.16 -13.90 -35.68
N GLY B 83 -11.21 -15.13 -36.24
CA GLY B 83 -11.15 -16.33 -35.46
C GLY B 83 -12.49 -16.94 -35.26
N TRP B 84 -13.56 -16.31 -35.78
CA TRP B 84 -14.89 -16.92 -35.73
C TRP B 84 -14.94 -18.18 -36.60
N GLU B 85 -15.43 -19.26 -36.00
CA GLU B 85 -15.40 -20.58 -36.60
C GLU B 85 -16.78 -21.14 -36.44
N PHE B 86 -17.37 -21.49 -37.56
CA PHE B 86 -18.68 -22.08 -37.53
C PHE B 86 -18.87 -22.80 -38.85
N ASP B 87 -19.87 -23.66 -38.89
CA ASP B 87 -20.06 -24.47 -40.06
C ASP B 87 -20.66 -23.64 -41.22
N GLY B 88 -19.77 -23.15 -42.08
CA GLY B 88 -20.14 -22.28 -43.21
C GLY B 88 -21.08 -22.96 -44.21
N SER B 89 -21.16 -24.28 -44.19
CA SER B 89 -22.09 -24.99 -45.03
C SER B 89 -23.51 -25.03 -44.45
N SER B 90 -23.72 -24.67 -43.17
CA SER B 90 -25.07 -24.62 -42.62
C SER B 90 -25.73 -23.27 -42.93
N VAL B 91 -24.97 -22.37 -43.56
CA VAL B 91 -25.44 -21.02 -43.73
C VAL B 91 -26.51 -20.91 -44.81
N LYS B 92 -27.70 -20.41 -44.47
CA LYS B 92 -28.69 -20.05 -45.48
C LYS B 92 -29.24 -18.64 -45.23
N ALA B 93 -29.49 -17.90 -46.32
CA ALA B 93 -30.10 -16.57 -46.21
C ALA B 93 -31.60 -16.66 -46.41
N ASN B 94 -32.37 -16.54 -45.32
CA ASN B 94 -33.84 -16.72 -45.44
C ASN B 94 -34.57 -15.45 -45.80
N TRP B 95 -34.76 -15.27 -47.08
CA TRP B 95 -35.37 -14.06 -47.62
C TRP B 95 -36.82 -13.86 -47.09
N LYS B 96 -37.55 -14.94 -46.94
CA LYS B 96 -38.90 -14.86 -46.42
C LYS B 96 -38.93 -14.26 -45.06
N LYS B 97 -38.01 -14.69 -44.18
CA LYS B 97 -37.91 -14.12 -42.85
C LYS B 97 -37.61 -12.61 -42.93
N LEU B 98 -36.72 -12.26 -43.83
CA LEU B 98 -36.30 -10.87 -43.93
C LEU B 98 -37.51 -9.99 -44.32
N ILE B 99 -38.22 -10.46 -45.33
CA ILE B 99 -39.42 -9.75 -45.81
C ILE B 99 -40.44 -9.57 -44.75
N ALA B 100 -40.63 -10.66 -43.98
CA ALA B 100 -41.65 -10.69 -42.92
C ALA B 100 -41.32 -9.68 -41.88
N ALA B 101 -40.05 -9.67 -41.48
CA ALA B 101 -39.62 -8.73 -40.47
C ALA B 101 -39.71 -7.28 -41.03
N LYS B 102 -39.23 -7.06 -42.25
CA LYS B 102 -39.40 -5.75 -42.85
C LYS B 102 -40.88 -5.38 -42.91
N ASN B 103 -41.73 -6.29 -43.37
CA ASN B 103 -43.19 -5.98 -43.36
C ASN B 103 -43.72 -5.48 -42.05
N GLU B 104 -43.30 -6.10 -40.94
CA GLU B 104 -43.85 -5.77 -39.64
C GLU B 104 -43.33 -4.40 -39.20
N ALA B 105 -42.05 -4.15 -39.46
CA ALA B 105 -41.47 -2.83 -39.16
C ALA B 105 -42.23 -1.70 -39.86
N VAL B 106 -42.43 -1.89 -41.18
CA VAL B 106 -43.09 -0.90 -41.99
C VAL B 106 -44.51 -0.77 -41.56
N LEU B 107 -45.16 -1.93 -41.37
CA LEU B 107 -46.55 -1.86 -40.84
C LEU B 107 -46.57 -1.11 -39.50
N ASP B 108 -45.58 -1.31 -38.63
CA ASP B 108 -45.67 -0.59 -37.33
C ASP B 108 -45.62 0.91 -37.55
N ILE B 109 -44.76 1.35 -38.47
CA ILE B 109 -44.70 2.76 -38.81
C ILE B 109 -46.02 3.27 -39.39
N ASN B 110 -46.60 2.53 -40.35
CA ASN B 110 -47.96 2.88 -40.89
C ASN B 110 -48.99 3.14 -39.76
N LYS B 111 -49.08 2.22 -38.80
CA LYS B 111 -50.05 2.33 -37.70
C LYS B 111 -49.79 3.56 -36.84
N SER B 112 -48.53 3.74 -36.47
CA SER B 112 -48.18 4.83 -35.61
C SER B 112 -48.52 6.17 -36.29
N TYR B 113 -48.35 6.28 -37.62
CA TYR B 113 -48.75 7.50 -38.39
C TYR B 113 -50.24 7.71 -38.44
N GLU B 114 -50.97 6.62 -38.47
CA GLU B 114 -52.42 6.73 -38.41
C GLU B 114 -52.85 7.24 -37.02
N GLY B 115 -52.21 6.71 -35.97
CA GLY B 115 -52.41 7.18 -34.58
C GLY B 115 -52.14 8.68 -34.52
N MET B 116 -51.05 9.11 -35.16
CA MET B 116 -50.66 10.50 -35.12
C MET B 116 -51.74 11.37 -35.75
N PHE B 117 -52.27 10.99 -36.93
CA PHE B 117 -53.48 11.68 -37.46
C PHE B 117 -54.62 11.76 -36.45
N ASN B 118 -54.94 10.63 -35.83
CA ASN B 118 -56.01 10.57 -34.85
C ASN B 118 -55.73 11.48 -33.66
N ASP B 119 -54.46 11.65 -33.27
CA ASP B 119 -54.16 12.34 -32.02
C ASP B 119 -53.78 13.79 -32.20
N THR B 120 -53.73 14.28 -33.43
CA THR B 120 -53.22 15.61 -33.71
C THR B 120 -54.36 16.51 -34.20
N GLU B 121 -54.59 17.58 -33.48
CA GLU B 121 -55.62 18.51 -33.88
C GLU B 121 -55.31 19.21 -35.17
N GLY B 122 -56.36 19.45 -35.97
CA GLY B 122 -56.27 20.22 -37.20
C GLY B 122 -55.51 19.50 -38.31
N LEU B 123 -55.47 18.16 -38.21
CA LEU B 123 -54.76 17.30 -39.14
C LEU B 123 -55.62 16.10 -39.42
N ASP B 124 -56.34 16.15 -40.55
CA ASP B 124 -57.12 14.99 -40.98
C ASP B 124 -56.59 14.25 -42.19
N PHE B 125 -56.76 12.95 -42.11
CA PHE B 125 -56.35 12.12 -43.20
C PHE B 125 -57.55 11.79 -44.06
N PHE B 126 -57.34 11.64 -45.35
CA PHE B 126 -58.39 11.27 -46.28
C PHE B 126 -57.81 10.27 -47.24
N LEU B 127 -58.47 9.12 -47.30
CA LEU B 127 -58.09 7.95 -48.10
C LEU B 127 -58.69 8.02 -49.52
N GLY B 128 -57.85 7.80 -50.54
CA GLY B 128 -58.31 7.75 -51.94
C GLY B 128 -57.53 8.73 -52.80
N TRP B 129 -58.02 9.02 -54.00
CA TRP B 129 -57.18 9.70 -54.95
C TRP B 129 -57.48 11.18 -55.05
N GLY B 130 -56.52 12.01 -54.67
CA GLY B 130 -56.67 13.46 -54.77
C GLY B 130 -56.40 13.96 -56.18
N SER B 131 -57.29 14.82 -56.69
CA SER B 131 -56.98 15.63 -57.88
C SER B 131 -57.52 17.06 -57.78
N LEU B 132 -56.99 17.93 -58.64
CA LEU B 132 -57.38 19.29 -58.62
C LEU B 132 -58.64 19.49 -59.49
N GLU B 133 -59.77 19.75 -58.80
CA GLU B 133 -61.02 20.15 -59.47
C GLU B 133 -61.02 21.63 -59.91
N SER B 134 -60.76 22.54 -58.98
CA SER B 134 -60.46 23.91 -59.40
C SER B 134 -59.38 24.49 -58.50
N LYS B 135 -59.17 25.81 -58.60
CA LYS B 135 -58.02 26.48 -57.98
C LYS B 135 -58.04 26.34 -56.44
N ASN B 136 -59.22 26.04 -55.89
CA ASN B 136 -59.44 25.96 -54.45
C ASN B 136 -60.26 24.78 -54.02
N VAL B 137 -60.34 23.78 -54.88
CA VAL B 137 -61.08 22.55 -54.52
C VAL B 137 -60.23 21.37 -54.91
N VAL B 138 -60.02 20.46 -53.96
CA VAL B 138 -59.35 19.17 -54.22
C VAL B 138 -60.41 18.09 -54.05
N VAL B 139 -60.62 17.35 -55.14
CA VAL B 139 -61.55 16.23 -55.17
C VAL B 139 -60.78 14.97 -54.81
N VAL B 140 -61.35 14.20 -53.89
CA VAL B 140 -60.83 12.91 -53.54
C VAL B 140 -61.78 11.86 -54.12
N ARG B 141 -61.28 11.01 -55.01
CA ARG B 141 -62.10 10.01 -55.68
C ARG B 141 -61.72 8.56 -55.25
N GLU B 142 -62.45 7.57 -55.78
CA GLU B 142 -62.25 6.20 -55.40
C GLU B 142 -60.99 5.60 -56.00
N THR B 143 -60.69 5.93 -57.25
CA THR B 143 -59.54 5.39 -57.97
C THR B 143 -58.83 6.50 -58.70
N ALA B 144 -57.72 6.11 -59.31
CA ALA B 144 -56.94 7.00 -60.16
C ALA B 144 -57.73 7.52 -61.35
N ASP B 145 -58.82 6.84 -61.69
CA ASP B 145 -59.67 7.28 -62.81
C ASP B 145 -60.41 8.57 -62.43
N PRO B 146 -60.11 9.68 -63.12
CA PRO B 146 -60.78 10.97 -62.78
C PRO B 146 -62.30 10.90 -62.90
N LYS B 147 -62.83 9.75 -63.29
CA LYS B 147 -64.26 9.66 -63.56
C LYS B 147 -64.90 8.71 -62.54
N SER B 148 -64.09 8.22 -61.61
CA SER B 148 -64.56 7.30 -60.55
C SER B 148 -65.28 8.04 -59.41
N ALA B 149 -65.99 7.30 -58.57
CA ALA B 149 -66.81 7.97 -57.54
C ALA B 149 -66.04 9.07 -56.78
N VAL B 150 -66.65 10.27 -56.66
CA VAL B 150 -66.22 11.26 -55.65
C VAL B 150 -66.45 10.75 -54.20
N LYS B 151 -65.44 10.92 -53.33
CA LYS B 151 -65.52 10.56 -51.90
C LYS B 151 -65.55 11.80 -50.99
N GLU B 152 -64.87 12.85 -51.42
CA GLU B 152 -64.76 14.03 -50.58
C GLU B 152 -64.48 15.11 -51.51
N ARG B 153 -64.91 16.29 -51.11
CA ARG B 153 -64.69 17.49 -51.89
C ARG B 153 -64.17 18.43 -50.80
N LEU B 154 -62.97 18.93 -51.02
CA LEU B 154 -62.24 19.59 -50.00
C LEU B 154 -61.97 20.93 -50.56
N GLN B 155 -62.47 21.95 -49.89
CA GLN B 155 -62.14 23.31 -50.30
C GLN B 155 -60.89 23.73 -49.53
N ALA B 156 -59.99 24.43 -50.18
CA ALA B 156 -58.73 24.73 -49.51
C ALA B 156 -58.13 26.04 -49.93
N ASP B 157 -57.64 26.84 -48.97
CA ASP B 157 -57.02 28.13 -49.36
C ASP B 157 -55.72 27.85 -50.07
N HIS B 158 -55.06 26.79 -49.62
CA HIS B 158 -53.77 26.40 -50.12
C HIS B 158 -53.78 24.89 -50.46
N ILE B 159 -53.21 24.54 -51.61
CA ILE B 159 -53.07 23.13 -51.99
C ILE B 159 -51.58 22.79 -52.12
N LEU B 160 -51.18 21.67 -51.49
CA LEU B 160 -49.82 21.18 -51.60
C LEU B 160 -49.80 19.88 -52.42
N LEU B 161 -49.07 19.95 -53.52
CA LEU B 161 -48.94 18.81 -54.42
C LEU B 161 -47.75 17.99 -53.93
N ALA B 162 -47.93 16.77 -53.46
CA ALA B 162 -46.79 16.10 -52.81
C ALA B 162 -46.89 14.62 -53.00
N THR B 163 -47.09 14.22 -54.26
CA THR B 163 -47.47 12.85 -54.67
C THR B 163 -46.25 12.01 -55.07
N GLY B 164 -45.08 12.67 -55.13
CA GLY B 164 -43.80 11.95 -55.21
C GLY B 164 -43.55 11.42 -56.63
N SER B 165 -42.93 10.27 -56.73
CA SER B 165 -42.48 9.85 -58.03
C SER B 165 -42.79 8.43 -58.17
N TRP B 166 -42.42 7.85 -59.31
CA TRP B 166 -42.92 6.51 -59.60
C TRP B 166 -41.87 5.96 -60.55
N PRO B 167 -41.73 4.63 -60.59
CA PRO B 167 -40.73 3.97 -61.39
C PRO B 167 -41.03 4.20 -62.85
N GLN B 168 -40.02 4.67 -63.57
CA GLN B 168 -40.14 4.84 -64.98
C GLN B 168 -39.91 3.47 -65.65
N MET B 169 -40.78 3.07 -66.54
CA MET B 169 -40.61 1.77 -67.16
C MET B 169 -40.44 1.96 -68.69
N PRO B 170 -39.31 1.52 -69.29
CA PRO B 170 -39.15 1.75 -70.73
C PRO B 170 -40.22 1.05 -71.57
N ALA B 171 -40.59 1.70 -72.68
CA ALA B 171 -41.58 1.19 -73.67
C ALA B 171 -40.85 0.18 -74.55
N ILE B 172 -40.52 -0.97 -73.96
CA ILE B 172 -39.94 -2.05 -74.76
C ILE B 172 -40.94 -3.21 -74.81
N PRO B 173 -40.93 -4.02 -75.89
CA PRO B 173 -41.79 -5.20 -75.83
C PRO B 173 -41.51 -6.04 -74.57
N GLY B 174 -42.56 -6.42 -73.86
CA GLY B 174 -42.35 -7.36 -72.74
C GLY B 174 -42.07 -6.65 -71.45
N ILE B 175 -42.20 -5.31 -71.46
CA ILE B 175 -41.97 -4.55 -70.24
C ILE B 175 -42.85 -5.00 -69.09
N GLU B 176 -44.07 -5.42 -69.42
CA GLU B 176 -44.99 -5.92 -68.40
C GLU B 176 -44.48 -7.16 -67.69
N HIS B 177 -43.43 -7.79 -68.21
CA HIS B 177 -42.78 -8.92 -67.50
C HIS B 177 -41.60 -8.54 -66.59
N CYS B 178 -41.34 -7.26 -66.49
CA CYS B 178 -40.35 -6.74 -65.54
C CYS B 178 -41.04 -6.25 -64.29
N ILE B 179 -40.29 -6.14 -63.19
CA ILE B 179 -40.80 -5.47 -62.01
C ILE B 179 -40.05 -4.15 -61.76
N SER B 180 -40.51 -3.34 -60.80
CA SER B 180 -39.74 -2.21 -60.34
C SER B 180 -39.36 -2.48 -58.91
N SER B 181 -38.69 -1.51 -58.27
CA SER B 181 -38.38 -1.64 -56.86
C SER B 181 -39.64 -1.91 -56.02
N ASN B 182 -40.83 -1.42 -56.41
CA ASN B 182 -42.04 -1.66 -55.58
C ASN B 182 -42.30 -3.14 -55.32
N GLU B 183 -42.22 -3.93 -56.38
CA GLU B 183 -42.53 -5.34 -56.33
C GLU B 183 -41.36 -6.10 -55.75
N ALA B 184 -40.15 -5.62 -55.99
CA ALA B 184 -39.00 -6.25 -55.38
C ALA B 184 -39.11 -6.42 -53.85
N PHE B 185 -39.66 -5.39 -53.20
CA PHE B 185 -39.93 -5.45 -51.77
C PHE B 185 -40.83 -6.60 -51.28
N TYR B 186 -41.53 -7.28 -52.18
CA TYR B 186 -42.55 -8.24 -51.81
C TYR B 186 -42.37 -9.56 -52.54
N LEU B 187 -41.23 -9.75 -53.19
CA LEU B 187 -41.04 -11.00 -53.92
C LEU B 187 -41.18 -12.20 -52.96
N PRO B 188 -42.03 -13.17 -53.31
CA PRO B 188 -42.30 -14.29 -52.37
C PRO B 188 -41.02 -15.05 -52.08
N GLU B 189 -40.07 -14.91 -52.99
CA GLU B 189 -38.82 -15.57 -52.69
C GLU B 189 -37.67 -14.95 -53.38
N PRO B 190 -36.44 -15.21 -52.89
CA PRO B 190 -35.29 -14.48 -53.42
C PRO B 190 -34.97 -14.98 -54.79
N PRO B 191 -34.78 -14.08 -55.76
CA PRO B 191 -34.62 -14.58 -57.11
C PRO B 191 -33.27 -15.18 -57.27
N ARG B 192 -33.22 -16.30 -57.97
CA ARG B 192 -31.97 -16.97 -58.20
C ARG B 192 -31.10 -16.26 -59.21
N ARG B 193 -31.73 -15.81 -60.31
CA ARG B 193 -30.98 -15.04 -61.28
C ARG B 193 -31.77 -13.77 -61.41
N VAL B 194 -31.14 -12.62 -61.22
CA VAL B 194 -31.87 -11.38 -61.39
C VAL B 194 -31.03 -10.41 -62.17
N LEU B 195 -31.73 -9.65 -63.02
CA LEU B 195 -31.13 -8.58 -63.72
C LEU B 195 -31.73 -7.30 -63.08
N THR B 196 -30.87 -6.43 -62.51
CA THR B 196 -31.30 -5.04 -62.16
C THR B 196 -30.84 -4.15 -63.29
N VAL B 197 -31.78 -3.39 -63.85
CA VAL B 197 -31.52 -2.62 -65.05
C VAL B 197 -31.39 -1.21 -64.58
N GLY B 198 -30.25 -0.58 -64.79
CA GLY B 198 -30.16 0.79 -64.30
C GLY B 198 -28.86 0.94 -63.54
N GLY B 199 -28.20 2.08 -63.71
CA GLY B 199 -26.93 2.25 -62.99
C GLY B 199 -27.00 3.15 -61.78
N GLY B 200 -28.20 3.61 -61.43
CA GLY B 200 -28.40 4.55 -60.30
C GLY B 200 -28.44 3.78 -58.97
N PHE B 201 -28.78 4.47 -57.88
CA PHE B 201 -28.67 3.92 -56.53
C PHE B 201 -29.63 2.78 -56.29
N ILE B 202 -30.87 2.85 -56.79
CA ILE B 202 -31.79 1.80 -56.53
C ILE B 202 -31.30 0.44 -57.15
N SER B 203 -30.85 0.47 -58.39
CA SER B 203 -30.35 -0.74 -59.08
C SER B 203 -29.18 -1.33 -58.25
N VAL B 204 -28.28 -0.45 -57.85
CA VAL B 204 -27.06 -0.84 -57.14
C VAL B 204 -27.44 -1.39 -55.80
N GLU B 205 -28.28 -0.66 -55.06
CA GLU B 205 -28.62 -1.16 -53.73
C GLU B 205 -29.25 -2.51 -53.83
N PHE B 206 -30.25 -2.65 -54.72
CA PHE B 206 -30.95 -3.92 -54.89
C PHE B 206 -30.10 -5.06 -55.36
N ALA B 207 -29.19 -4.79 -56.28
CA ALA B 207 -28.26 -5.79 -56.72
C ALA B 207 -27.49 -6.34 -55.46
N GLY B 208 -27.12 -5.48 -54.51
CA GLY B 208 -26.39 -5.94 -53.28
C GLY B 208 -27.31 -6.82 -52.39
N ILE B 209 -28.58 -6.40 -52.28
CA ILE B 209 -29.59 -7.12 -51.53
C ILE B 209 -29.75 -8.50 -52.14
N PHE B 210 -30.01 -8.59 -53.46
CA PHE B 210 -30.29 -9.89 -54.08
C PHE B 210 -29.05 -10.78 -54.05
N ASN B 211 -27.89 -10.15 -54.30
CA ASN B 211 -26.62 -10.84 -54.17
C ASN B 211 -26.46 -11.58 -52.83
N ALA B 212 -26.86 -10.94 -51.72
CA ALA B 212 -26.67 -11.62 -50.41
C ALA B 212 -27.69 -12.75 -50.25
N TYR B 213 -28.89 -12.59 -50.82
CA TYR B 213 -29.99 -13.49 -50.41
C TYR B 213 -30.26 -14.49 -51.52
N LYS B 214 -29.52 -14.41 -52.61
CA LYS B 214 -29.76 -15.36 -53.70
C LYS B 214 -29.59 -16.80 -53.19
N PRO B 215 -30.46 -17.72 -53.62
CA PRO B 215 -30.32 -19.17 -53.29
C PRO B 215 -29.05 -19.63 -53.92
N PRO B 216 -28.57 -20.85 -53.56
CA PRO B 216 -27.43 -21.53 -54.16
C PRO B 216 -27.34 -21.46 -55.67
N GLY B 217 -26.14 -21.35 -56.21
CA GLY B 217 -25.97 -21.12 -57.64
C GLY B 217 -26.67 -19.93 -58.31
N GLY B 218 -26.98 -18.88 -57.55
CA GLY B 218 -27.64 -17.68 -58.05
C GLY B 218 -26.66 -16.70 -58.71
N LYS B 219 -27.16 -15.66 -59.35
CA LYS B 219 -26.31 -14.71 -60.02
C LYS B 219 -27.08 -13.44 -60.15
N VAL B 220 -26.50 -12.37 -59.61
CA VAL B 220 -27.06 -11.08 -59.80
C VAL B 220 -26.27 -10.36 -60.90
N THR B 221 -26.98 -9.87 -61.95
CA THR B 221 -26.40 -9.13 -63.05
C THR B 221 -27.04 -7.74 -62.98
N LEU B 222 -26.25 -6.69 -63.20
CA LEU B 222 -26.77 -5.32 -63.25
C LEU B 222 -26.32 -4.75 -64.60
N CYS B 223 -27.24 -4.21 -65.36
CA CYS B 223 -26.87 -3.63 -66.62
C CYS B 223 -27.11 -2.13 -66.58
N TYR B 224 -26.37 -1.40 -67.37
CA TYR B 224 -26.56 0.07 -67.41
C TYR B 224 -26.24 0.46 -68.84
N ARG B 225 -26.97 1.41 -69.40
CA ARG B 225 -26.94 1.63 -70.85
C ARG B 225 -25.66 2.34 -71.20
N ASN B 226 -25.12 3.08 -70.23
CA ASN B 226 -23.88 3.76 -70.43
C ASN B 226 -22.69 3.04 -69.85
N ASN B 227 -21.60 3.78 -69.78
CA ASN B 227 -20.29 3.16 -69.66
CA ASN B 227 -20.28 3.23 -69.69
C ASN B 227 -19.86 2.89 -68.24
N LEU B 228 -20.45 3.61 -67.31
CA LEU B 228 -20.03 3.50 -65.92
C LEU B 228 -21.21 3.90 -65.03
N ILE B 229 -21.51 3.06 -64.06
CA ILE B 229 -22.68 3.23 -63.22
C ILE B 229 -22.59 4.49 -62.33
N LEU B 230 -23.71 4.89 -61.70
CA LEU B 230 -23.67 5.88 -60.60
C LEU B 230 -23.24 7.27 -61.11
N ARG B 231 -23.81 7.62 -62.27
CA ARG B 231 -23.63 8.89 -62.88
C ARG B 231 -24.04 9.88 -61.80
N GLY B 232 -23.30 10.96 -61.66
CA GLY B 232 -23.61 12.03 -60.68
C GLY B 232 -22.74 11.86 -59.44
N PHE B 233 -22.01 10.74 -59.35
CA PHE B 233 -21.17 10.49 -58.19
C PHE B 233 -19.74 10.62 -58.58
N ASP B 234 -18.88 10.73 -57.58
CA ASP B 234 -17.47 10.94 -57.81
C ASP B 234 -17.00 9.82 -58.70
N GLU B 235 -16.24 10.16 -59.75
CA GLU B 235 -15.87 9.12 -60.70
C GLU B 235 -14.88 8.09 -60.13
N THR B 236 -13.99 8.49 -59.25
CA THR B 236 -13.19 7.46 -58.63
C THR B 236 -14.12 6.50 -57.94
N ILE B 237 -15.11 7.02 -57.20
CA ILE B 237 -15.99 6.15 -56.45
C ILE B 237 -16.82 5.24 -57.34
N ARG B 238 -17.30 5.79 -58.45
CA ARG B 238 -18.04 4.98 -59.39
C ARG B 238 -17.22 3.80 -59.88
N GLU B 239 -15.97 4.02 -60.28
CA GLU B 239 -15.07 2.90 -60.65
C GLU B 239 -14.81 1.96 -59.52
N GLU B 240 -14.60 2.44 -58.29
CA GLU B 240 -14.34 1.53 -57.17
C GLU B 240 -15.55 0.66 -56.73
N VAL B 241 -16.74 1.28 -56.65
CA VAL B 241 -17.91 0.47 -56.31
C VAL B 241 -18.17 -0.59 -57.37
N THR B 242 -18.00 -0.26 -58.64
CA THR B 242 -18.08 -1.22 -59.68
C THR B 242 -17.19 -2.42 -59.37
N LYS B 243 -15.91 -2.15 -59.10
CA LYS B 243 -14.92 -3.19 -58.82
C LYS B 243 -15.31 -4.00 -57.57
N GLN B 244 -15.80 -3.31 -56.54
CA GLN B 244 -16.17 -4.00 -55.28
C GLN B 244 -17.42 -4.80 -55.41
N LEU B 245 -18.39 -4.33 -56.24
CA LEU B 245 -19.59 -5.10 -56.50
C LEU B 245 -19.20 -6.37 -57.22
N THR B 246 -18.33 -6.22 -58.22
CA THR B 246 -17.86 -7.36 -58.99
C THR B 246 -17.15 -8.36 -58.09
N ALA B 247 -16.32 -7.85 -57.17
CA ALA B 247 -15.53 -8.70 -56.29
C ALA B 247 -16.47 -9.57 -55.44
N ASN B 248 -17.65 -9.05 -55.17
CA ASN B 248 -18.63 -9.77 -54.40
C ASN B 248 -19.58 -10.55 -55.28
N GLY B 249 -19.25 -10.67 -56.55
CA GLY B 249 -19.92 -11.68 -57.36
C GLY B 249 -21.04 -11.12 -58.23
N ILE B 250 -21.24 -9.82 -58.24
CA ILE B 250 -22.28 -9.22 -59.05
C ILE B 250 -21.68 -8.94 -60.44
N GLU B 251 -22.27 -9.45 -61.48
CA GLU B 251 -21.73 -9.12 -62.79
C GLU B 251 -22.25 -7.76 -63.30
N ILE B 252 -21.37 -6.83 -63.64
CA ILE B 252 -21.83 -5.54 -64.09
C ILE B 252 -21.76 -5.48 -65.61
N MET B 253 -22.89 -5.37 -66.31
CA MET B 253 -22.92 -5.12 -67.78
C MET B 253 -23.20 -3.68 -68.16
N THR B 254 -22.14 -2.95 -68.44
CA THR B 254 -22.22 -1.59 -68.91
C THR B 254 -22.36 -1.53 -70.46
N ASN B 255 -22.79 -0.38 -70.97
CA ASN B 255 -23.21 -0.20 -72.36
C ASN B 255 -24.14 -1.30 -72.89
N GLU B 256 -25.03 -1.78 -72.05
CA GLU B 256 -26.06 -2.76 -72.41
C GLU B 256 -27.41 -2.21 -71.97
N ASN B 257 -28.39 -2.31 -72.87
CA ASN B 257 -29.76 -1.88 -72.62
C ASN B 257 -30.75 -2.96 -73.15
N PRO B 258 -31.64 -3.45 -72.28
CA PRO B 258 -32.68 -4.40 -72.67
C PRO B 258 -33.51 -3.86 -73.88
N ALA B 259 -33.60 -4.67 -74.92
CA ALA B 259 -34.38 -4.36 -76.12
C ALA B 259 -35.75 -4.99 -75.99
N LYS B 260 -35.79 -6.19 -75.43
CA LYS B 260 -37.09 -6.78 -75.15
C LYS B 260 -37.01 -7.84 -74.07
N VAL B 261 -38.18 -8.23 -73.56
CA VAL B 261 -38.20 -9.33 -72.55
C VAL B 261 -39.30 -10.22 -72.97
N SER B 262 -39.06 -11.53 -72.89
CA SER B 262 -40.13 -12.48 -73.15
C SER B 262 -40.20 -13.46 -71.99
N LEU B 263 -41.34 -14.16 -71.89
CA LEU B 263 -41.63 -15.13 -70.82
C LEU B 263 -41.13 -16.47 -71.23
N ASN B 264 -40.35 -17.12 -70.39
CA ASN B 264 -39.95 -18.49 -70.75
C ASN B 264 -41.00 -19.45 -70.18
N THR B 265 -41.03 -20.69 -70.67
CA THR B 265 -42.03 -21.67 -70.27
C THR B 265 -41.96 -21.91 -68.80
N ASP B 266 -40.79 -21.75 -68.19
CA ASP B 266 -40.69 -22.03 -66.76
C ASP B 266 -40.98 -20.83 -65.90
N GLY B 267 -41.45 -19.71 -66.49
CA GLY B 267 -41.80 -18.56 -65.67
C GLY B 267 -40.67 -17.54 -65.61
N SER B 268 -39.47 -17.96 -65.99
CA SER B 268 -38.33 -17.01 -66.06
C SER B 268 -38.49 -16.06 -67.23
N LYS B 269 -37.65 -15.06 -67.32
CA LYS B 269 -37.67 -14.10 -68.42
C LYS B 269 -36.42 -14.15 -69.28
N HIS B 270 -36.63 -13.92 -70.58
CA HIS B 270 -35.60 -14.04 -71.61
C HIS B 270 -35.34 -12.61 -72.03
N VAL B 271 -34.17 -12.08 -71.67
CA VAL B 271 -33.91 -10.66 -71.98
C VAL B 271 -33.02 -10.54 -73.21
N THR B 272 -33.41 -9.69 -74.14
CA THR B 272 -32.56 -9.46 -75.31
C THR B 272 -32.13 -8.05 -75.18
N PHE B 273 -30.83 -7.84 -75.32
CA PHE B 273 -30.26 -6.54 -75.22
C PHE B 273 -30.21 -5.91 -76.57
N GLU B 274 -30.07 -4.58 -76.63
CA GLU B 274 -29.89 -3.88 -77.92
C GLU B 274 -28.70 -4.44 -78.70
N SER B 275 -27.69 -4.90 -77.96
CA SER B 275 -26.48 -5.44 -78.59
C SER B 275 -26.78 -6.73 -79.31
N GLY B 276 -27.89 -7.40 -78.96
CA GLY B 276 -28.10 -8.77 -79.41
C GLY B 276 -27.85 -9.81 -78.34
N LYS B 277 -27.01 -9.49 -77.36
CA LYS B 277 -26.82 -10.36 -76.23
C LYS B 277 -28.14 -10.72 -75.58
N THR B 278 -28.22 -11.88 -74.99
CA THR B 278 -29.45 -12.30 -74.30
C THR B 278 -29.10 -12.82 -72.91
N LEU B 279 -30.06 -12.76 -71.99
CA LEU B 279 -29.83 -13.32 -70.68
C LEU B 279 -31.13 -13.88 -70.13
N ASP B 280 -31.09 -15.06 -69.51
CA ASP B 280 -32.29 -15.59 -68.86
C ASP B 280 -32.24 -15.36 -67.38
N VAL B 281 -33.31 -14.82 -66.85
CA VAL B 281 -33.27 -14.54 -65.42
C VAL B 281 -34.62 -14.79 -64.87
N ASP B 282 -34.65 -14.94 -63.57
CA ASP B 282 -35.88 -15.13 -62.88
C ASP B 282 -36.65 -13.83 -62.75
N VAL B 283 -35.95 -12.72 -62.56
CA VAL B 283 -36.61 -11.42 -62.27
C VAL B 283 -35.82 -10.37 -63.04
N VAL B 284 -36.53 -9.43 -63.70
CA VAL B 284 -35.90 -8.29 -64.29
C VAL B 284 -36.43 -7.10 -63.54
N MET B 285 -35.56 -6.45 -62.78
CA MET B 285 -36.01 -5.27 -62.05
C MET B 285 -35.51 -3.99 -62.71
N MET B 286 -36.45 -3.28 -63.31
CA MET B 286 -36.17 -2.03 -63.90
C MET B 286 -36.03 -1.00 -62.82
N ALA B 287 -34.90 -0.29 -62.83
CA ALA B 287 -34.63 0.82 -61.91
C ALA B 287 -33.93 1.96 -62.67
N ILE B 288 -34.50 2.37 -63.80
CA ILE B 288 -33.80 3.23 -64.74
C ILE B 288 -34.15 4.65 -64.44
N GLY B 289 -34.92 4.88 -63.38
CA GLY B 289 -35.29 6.24 -63.07
C GLY B 289 -36.62 6.21 -62.35
N ARG B 290 -36.97 7.34 -61.77
CA ARG B 290 -38.28 7.60 -61.25
C ARG B 290 -38.77 8.92 -61.80
N ILE B 291 -40.03 8.97 -62.18
CA ILE B 291 -40.65 10.12 -62.80
C ILE B 291 -41.74 10.79 -61.88
N PRO B 292 -41.82 12.11 -61.93
CA PRO B 292 -42.77 12.83 -61.11
C PRO B 292 -44.15 12.26 -61.29
N ARG B 293 -44.90 12.17 -60.20
CA ARG B 293 -46.14 11.49 -60.25
C ARG B 293 -47.31 12.51 -60.41
N THR B 294 -47.46 13.02 -61.63
CA THR B 294 -48.36 14.16 -61.89
C THR B 294 -49.59 13.80 -62.74
N ASN B 295 -49.59 12.60 -63.30
CA ASN B 295 -50.59 12.20 -64.27
C ASN B 295 -52.01 12.11 -63.73
N ASP B 296 -52.16 11.72 -62.47
CA ASP B 296 -53.50 11.62 -61.85
C ASP B 296 -54.06 12.86 -61.23
N LEU B 297 -53.30 13.94 -61.22
CA LEU B 297 -53.65 15.12 -60.45
C LEU B 297 -54.60 16.07 -61.20
N GLN B 298 -54.88 15.78 -62.48
CA GLN B 298 -55.75 16.64 -63.33
C GLN B 298 -55.27 18.11 -63.33
N LEU B 299 -53.96 18.28 -63.36
CA LEU B 299 -53.40 19.64 -63.29
C LEU B 299 -53.89 20.53 -64.44
N GLY B 300 -54.50 19.90 -65.44
CA GLY B 300 -55.03 20.57 -66.63
C GLY B 300 -56.33 21.24 -66.23
N ASN B 301 -56.98 20.74 -65.20
CA ASN B 301 -58.12 21.43 -64.63
C ASN B 301 -57.77 22.82 -64.15
N VAL B 302 -56.56 23.05 -63.65
CA VAL B 302 -56.23 24.36 -63.15
C VAL B 302 -55.13 25.03 -63.94
N GLY B 303 -54.45 24.27 -64.81
CA GLY B 303 -53.32 24.77 -65.61
C GLY B 303 -52.02 24.98 -64.84
N VAL B 304 -51.75 24.13 -63.85
CA VAL B 304 -50.42 24.08 -63.22
C VAL B 304 -49.33 23.72 -64.25
N LYS B 305 -48.34 24.59 -64.46
CA LYS B 305 -47.26 24.33 -65.45
C LYS B 305 -46.31 23.16 -65.07
N LEU B 306 -46.04 22.28 -66.02
CA LEU B 306 -45.01 21.25 -65.84
C LEU B 306 -43.73 21.70 -66.54
N THR B 307 -42.58 21.23 -66.05
CA THR B 307 -41.33 21.52 -66.71
C THR B 307 -41.18 20.59 -67.93
N PRO B 308 -40.23 20.92 -68.85
CA PRO B 308 -39.93 20.03 -69.97
C PRO B 308 -39.98 18.56 -69.55
N LYS B 309 -39.28 18.18 -68.48
CA LYS B 309 -39.25 16.72 -68.13
C LYS B 309 -40.47 16.12 -67.38
N GLY B 310 -41.43 16.92 -66.93
CA GLY B 310 -42.64 16.35 -66.33
C GLY B 310 -42.82 16.65 -64.86
N GLY B 311 -41.86 17.30 -64.26
CA GLY B 311 -42.06 17.78 -62.88
C GLY B 311 -43.03 18.96 -62.82
N VAL B 312 -43.66 19.16 -61.67
CA VAL B 312 -44.42 20.40 -61.46
C VAL B 312 -43.44 21.52 -61.33
N GLN B 313 -43.59 22.53 -62.18
CA GLN B 313 -42.65 23.63 -62.15
C GLN B 313 -42.88 24.41 -60.87
N VAL B 314 -41.80 24.83 -60.21
CA VAL B 314 -41.90 25.58 -58.95
C VAL B 314 -40.84 26.67 -58.90
N ASP B 315 -41.09 27.70 -58.11
CA ASP B 315 -40.07 28.66 -57.84
C ASP B 315 -39.30 28.26 -56.58
N GLU B 316 -38.34 29.08 -56.18
CA GLU B 316 -37.51 28.74 -55.02
C GLU B 316 -38.35 28.52 -53.76
N PHE B 317 -39.57 29.10 -53.70
CA PHE B 317 -40.40 28.91 -52.48
C PHE B 317 -41.45 27.83 -52.73
N SER B 318 -41.26 27.05 -53.78
CA SER B 318 -42.17 25.93 -54.07
C SER B 318 -43.50 26.37 -54.61
N ARG B 319 -43.58 27.61 -55.12
CA ARG B 319 -44.88 28.08 -55.63
C ARG B 319 -44.97 27.68 -57.09
N THR B 320 -46.03 26.95 -57.45
CA THR B 320 -46.43 26.78 -58.86
C THR B 320 -46.79 28.13 -59.51
N ASN B 321 -47.02 28.10 -60.81
CA ASN B 321 -47.59 29.27 -61.50
C ASN B 321 -48.99 29.62 -61.02
N VAL B 322 -49.66 28.69 -60.37
CA VAL B 322 -51.01 28.97 -59.93
C VAL B 322 -50.97 29.42 -58.48
N PRO B 323 -51.46 30.66 -58.17
CA PRO B 323 -51.52 31.18 -56.77
C PRO B 323 -52.14 30.16 -55.80
N ASN B 324 -51.50 30.01 -54.62
CA ASN B 324 -51.99 29.08 -53.52
C ASN B 324 -51.90 27.58 -53.85
N ILE B 325 -51.25 27.26 -54.99
CA ILE B 325 -50.87 25.88 -55.34
C ILE B 325 -49.34 25.73 -55.33
N TYR B 326 -48.90 24.86 -54.43
CA TYR B 326 -47.49 24.64 -54.17
C TYR B 326 -47.18 23.16 -54.45
N ALA B 327 -45.92 22.90 -54.73
CA ALA B 327 -45.47 21.53 -54.92
C ALA B 327 -44.08 21.29 -54.25
N ILE B 328 -43.94 20.19 -53.55
CA ILE B 328 -42.64 19.85 -52.98
C ILE B 328 -42.37 18.38 -53.25
N GLY B 329 -41.10 18.01 -53.10
CA GLY B 329 -40.67 16.63 -53.11
C GLY B 329 -40.44 16.19 -54.53
N ASP B 330 -40.57 14.88 -54.72
CA ASP B 330 -40.14 14.26 -55.96
C ASP B 330 -40.93 14.78 -57.15
N ILE B 331 -42.16 15.17 -56.89
CA ILE B 331 -43.03 15.67 -57.94
C ILE B 331 -42.39 16.87 -58.63
N THR B 332 -41.53 17.63 -57.94
CA THR B 332 -40.79 18.72 -58.64
C THR B 332 -39.55 18.27 -59.42
N ASP B 333 -39.24 16.97 -59.38
CA ASP B 333 -38.15 16.40 -60.14
C ASP B 333 -36.83 17.13 -59.91
N ARG B 334 -36.45 17.31 -58.66
CA ARG B 334 -35.20 17.94 -58.32
C ARG B 334 -34.33 16.92 -57.64
N LEU B 335 -34.03 17.18 -56.37
CA LEU B 335 -33.36 16.17 -55.57
C LEU B 335 -34.40 15.16 -55.05
N MET B 336 -34.24 13.90 -55.44
CA MET B 336 -35.21 12.85 -55.04
C MET B 336 -34.72 12.17 -53.77
N LEU B 337 -34.87 12.94 -52.68
CA LEU B 337 -34.45 12.54 -51.36
C LEU B 337 -35.48 12.95 -50.28
N THR B 338 -35.74 12.03 -49.37
CA THR B 338 -36.66 12.25 -48.25
C THR B 338 -36.43 13.53 -47.45
N PRO B 339 -35.21 13.73 -46.91
CA PRO B 339 -34.87 14.92 -46.11
C PRO B 339 -35.06 16.20 -46.93
N VAL B 340 -34.86 16.08 -48.26
CA VAL B 340 -35.05 17.25 -49.13
C VAL B 340 -36.56 17.55 -49.19
N ALA B 341 -37.39 16.51 -49.37
CA ALA B 341 -38.86 16.71 -49.37
C ALA B 341 -39.32 17.33 -48.03
N ILE B 342 -38.76 16.87 -46.91
CA ILE B 342 -39.14 17.33 -45.57
C ILE B 342 -38.76 18.78 -45.41
N ASN B 343 -37.53 19.13 -45.77
CA ASN B 343 -37.09 20.51 -45.67
C ASN B 343 -37.97 21.43 -46.54
N GLU B 344 -38.26 21.00 -47.76
CA GLU B 344 -39.13 21.79 -48.66
C GLU B 344 -40.47 22.05 -48.06
N GLY B 345 -41.03 21.00 -47.50
CA GLY B 345 -42.34 21.06 -46.88
C GLY B 345 -42.34 22.00 -45.72
N ALA B 346 -41.28 21.93 -44.90
CA ALA B 346 -41.20 22.82 -43.74
C ALA B 346 -41.00 24.26 -44.20
N ALA B 347 -40.11 24.46 -45.17
CA ALA B 347 -39.78 25.78 -45.58
C ALA B 347 -41.04 26.36 -46.13
N LEU B 348 -41.83 25.54 -46.85
CA LEU B 348 -43.06 26.03 -47.46
C LEU B 348 -44.07 26.56 -46.43
N VAL B 349 -44.33 25.76 -45.38
CA VAL B 349 -45.30 26.11 -44.37
C VAL B 349 -44.90 27.36 -43.55
N ASP B 350 -43.68 27.37 -43.06
CA ASP B 350 -43.04 28.54 -42.56
C ASP B 350 -43.23 29.83 -43.39
N THR B 351 -43.15 29.73 -44.72
CA THR B 351 -43.31 30.88 -45.62
C THR B 351 -44.77 31.24 -45.69
N VAL B 352 -45.58 30.24 -46.01
CA VAL B 352 -46.99 30.48 -46.23
C VAL B 352 -47.70 30.85 -44.95
N PHE B 353 -47.46 30.11 -43.87
CA PHE B 353 -48.16 30.41 -42.62
C PHE B 353 -47.36 31.14 -41.57
N GLY B 354 -46.04 31.18 -41.66
CA GLY B 354 -45.25 31.86 -40.65
C GLY B 354 -44.98 33.27 -41.12
N ASN B 355 -44.52 34.11 -40.20
CA ASN B 355 -44.12 35.48 -40.59
C ASN B 355 -42.99 35.55 -41.62
N LYS B 356 -42.19 34.48 -41.76
CA LYS B 356 -40.90 34.59 -42.48
C LYS B 356 -40.63 33.56 -43.59
N PRO B 357 -40.50 34.05 -44.83
CA PRO B 357 -40.23 33.18 -45.96
C PRO B 357 -38.93 32.38 -45.74
N ARG B 358 -38.97 31.12 -46.14
CA ARG B 358 -37.84 30.22 -46.05
C ARG B 358 -37.80 29.41 -47.35
N LYS B 359 -36.60 29.29 -47.92
CA LYS B 359 -36.43 28.55 -49.14
C LYS B 359 -35.40 27.42 -48.88
N THR B 360 -35.66 26.23 -49.42
CA THR B 360 -34.78 25.07 -49.21
C THR B 360 -33.54 25.24 -50.05
N ASP B 361 -32.40 24.90 -49.47
CA ASP B 361 -31.13 25.02 -50.17
C ASP B 361 -30.80 23.64 -50.72
N HIS B 362 -30.71 23.53 -52.04
CA HIS B 362 -30.56 22.26 -52.73
C HIS B 362 -29.08 22.00 -53.00
N THR B 363 -28.21 22.92 -52.55
CA THR B 363 -26.80 22.66 -52.67
C THR B 363 -26.27 22.01 -51.41
N ARG B 364 -25.20 21.23 -51.58
CA ARG B 364 -24.50 20.68 -50.45
C ARG B 364 -25.45 19.83 -49.62
N VAL B 365 -26.31 19.13 -50.30
CA VAL B 365 -27.17 18.16 -49.58
C VAL B 365 -26.40 16.84 -49.50
N ALA B 366 -26.16 16.35 -48.27
CA ALA B 366 -25.42 15.10 -48.14
C ALA B 366 -26.36 13.97 -48.47
N SER B 367 -25.84 12.92 -49.10
CA SER B 367 -26.66 11.81 -49.42
C SER B 367 -25.81 10.57 -49.38
N ALA B 368 -26.44 9.40 -49.61
CA ALA B 368 -25.82 8.07 -49.43
C ALA B 368 -26.42 7.10 -50.41
N VAL B 369 -25.57 6.21 -50.88
CA VAL B 369 -25.96 4.93 -51.49
C VAL B 369 -25.63 3.80 -50.56
N PHE B 370 -26.62 2.92 -50.24
CA PHE B 370 -26.35 1.75 -49.45
C PHE B 370 -25.92 0.56 -50.29
N SER B 371 -25.00 0.86 -51.20
CA SER B 371 -24.26 -0.20 -51.81
C SER B 371 -23.45 -0.88 -50.69
N ILE B 372 -22.94 -2.04 -51.03
CA ILE B 372 -22.02 -2.72 -50.18
C ILE B 372 -20.68 -2.78 -50.95
N PRO B 373 -19.67 -2.07 -50.42
CA PRO B 373 -19.77 -0.99 -49.39
C PRO B 373 -20.40 0.35 -49.82
N PRO B 374 -20.80 1.14 -48.84
CA PRO B 374 -21.73 2.22 -49.17
C PRO B 374 -20.99 3.48 -49.50
N ILE B 375 -21.70 4.42 -50.06
CA ILE B 375 -21.14 5.70 -50.42
C ILE B 375 -21.79 6.78 -49.55
N GLY B 376 -21.00 7.81 -49.19
CA GLY B 376 -21.58 8.99 -48.58
C GLY B 376 -20.96 10.19 -49.28
N THR B 377 -21.77 11.16 -49.67
CA THR B 377 -21.29 12.28 -50.45
C THR B 377 -21.97 13.57 -50.05
N CYS B 378 -21.24 14.66 -50.14
CA CYS B 378 -21.89 15.92 -49.97
C CYS B 378 -21.23 16.94 -50.88
N GLY B 379 -22.07 17.67 -51.63
CA GLY B 379 -21.56 18.77 -52.45
C GLY B 379 -21.00 18.22 -53.74
N LEU B 380 -20.07 18.95 -54.33
CA LEU B 380 -19.77 18.78 -55.77
C LEU B 380 -18.77 17.76 -56.13
N ILE B 381 -19.08 16.99 -57.15
CA ILE B 381 -18.04 16.15 -57.75
C ILE B 381 -17.04 17.06 -58.48
N GLU B 382 -15.80 16.60 -58.62
CA GLU B 382 -14.79 17.43 -59.24
C GLU B 382 -15.01 17.91 -60.72
N GLU B 383 -15.71 17.14 -61.55
CA GLU B 383 -15.98 17.60 -62.92
C GLU B 383 -17.04 18.68 -62.95
N VAL B 384 -17.93 18.70 -61.96
CA VAL B 384 -18.91 19.78 -61.88
C VAL B 384 -18.20 21.02 -61.29
N ALA B 385 -17.31 20.79 -60.31
CA ALA B 385 -16.51 21.84 -59.67
C ALA B 385 -15.66 22.56 -60.72
N ALA B 386 -15.03 21.79 -61.58
CA ALA B 386 -14.07 22.32 -62.55
C ALA B 386 -14.76 23.19 -63.63
N LYS B 387 -16.09 23.21 -63.71
CA LYS B 387 -16.80 24.13 -64.62
C LYS B 387 -17.10 25.50 -64.01
N GLU B 388 -16.96 25.57 -62.69
CA GLU B 388 -17.43 26.73 -61.98
C GLU B 388 -16.31 27.36 -61.18
N PHE B 389 -15.08 26.84 -61.26
CA PHE B 389 -13.96 27.43 -60.52
C PHE B 389 -12.69 27.22 -61.29
N GLU B 390 -11.89 28.29 -61.38
CA GLU B 390 -10.64 28.25 -62.16
C GLU B 390 -9.72 27.15 -61.69
N LYS B 391 -9.53 27.08 -60.38
CA LYS B 391 -8.69 26.07 -59.76
C LYS B 391 -9.46 25.21 -58.79
N VAL B 392 -9.39 23.90 -59.05
CA VAL B 392 -10.00 22.86 -58.22
C VAL B 392 -8.88 21.99 -57.76
N ALA B 393 -8.79 21.73 -56.45
CA ALA B 393 -7.82 20.75 -55.98
C ALA B 393 -8.62 19.57 -55.54
N VAL B 394 -8.00 18.41 -55.74
CA VAL B 394 -8.60 17.15 -55.35
C VAL B 394 -7.66 16.44 -54.39
N TYR B 395 -8.13 16.17 -53.17
CA TYR B 395 -7.40 15.44 -52.17
C TYR B 395 -8.03 14.05 -52.15
N MET B 396 -7.18 13.03 -52.16
CA MET B 396 -7.68 11.67 -52.30
C MET B 396 -6.89 10.72 -51.44
N SER B 397 -7.63 9.90 -50.72
CA SER B 397 -7.04 8.82 -50.00
C SER B 397 -7.84 7.56 -50.35
N SER B 398 -7.12 6.55 -50.77
CA SER B 398 -7.69 5.31 -51.20
C SER B 398 -6.81 4.21 -50.65
N PHE B 399 -7.39 3.28 -49.89
CA PHE B 399 -6.61 2.15 -49.35
C PHE B 399 -7.60 1.16 -48.73
N THR B 400 -7.21 -0.11 -48.69
CA THR B 400 -7.88 -1.12 -47.90
C THR B 400 -7.61 -0.86 -46.43
N PRO B 401 -8.66 -0.65 -45.64
CA PRO B 401 -8.37 -0.57 -44.20
C PRO B 401 -7.84 -1.92 -43.67
N LEU B 402 -7.01 -1.84 -42.64
CA LEU B 402 -6.39 -2.98 -42.05
C LEU B 402 -7.42 -4.08 -41.77
N MET B 403 -8.54 -3.72 -41.15
CA MET B 403 -9.55 -4.72 -40.82
C MET B 403 -9.95 -5.56 -42.02
N HIS B 404 -9.94 -4.95 -43.22
CA HIS B 404 -10.24 -5.70 -44.41
C HIS B 404 -9.07 -6.46 -45.00
N ASN B 405 -7.84 -6.12 -44.64
CA ASN B 405 -6.77 -7.14 -44.85
C ASN B 405 -6.90 -8.34 -43.92
N ILE B 406 -7.44 -8.14 -42.74
CA ILE B 406 -7.60 -9.28 -41.86
C ILE B 406 -8.86 -10.06 -42.23
N SER B 407 -9.92 -9.35 -42.55
CA SER B 407 -11.19 -9.99 -42.93
C SER B 407 -11.07 -10.88 -44.16
N GLY B 408 -10.18 -10.56 -45.06
CA GLY B 408 -10.08 -11.30 -46.28
C GLY B 408 -10.80 -10.57 -47.40
N SER B 409 -11.59 -9.54 -47.08
CA SER B 409 -12.19 -8.73 -48.15
C SER B 409 -11.18 -7.67 -48.64
N LYS B 410 -10.09 -8.12 -49.26
CA LYS B 410 -8.99 -7.18 -49.60
C LYS B 410 -9.45 -6.12 -50.60
N TYR B 411 -10.41 -6.46 -51.42
CA TYR B 411 -10.92 -5.57 -52.41
C TYR B 411 -11.66 -4.35 -51.81
N LYS B 412 -11.95 -4.33 -50.52
CA LYS B 412 -12.73 -3.25 -49.96
C LYS B 412 -11.92 -2.03 -49.71
N LYS B 413 -11.52 -1.35 -50.75
CA LYS B 413 -10.76 -0.10 -50.52
C LYS B 413 -11.70 1.00 -49.97
N PHE B 414 -11.17 1.79 -49.06
CA PHE B 414 -11.89 2.90 -48.58
C PHE B 414 -11.45 4.13 -49.44
N VAL B 415 -12.42 4.90 -49.98
CA VAL B 415 -12.04 6.07 -50.76
C VAL B 415 -12.56 7.33 -50.03
N ALA B 416 -11.64 8.25 -49.76
CA ALA B 416 -12.01 9.61 -49.23
C ALA B 416 -11.43 10.64 -50.18
N LYS B 417 -12.31 11.51 -50.70
CA LYS B 417 -11.92 12.56 -51.65
C LYS B 417 -12.53 13.89 -51.21
N ILE B 418 -11.71 14.91 -51.09
CA ILE B 418 -12.20 16.25 -50.79
C ILE B 418 -11.92 17.15 -51.98
N VAL B 419 -12.96 17.84 -52.48
CA VAL B 419 -12.77 18.69 -53.68
C VAL B 419 -12.78 20.11 -53.21
N THR B 420 -11.74 20.86 -53.54
CA THR B 420 -11.77 22.27 -53.09
C THR B 420 -11.77 23.27 -54.21
N ASN B 421 -12.20 24.50 -53.91
CA ASN B 421 -11.82 25.65 -54.67
C ASN B 421 -10.41 25.99 -54.20
N HIS B 422 -9.42 25.70 -55.02
CA HIS B 422 -8.07 25.79 -54.60
C HIS B 422 -7.66 27.26 -54.42
N SER B 423 -8.42 28.19 -55.02
CA SER B 423 -8.13 29.62 -54.86
C SER B 423 -8.23 30.07 -53.41
N ASP B 424 -9.20 29.53 -52.67
CA ASP B 424 -9.37 29.94 -51.30
C ASP B 424 -9.43 28.77 -50.32
N GLY B 425 -9.20 27.55 -50.79
CA GLY B 425 -9.29 26.38 -49.95
C GLY B 425 -10.71 25.95 -49.55
N THR B 426 -11.79 26.55 -50.09
CA THR B 426 -13.13 26.18 -49.65
C THR B 426 -13.42 24.75 -50.08
N VAL B 427 -13.87 23.93 -49.13
CA VAL B 427 -14.30 22.59 -49.46
C VAL B 427 -15.59 22.67 -50.24
N LEU B 428 -15.59 22.14 -51.44
CA LEU B 428 -16.76 22.17 -52.34
C LEU B 428 -17.50 20.85 -52.32
N GLY B 429 -16.77 19.77 -52.07
CA GLY B 429 -17.43 18.47 -52.04
C GLY B 429 -16.60 17.45 -51.31
N VAL B 430 -17.28 16.48 -50.71
CA VAL B 430 -16.60 15.39 -50.01
C VAL B 430 -17.33 14.11 -50.41
N HIS B 431 -16.54 13.09 -50.81
CA HIS B 431 -17.04 11.85 -51.39
C HIS B 431 -16.29 10.69 -50.76
N LEU B 432 -17.05 9.74 -50.26
CA LEU B 432 -16.61 8.66 -49.41
C LEU B 432 -17.19 7.37 -49.95
N LEU B 433 -16.36 6.35 -49.91
CA LEU B 433 -16.78 4.95 -50.19
C LEU B 433 -16.15 4.08 -49.11
N GLY B 434 -16.94 3.21 -48.48
CA GLY B 434 -16.41 2.31 -47.44
C GLY B 434 -17.36 2.19 -46.26
N ASP B 435 -17.15 1.23 -45.37
CA ASP B 435 -18.10 1.08 -44.23
C ASP B 435 -18.22 2.42 -43.47
N GLY B 436 -19.45 2.85 -43.18
CA GLY B 436 -19.69 4.06 -42.35
C GLY B 436 -19.74 5.34 -43.13
N ALA B 437 -19.41 5.28 -44.41
CA ALA B 437 -19.46 6.48 -45.23
C ALA B 437 -20.73 7.33 -45.09
N PRO B 438 -21.96 6.74 -45.07
CA PRO B 438 -23.15 7.57 -44.83
C PRO B 438 -23.23 8.22 -43.45
N GLU B 439 -22.63 7.59 -42.44
CA GLU B 439 -22.55 8.16 -41.08
C GLU B 439 -21.48 9.23 -41.05
N ILE B 440 -20.34 8.93 -41.63
CA ILE B 440 -19.25 9.92 -41.70
C ILE B 440 -19.76 11.22 -42.24
N ILE B 441 -20.62 11.14 -43.28
CA ILE B 441 -20.82 12.32 -44.09
C ILE B 441 -21.80 13.28 -43.51
N GLN B 442 -22.57 12.90 -42.48
CA GLN B 442 -23.65 13.79 -42.08
C GLN B 442 -23.07 15.12 -41.60
N ALA B 443 -22.12 15.04 -40.65
CA ALA B 443 -21.50 16.22 -40.07
C ALA B 443 -20.67 17.02 -41.06
N VAL B 444 -20.18 16.38 -42.11
CA VAL B 444 -19.58 17.02 -43.25
C VAL B 444 -20.59 17.97 -43.94
N GLY B 445 -21.83 17.56 -44.07
CA GLY B 445 -22.95 18.44 -44.50
C GLY B 445 -23.00 19.72 -43.70
N VAL B 446 -22.79 19.59 -42.40
CA VAL B 446 -22.74 20.76 -41.54
C VAL B 446 -21.41 21.55 -41.80
N CYS B 447 -20.27 20.87 -42.03
CA CYS B 447 -19.02 21.60 -42.28
C CYS B 447 -19.15 22.54 -43.45
N LEU B 448 -19.82 22.08 -44.50
CA LEU B 448 -20.01 22.83 -45.77
C LEU B 448 -20.89 24.05 -45.56
N ARG B 449 -21.66 24.06 -44.46
CA ARG B 449 -22.49 25.20 -44.09
CA ARG B 449 -22.49 25.20 -44.10
C ARG B 449 -21.73 26.17 -43.18
N LEU B 450 -20.51 25.81 -42.80
CA LEU B 450 -19.64 26.73 -42.05
C LEU B 450 -18.42 27.19 -42.89
N ASN B 451 -18.61 27.33 -44.21
CA ASN B 451 -17.50 27.68 -45.09
C ASN B 451 -16.21 26.90 -44.68
N ALA B 452 -16.31 25.62 -44.41
CA ALA B 452 -15.08 24.94 -44.03
C ALA B 452 -14.12 24.96 -45.20
N LYS B 453 -12.85 25.17 -44.87
CA LYS B 453 -11.80 25.05 -45.82
C LYS B 453 -11.05 23.78 -45.56
N ILE B 454 -10.15 23.42 -46.48
CA ILE B 454 -9.40 22.18 -46.38
C ILE B 454 -8.53 22.21 -45.11
N SER B 455 -8.01 23.39 -44.76
CA SER B 455 -7.23 23.51 -43.53
C SER B 455 -8.11 23.39 -42.26
N ASP B 456 -9.41 23.70 -42.31
CA ASP B 456 -10.24 23.42 -41.14
C ASP B 456 -10.35 21.90 -40.93
N PHE B 457 -10.44 21.14 -42.01
CA PHE B 457 -10.39 19.66 -41.87
C PHE B 457 -9.05 19.16 -41.34
N TYR B 458 -7.97 19.59 -41.98
CA TYR B 458 -6.61 19.23 -41.66
C TYR B 458 -6.18 19.59 -40.23
N ASN B 459 -6.61 20.73 -39.70
CA ASN B 459 -6.24 21.14 -38.37
C ASN B 459 -7.16 20.63 -37.31
N THR B 460 -8.16 19.89 -37.70
CA THR B 460 -9.00 19.28 -36.70
C THR B 460 -8.28 17.98 -36.26
N ILE B 461 -8.32 17.72 -34.96
CA ILE B 461 -7.68 16.55 -34.44
C ILE B 461 -8.52 15.33 -34.77
N GLY B 462 -7.86 14.31 -35.33
CA GLY B 462 -8.54 13.10 -35.73
C GLY B 462 -9.03 12.29 -34.55
N VAL B 463 -10.02 11.43 -34.80
CA VAL B 463 -10.45 10.40 -33.87
C VAL B 463 -9.79 9.11 -34.37
N HIS B 464 -8.97 8.46 -33.55
CA HIS B 464 -8.19 7.30 -34.04
C HIS B 464 -8.52 6.07 -33.19
N PRO B 465 -8.65 4.88 -33.83
CA PRO B 465 -8.59 4.71 -35.28
C PRO B 465 -9.97 4.64 -35.94
N THR B 466 -10.12 5.33 -37.06
CA THR B 466 -11.44 5.35 -37.74
C THR B 466 -11.09 5.63 -39.19
N SER B 467 -11.96 5.27 -40.11
CA SER B 467 -11.83 5.78 -41.48
C SER B 467 -12.02 7.28 -41.58
N ALA B 468 -12.99 7.84 -40.82
CA ALA B 468 -13.33 9.29 -40.90
C ALA B 468 -12.13 10.17 -40.79
N GLU B 469 -11.17 9.75 -39.98
CA GLU B 469 -10.05 10.58 -39.68
C GLU B 469 -9.22 10.86 -40.97
N GLU B 470 -9.36 10.00 -41.99
CA GLU B 470 -8.69 10.23 -43.26
C GLU B 470 -9.00 11.61 -43.76
N LEU B 471 -10.16 12.14 -43.38
CA LEU B 471 -10.63 13.45 -43.81
C LEU B 471 -9.88 14.61 -43.18
N CYS B 472 -9.37 14.42 -41.95
CA CYS B 472 -8.58 15.38 -41.24
C CYS B 472 -7.10 15.21 -41.43
N SER B 473 -6.73 14.40 -42.40
CA SER B 473 -5.33 14.11 -42.66
C SER B 473 -4.85 14.42 -44.06
N MET B 474 -5.64 15.10 -44.85
CA MET B 474 -5.26 15.34 -46.23
C MET B 474 -4.87 16.82 -46.33
N ARG B 475 -3.60 17.04 -46.67
CA ARG B 475 -3.00 18.36 -46.65
C ARG B 475 -2.51 18.74 -48.06
N THR B 476 -2.22 17.74 -48.90
CA THR B 476 -1.61 18.01 -50.18
C THR B 476 -2.52 17.46 -51.25
N PRO B 477 -2.95 18.31 -52.25
CA PRO B 477 -3.81 17.81 -53.36
C PRO B 477 -3.10 16.73 -54.13
N SER B 478 -3.87 15.81 -54.65
CA SER B 478 -3.38 14.73 -55.43
C SER B 478 -3.24 15.24 -56.85
N TYR B 479 -4.12 16.12 -57.23
CA TYR B 479 -4.07 16.69 -58.53
C TYR B 479 -5.06 17.84 -58.56
N TYR B 480 -5.29 18.41 -59.74
CA TYR B 480 -6.02 19.67 -59.93
C TYR B 480 -6.83 19.69 -61.18
N TYR B 481 -7.80 20.60 -61.19
CA TYR B 481 -8.34 21.11 -62.41
C TYR B 481 -7.99 22.58 -62.53
N VAL B 482 -7.26 22.91 -63.58
CA VAL B 482 -7.11 24.31 -64.00
C VAL B 482 -7.99 24.62 -65.25
N LYS B 483 -8.92 25.55 -65.09
CA LYS B 483 -9.87 25.88 -66.17
C LYS B 483 -10.47 24.61 -66.80
N GLY B 484 -10.96 23.70 -65.98
CA GLY B 484 -11.60 22.49 -66.50
C GLY B 484 -10.59 21.44 -66.95
N GLU B 485 -9.31 21.74 -66.84
CA GLU B 485 -8.36 20.78 -67.31
C GLU B 485 -7.73 20.02 -66.17
N LYS B 486 -7.80 18.69 -66.23
CA LYS B 486 -7.27 17.83 -65.19
C LYS B 486 -5.77 17.76 -65.30
N MET B 487 -5.05 18.04 -64.22
CA MET B 487 -3.58 17.96 -64.22
C MET B 487 -2.96 17.75 -62.86
N GLU B 488 -1.90 16.97 -62.81
CA GLU B 488 -1.30 16.58 -61.55
C GLU B 488 -0.64 17.68 -60.73
N LYS B 489 -0.22 18.75 -61.40
CA LYS B 489 0.57 19.82 -60.81
C LYS B 489 0.04 21.15 -61.36
N LEU B 490 -0.02 22.19 -60.53
CA LEU B 490 -0.74 23.42 -60.95
C LEU B 490 0.02 24.22 -62.05
N PRO B 491 -0.70 25.10 -62.76
CA PRO B 491 -0.11 25.97 -63.80
C PRO B 491 0.03 27.43 -63.30
N LYS C 6 -23.25 11.69 29.67
CA LYS C 6 -22.97 13.06 30.19
C LYS C 6 -21.80 13.72 29.49
N ALA C 7 -21.33 14.79 30.15
CA ALA C 7 -20.30 15.68 29.67
C ALA C 7 -19.15 15.55 30.67
N PHE C 8 -17.91 15.63 30.19
CA PHE C 8 -16.71 15.40 31.04
C PHE C 8 -15.62 16.39 30.73
N ASP C 9 -14.77 16.64 31.71
CA ASP C 9 -13.60 17.46 31.45
C ASP C 9 -12.71 16.71 30.48
N LEU C 10 -12.69 15.38 30.60
CA LEU C 10 -11.75 14.56 29.86
C LEU C 10 -12.39 13.24 29.51
N VAL C 11 -12.38 12.95 28.21
CA VAL C 11 -12.75 11.62 27.75
C VAL C 11 -11.53 10.89 27.17
N VAL C 12 -11.22 9.74 27.77
CA VAL C 12 -10.04 8.97 27.35
C VAL C 12 -10.52 7.77 26.55
N ILE C 13 -10.02 7.63 25.33
CA ILE C 13 -10.35 6.48 24.54
C ILE C 13 -9.17 5.49 24.70
N GLY C 14 -9.41 4.40 25.44
CA GLY C 14 -8.32 3.39 25.77
C GLY C 14 -7.97 3.45 27.24
N ALA C 15 -8.44 2.46 28.01
CA ALA C 15 -8.11 2.29 29.41
C ALA C 15 -6.76 1.58 29.59
N GLY C 16 -5.74 2.09 28.93
CA GLY C 16 -4.46 1.43 28.93
C GLY C 16 -3.41 2.13 29.75
N SER C 17 -2.14 1.91 29.41
CA SER C 17 -1.05 2.44 30.22
C SER C 17 -1.11 3.96 30.24
N GLY C 18 -1.35 4.59 29.11
CA GLY C 18 -1.27 6.07 29.06
C GLY C 18 -2.59 6.66 29.51
N GLY C 19 -3.64 6.04 29.01
CA GLY C 19 -5.00 6.37 29.33
C GLY C 19 -5.33 6.35 30.82
N LEU C 20 -4.97 5.27 31.51
CA LEU C 20 -5.29 5.21 32.92
C LEU C 20 -4.43 6.16 33.72
N GLU C 21 -3.21 6.43 33.28
CA GLU C 21 -2.42 7.41 34.00
C GLU C 21 -3.10 8.77 33.94
N ALA C 22 -3.44 9.18 32.72
CA ALA C 22 -4.06 10.45 32.46
C ALA C 22 -5.42 10.53 33.18
N GLY C 23 -6.30 9.57 32.95
CA GLY C 23 -7.56 9.51 33.63
C GLY C 23 -7.47 9.65 35.16
N TRP C 24 -6.62 8.81 35.75
CA TRP C 24 -6.51 8.73 37.19
C TRP C 24 -6.06 10.10 37.71
N ASN C 25 -4.98 10.63 37.13
CA ASN C 25 -4.44 11.93 37.51
C ASN C 25 -5.36 13.14 37.37
N ALA C 26 -6.20 13.13 36.34
CA ALA C 26 -7.11 14.22 36.12
C ALA C 26 -8.23 14.16 37.17
N ALA C 27 -8.79 12.95 37.39
CA ALA C 27 -9.78 12.73 38.43
C ALA C 27 -9.23 13.05 39.84
N THR C 28 -8.16 12.35 40.25
CA THR C 28 -7.66 12.43 41.60
C THR C 28 -6.74 13.58 41.86
N LEU C 29 -5.98 14.09 40.90
CA LEU C 29 -5.11 15.24 41.24
C LEU C 29 -5.74 16.59 40.93
N TYR C 30 -6.63 16.60 39.96
CA TYR C 30 -7.18 17.88 39.52
C TYR C 30 -8.69 17.98 39.65
N GLY C 31 -9.31 17.01 40.32
CA GLY C 31 -10.72 16.99 40.57
C GLY C 31 -11.59 17.02 39.34
N LYS C 32 -11.03 16.68 38.17
CA LYS C 32 -11.75 16.67 36.90
C LYS C 32 -12.70 15.50 36.76
N ARG C 33 -13.69 15.70 35.89
CA ARG C 33 -14.74 14.72 35.62
C ARG C 33 -14.15 13.92 34.46
N VAL C 34 -13.95 12.62 34.66
CA VAL C 34 -13.22 11.86 33.62
C VAL C 34 -13.98 10.67 33.12
N ALA C 35 -14.04 10.53 31.80
CA ALA C 35 -14.57 9.28 31.26
C ALA C 35 -13.48 8.55 30.49
N VAL C 36 -13.41 7.23 30.69
CA VAL C 36 -12.40 6.34 30.07
C VAL C 36 -13.13 5.20 29.41
N VAL C 37 -12.77 4.90 28.17
CA VAL C 37 -13.52 3.92 27.40
C VAL C 37 -12.57 2.80 27.01
N ASP C 38 -13.01 1.57 27.20
CA ASP C 38 -12.26 0.47 26.65
C ASP C 38 -13.26 -0.57 26.22
N VAL C 39 -12.77 -1.52 25.41
CA VAL C 39 -13.63 -2.45 24.73
C VAL C 39 -13.93 -3.69 25.56
N GLN C 40 -13.18 -3.93 26.64
CA GLN C 40 -13.33 -5.17 27.41
C GLN C 40 -12.86 -4.79 28.78
N THR C 41 -13.53 -5.33 29.78
CA THR C 41 -13.12 -5.06 31.16
C THR C 41 -12.07 -6.08 31.65
N SER C 42 -11.98 -7.23 31.00
CA SER C 42 -10.93 -8.19 31.41
C SER C 42 -10.24 -8.91 30.23
N HIS C 43 -9.12 -9.58 30.49
CA HIS C 43 -8.18 -9.98 29.46
C HIS C 43 -8.69 -11.11 28.59
N GLY C 44 -8.20 -11.17 27.35
CA GLY C 44 -8.25 -12.39 26.56
C GLY C 44 -9.16 -12.22 25.38
N PRO C 45 -9.44 -13.32 24.66
CA PRO C 45 -10.34 -13.23 23.50
C PRO C 45 -11.67 -12.71 23.99
N PRO C 46 -12.43 -12.00 23.12
CA PRO C 46 -12.08 -11.67 21.74
C PRO C 46 -11.10 -10.54 21.55
N PHE C 47 -11.02 -9.58 22.44
CA PHE C 47 -10.31 -8.32 22.06
C PHE C 47 -8.89 -8.19 22.68
N TYR C 48 -8.55 -9.18 23.50
CA TYR C 48 -7.21 -9.34 24.08
C TYR C 48 -6.83 -8.27 25.09
N ALA C 49 -6.47 -7.09 24.59
CA ALA C 49 -6.27 -5.93 25.43
C ALA C 49 -7.59 -5.59 26.09
N ALA C 50 -7.55 -4.99 27.27
CA ALA C 50 -8.78 -4.73 28.00
C ALA C 50 -8.43 -3.64 28.98
N LEU C 51 -9.30 -3.43 29.95
CA LEU C 51 -9.05 -2.51 31.04
C LEU C 51 -7.66 -2.81 31.62
N GLY C 52 -6.86 -1.78 31.84
CA GLY C 52 -5.43 -2.01 32.14
C GLY C 52 -4.48 -1.81 30.97
N GLY C 53 -4.92 -2.13 29.74
CA GLY C 53 -4.08 -1.85 28.61
C GLY C 53 -3.42 -3.11 28.07
N THR C 54 -2.57 -2.92 27.08
CA THR C 54 -1.85 -4.03 26.44
C THR C 54 -0.84 -4.66 27.39
N CYS C 55 -0.21 -3.82 28.18
CA CYS C 55 0.85 -4.25 29.06
C CYS C 55 0.31 -5.20 30.12
N VAL C 56 -0.81 -4.82 30.71
CA VAL C 56 -1.43 -5.58 31.77
C VAL C 56 -1.99 -6.89 31.20
N ASN C 57 -2.54 -6.86 29.97
CA ASN C 57 -3.39 -7.95 29.57
C ASN C 57 -2.67 -8.89 28.66
N VAL C 58 -1.88 -8.35 27.73
CA VAL C 58 -1.22 -9.21 26.72
C VAL C 58 0.10 -8.56 26.38
N GLY C 59 0.82 -8.16 27.43
CA GLY C 59 2.04 -7.41 27.20
C GLY C 59 3.01 -7.72 28.32
N CYS C 60 3.57 -6.65 28.88
CA CYS C 60 4.77 -6.75 29.77
C CYS C 60 4.46 -7.73 30.93
N VAL C 61 3.27 -7.58 31.54
CA VAL C 61 2.97 -8.30 32.76
C VAL C 61 2.90 -9.81 32.47
N PRO C 62 1.94 -10.24 31.64
CA PRO C 62 1.94 -11.65 31.44
C PRO C 62 3.24 -12.14 30.80
N LYS C 63 3.90 -11.40 29.87
CA LYS C 63 5.09 -12.01 29.33
C LYS C 63 6.20 -12.20 30.38
N LYS C 64 6.37 -11.24 31.28
CA LYS C 64 7.40 -11.39 32.30
C LYS C 64 7.16 -12.65 33.18
N LEU C 65 5.90 -12.97 33.43
CA LEU C 65 5.55 -14.12 34.26
C LEU C 65 5.89 -15.37 33.48
N MET C 66 5.64 -15.31 32.19
CA MET C 66 5.91 -16.40 31.29
C MET C 66 7.40 -16.61 31.06
N VAL C 67 8.16 -15.53 30.98
CA VAL C 67 9.60 -15.67 30.90
C VAL C 67 10.14 -16.17 32.22
N THR C 68 9.68 -15.61 33.32
CA THR C 68 10.02 -16.12 34.61
C THR C 68 9.77 -17.62 34.64
N GLY C 69 8.62 -18.06 34.11
CA GLY C 69 8.29 -19.46 33.95
C GLY C 69 9.33 -20.20 33.15
N ALA C 70 9.70 -19.63 31.99
CA ALA C 70 10.69 -20.30 31.14
C ALA C 70 12.09 -20.41 31.76
N GLN C 71 12.46 -19.47 32.62
CA GLN C 71 13.72 -19.52 33.32
C GLN C 71 13.94 -20.80 34.15
N TYR C 72 12.89 -21.41 34.66
CA TYR C 72 13.10 -22.61 35.44
C TYR C 72 13.68 -23.74 34.58
N MET C 73 13.51 -23.71 33.28
CA MET C 73 14.22 -24.69 32.45
C MET C 73 15.70 -24.57 32.79
N ASP C 74 16.22 -23.35 32.76
CA ASP C 74 17.65 -23.18 33.05
C ASP C 74 17.92 -23.49 34.54
N HIS C 75 17.06 -22.99 35.43
CA HIS C 75 17.28 -23.21 36.85
C HIS C 75 17.38 -24.69 37.19
N LEU C 76 16.49 -25.49 36.62
CA LEU C 76 16.46 -26.89 37.05
C LEU C 76 17.73 -27.52 36.59
N ARG C 77 18.15 -27.17 35.39
CA ARG C 77 19.34 -27.81 34.82
C ARG C 77 20.58 -27.31 35.62
N GLU C 78 20.63 -26.00 35.86
CA GLU C 78 21.80 -25.41 36.48
C GLU C 78 21.96 -25.80 37.96
N SER C 79 20.86 -26.19 38.63
CA SER C 79 20.93 -26.65 40.04
C SER C 79 21.93 -27.81 40.29
N ALA C 80 22.02 -28.75 39.35
CA ALA C 80 22.90 -29.94 39.42
C ALA C 80 24.34 -29.57 39.72
N GLY C 81 24.77 -28.43 39.15
CA GLY C 81 26.09 -27.93 39.33
C GLY C 81 26.36 -27.58 40.75
N PHE C 82 25.30 -27.25 41.50
CA PHE C 82 25.40 -26.83 42.88
C PHE C 82 24.99 -27.91 43.81
N GLY C 83 24.93 -29.14 43.30
CA GLY C 83 24.67 -30.29 44.08
C GLY C 83 23.21 -30.63 44.21
N TRP C 84 22.31 -30.01 43.44
CA TRP C 84 20.90 -30.43 43.52
C TRP C 84 20.71 -31.70 42.75
N GLU C 85 20.02 -32.66 43.38
CA GLU C 85 19.81 -33.97 42.80
C GLU C 85 18.32 -34.26 42.81
N PHE C 86 17.86 -34.78 41.69
CA PHE C 86 16.44 -35.09 41.59
C PHE C 86 16.25 -35.80 40.30
N ASP C 87 15.14 -36.51 40.21
CA ASP C 87 14.84 -37.31 39.03
C ASP C 87 14.59 -36.43 37.79
N GLY C 88 15.67 -36.15 37.04
CA GLY C 88 15.60 -35.34 35.82
C GLY C 88 14.57 -35.88 34.85
N SER C 89 14.39 -37.21 34.81
CA SER C 89 13.42 -37.76 33.88
C SER C 89 11.98 -37.43 34.24
N SER C 90 11.73 -36.98 35.46
CA SER C 90 10.35 -36.75 35.91
C SER C 90 9.87 -35.34 35.62
N VAL C 91 10.76 -34.54 35.03
CA VAL C 91 10.49 -33.12 34.84
C VAL C 91 9.51 -32.84 33.67
N LYS C 92 8.49 -32.04 33.91
CA LYS C 92 7.62 -31.66 32.83
C LYS C 92 7.30 -30.15 33.01
N ALA C 93 7.24 -29.46 31.89
CA ALA C 93 6.90 -28.08 31.83
C ALA C 93 5.41 -28.01 31.53
N ASN C 94 4.59 -27.70 32.52
CA ASN C 94 3.14 -27.77 32.33
C ASN C 94 2.61 -26.39 31.90
N TRP C 95 2.45 -26.22 30.59
CA TRP C 95 2.01 -24.96 30.02
C TRP C 95 0.58 -24.58 30.46
N LYS C 96 -0.31 -25.57 30.54
CA LYS C 96 -1.69 -25.24 30.95
C LYS C 96 -1.69 -24.53 32.29
N LYS C 97 -0.89 -25.06 33.22
CA LYS C 97 -0.73 -24.50 34.56
C LYS C 97 -0.16 -23.05 34.52
N LEU C 98 0.89 -22.83 33.70
CA LEU C 98 1.47 -21.48 33.49
C LEU C 98 0.38 -20.51 33.06
N ILE C 99 -0.38 -20.89 32.03
CA ILE C 99 -1.35 -19.94 31.45
C ILE C 99 -2.46 -19.69 32.42
N ALA C 100 -2.82 -20.73 33.18
CA ALA C 100 -3.91 -20.58 34.15
C ALA C 100 -3.49 -19.65 35.27
N ALA C 101 -2.27 -19.82 35.78
CA ALA C 101 -1.73 -18.92 36.77
C ALA C 101 -1.57 -17.48 36.27
N LYS C 102 -1.01 -17.32 35.08
CA LYS C 102 -0.91 -16.00 34.44
C LYS C 102 -2.30 -15.36 34.27
N ASN C 103 -3.25 -16.15 33.75
CA ASN C 103 -4.67 -15.73 33.60
C ASN C 103 -5.26 -15.19 34.87
N GLU C 104 -4.96 -15.88 35.98
CA GLU C 104 -5.57 -15.54 37.28
C GLU C 104 -4.94 -14.24 37.77
N ALA C 105 -3.63 -14.17 37.67
CA ALA C 105 -2.87 -12.98 38.06
C ALA C 105 -3.38 -11.74 37.29
N VAL C 106 -3.53 -11.89 35.97
CA VAL C 106 -4.02 -10.78 35.15
C VAL C 106 -5.49 -10.41 35.44
N LEU C 107 -6.36 -11.41 35.51
CA LEU C 107 -7.75 -11.18 35.96
C LEU C 107 -7.81 -10.39 37.28
N ASP C 108 -6.92 -10.68 38.24
CA ASP C 108 -6.89 -9.93 39.52
C ASP C 108 -6.52 -8.50 39.27
N ILE C 109 -5.54 -8.26 38.37
CA ILE C 109 -5.27 -6.89 37.98
C ILE C 109 -6.47 -6.23 37.30
N ASN C 110 -7.08 -6.91 36.31
CA ASN C 110 -8.35 -6.40 35.71
C ASN C 110 -9.39 -6.05 36.79
N LYS C 111 -9.58 -6.94 37.77
CA LYS C 111 -10.62 -6.73 38.78
C LYS C 111 -10.29 -5.54 39.65
N SER C 112 -9.00 -5.38 39.85
CA SER C 112 -8.50 -4.42 40.74
C SER C 112 -8.52 -3.07 40.04
N TYR C 113 -8.62 -3.06 38.72
CA TYR C 113 -8.84 -1.81 37.98
C TYR C 113 -10.28 -1.43 37.95
N GLU C 114 -11.15 -2.41 37.80
CA GLU C 114 -12.57 -2.15 37.93
C GLU C 114 -12.94 -1.64 39.32
N GLY C 115 -12.37 -2.20 40.37
CA GLY C 115 -12.59 -1.67 41.71
C GLY C 115 -12.32 -0.16 41.74
N MET C 116 -11.13 0.25 41.27
CA MET C 116 -10.65 1.64 41.33
C MET C 116 -11.52 2.62 40.59
N PHE C 117 -12.13 2.18 39.50
CA PHE C 117 -13.15 2.98 38.84
C PHE C 117 -14.33 3.16 39.78
N ASN C 118 -14.81 2.04 40.31
CA ASN C 118 -15.99 2.01 41.15
C ASN C 118 -15.81 2.79 42.47
N ASP C 119 -14.57 2.94 42.93
CA ASP C 119 -14.32 3.60 44.20
C ASP C 119 -14.01 5.09 44.05
N THR C 120 -13.49 5.48 42.88
CA THR C 120 -13.04 6.85 42.59
C THR C 120 -14.13 7.66 41.87
N GLU C 121 -14.44 8.84 42.44
CA GLU C 121 -15.39 9.81 41.91
C GLU C 121 -14.75 10.63 40.82
N GLY C 122 -15.54 10.98 39.82
CA GLY C 122 -15.00 11.74 38.68
C GLY C 122 -14.24 10.90 37.64
N LEU C 123 -14.24 9.59 37.82
CA LEU C 123 -13.54 8.67 36.96
C LEU C 123 -14.51 7.55 36.68
N ASP C 124 -15.07 7.62 35.48
CA ASP C 124 -16.05 6.66 35.09
C ASP C 124 -15.57 5.95 33.84
N PHE C 125 -15.83 4.66 33.83
CA PHE C 125 -15.39 3.80 32.78
C PHE C 125 -16.57 3.40 31.94
N PHE C 126 -16.42 3.44 30.61
CA PHE C 126 -17.43 2.96 29.71
C PHE C 126 -16.95 1.79 28.84
N LEU C 127 -17.73 0.71 28.82
CA LEU C 127 -17.54 -0.40 27.93
C LEU C 127 -18.02 -0.16 26.47
N GLY C 128 -17.11 -0.40 25.52
CA GLY C 128 -17.41 -0.39 24.12
C GLY C 128 -16.35 0.34 23.32
N TRP C 129 -16.66 0.56 22.05
CA TRP C 129 -15.69 1.08 21.13
C TRP C 129 -15.82 2.55 20.98
N GLY C 130 -14.81 3.28 21.41
CA GLY C 130 -14.81 4.71 21.26
C GLY C 130 -14.37 5.19 19.90
N SER C 131 -15.08 6.19 19.36
CA SER C 131 -14.66 6.91 18.12
C SER C 131 -14.96 8.39 18.24
N LEU C 132 -14.36 9.16 17.35
CA LEU C 132 -14.56 10.60 17.28
C LEU C 132 -15.75 10.92 16.38
N GLU C 133 -16.86 11.36 17.00
CA GLU C 133 -18.06 11.75 16.26
C GLU C 133 -17.89 13.19 15.78
N SER C 134 -17.48 14.07 16.70
CA SER C 134 -17.09 15.45 16.40
C SER C 134 -16.13 15.98 17.50
N LYS C 135 -15.47 17.10 17.17
CA LYS C 135 -14.58 17.89 18.06
C LYS C 135 -14.62 17.57 19.58
N ASN C 136 -15.82 17.53 20.15
CA ASN C 136 -16.03 17.37 21.59
C ASN C 136 -16.99 16.30 21.88
N VAL C 137 -17.08 15.37 20.94
CA VAL C 137 -18.05 14.32 21.06
C VAL C 137 -17.41 12.97 20.74
N VAL C 138 -17.44 12.10 21.72
CA VAL C 138 -16.88 10.77 21.59
C VAL C 138 -18.05 9.81 21.64
N VAL C 139 -18.19 9.00 20.60
CA VAL C 139 -19.27 8.04 20.64
C VAL C 139 -18.78 6.71 21.16
N VAL C 140 -19.64 6.01 21.87
CA VAL C 140 -19.32 4.68 22.34
C VAL C 140 -20.25 3.73 21.57
N ARG C 141 -19.67 2.85 20.74
CA ARG C 141 -20.49 1.89 19.99
C ARG C 141 -20.35 0.49 20.50
N GLU C 142 -21.32 -0.33 20.12
CA GLU C 142 -21.33 -1.71 20.56
C GLU C 142 -20.14 -2.47 19.96
N THR C 143 -19.73 -2.13 18.74
CA THR C 143 -18.62 -2.86 18.15
C THR C 143 -17.70 -1.87 17.44
N ALA C 144 -16.63 -2.42 16.85
CA ALA C 144 -15.66 -1.60 16.16
C ALA C 144 -16.27 -1.14 14.82
N ASP C 145 -17.40 -1.75 14.44
CA ASP C 145 -18.15 -1.35 13.26
C ASP C 145 -18.80 0.00 13.54
N PRO C 146 -18.43 1.04 12.78
CA PRO C 146 -18.92 2.39 13.09
C PRO C 146 -20.43 2.50 12.86
N LYS C 147 -21.02 1.43 12.31
CA LYS C 147 -22.45 1.36 12.00
C LYS C 147 -23.18 0.63 13.11
N SER C 148 -22.45 0.24 14.16
CA SER C 148 -23.04 -0.46 15.28
C SER C 148 -23.72 0.52 16.22
N ALA C 149 -24.63 0.00 17.05
CA ALA C 149 -25.44 0.78 17.96
C ALA C 149 -24.59 1.62 18.90
N VAL C 150 -24.79 2.93 18.86
CA VAL C 150 -24.34 3.84 19.91
C VAL C 150 -24.80 3.39 21.31
N LYS C 151 -23.85 3.29 22.25
CA LYS C 151 -24.13 2.99 23.66
C LYS C 151 -24.20 4.29 24.46
N GLU C 152 -23.36 5.26 24.06
CA GLU C 152 -23.19 6.51 24.77
C GLU C 152 -22.66 7.55 23.79
N ARG C 153 -22.96 8.82 24.07
CA ARG C 153 -22.33 9.95 23.39
C ARG C 153 -21.88 10.84 24.53
N LEU C 154 -20.59 11.10 24.59
CA LEU C 154 -20.02 11.76 25.73
C LEU C 154 -19.43 13.05 25.22
N GLN C 155 -19.87 14.16 25.83
CA GLN C 155 -19.27 15.46 25.53
C GLN C 155 -18.03 15.56 26.36
N ALA C 156 -17.00 16.16 25.78
CA ALA C 156 -15.70 16.22 26.40
C ALA C 156 -15.09 17.54 26.03
N ASP C 157 -14.77 18.31 27.04
CA ASP C 157 -13.87 19.43 26.84
C ASP C 157 -12.62 18.94 26.13
N HIS C 158 -11.94 17.95 26.71
CA HIS C 158 -10.71 17.38 26.18
C HIS C 158 -10.85 15.88 25.90
N ILE C 159 -10.25 15.47 24.79
CA ILE C 159 -10.36 14.11 24.29
C ILE C 159 -8.97 13.55 24.22
N LEU C 160 -8.72 12.43 24.91
CA LEU C 160 -7.38 11.75 24.79
C LEU C 160 -7.45 10.41 24.02
N LEU C 161 -6.64 10.33 22.96
CA LEU C 161 -6.53 9.12 22.15
C LEU C 161 -5.40 8.25 22.67
N ALA C 162 -5.71 7.03 23.10
CA ALA C 162 -4.68 6.23 23.76
C ALA C 162 -5.02 4.78 23.54
N THR C 163 -5.19 4.43 22.28
CA THR C 163 -5.73 3.14 21.89
C THR C 163 -4.60 2.14 21.65
N GLY C 164 -3.37 2.55 21.96
CA GLY C 164 -2.18 1.67 21.83
C GLY C 164 -1.83 1.27 20.39
N SER C 165 -1.36 0.03 20.25
CA SER C 165 -1.00 -0.53 18.98
C SER C 165 -1.59 -1.95 18.78
N TRP C 166 -1.09 -2.68 17.77
CA TRP C 166 -1.72 -3.91 17.38
C TRP C 166 -0.72 -4.72 16.56
N PRO C 167 -0.75 -6.07 16.65
CA PRO C 167 0.29 -6.77 15.86
C PRO C 167 0.15 -6.45 14.41
N GLN C 168 1.25 -6.25 13.73
CA GLN C 168 1.27 -6.06 12.28
C GLN C 168 1.37 -7.43 11.61
N MET C 169 0.44 -7.72 10.69
CA MET C 169 0.41 -9.01 10.08
C MET C 169 0.68 -8.81 8.59
N PRO C 170 1.91 -9.10 8.08
CA PRO C 170 2.12 -8.85 6.65
C PRO C 170 1.06 -9.58 5.79
N ALA C 171 0.68 -8.98 4.68
CA ALA C 171 -0.36 -9.52 3.85
C ALA C 171 0.26 -10.54 2.86
N ILE C 172 0.86 -11.60 3.40
CA ILE C 172 1.28 -12.74 2.62
C ILE C 172 0.10 -13.74 2.57
N PRO C 173 0.05 -14.59 1.51
CA PRO C 173 -1.00 -15.60 1.42
C PRO C 173 -0.95 -16.57 2.64
N GLY C 174 -2.07 -16.85 3.30
CA GLY C 174 -1.99 -17.78 4.46
C GLY C 174 -1.68 -17.09 5.77
N ILE C 175 -1.62 -15.76 5.72
CA ILE C 175 -1.41 -14.98 6.94
C ILE C 175 -2.44 -15.29 8.04
N GLU C 176 -3.67 -15.58 7.61
CA GLU C 176 -4.75 -15.95 8.52
C GLU C 176 -4.46 -17.24 9.27
N HIS C 177 -3.55 -18.10 8.79
CA HIS C 177 -3.10 -19.25 9.60
C HIS C 177 -2.05 -18.92 10.64
N CYS C 178 -1.71 -17.62 10.80
CA CYS C 178 -0.66 -17.23 11.76
C CYS C 178 -1.26 -16.58 12.96
N ILE C 179 -0.55 -16.64 14.10
CA ILE C 179 -1.11 -16.01 15.29
C ILE C 179 -0.24 -14.78 15.51
N SER C 180 -0.64 -13.88 16.41
CA SER C 180 0.24 -12.88 16.88
C SER C 180 0.57 -13.19 18.36
N SER C 181 1.20 -12.21 19.03
CA SER C 181 1.46 -12.31 20.43
C SER C 181 0.12 -12.52 21.16
N ASN C 182 -0.94 -11.88 20.67
CA ASN C 182 -2.25 -11.95 21.34
C ASN C 182 -2.65 -13.39 21.63
N GLU C 183 -2.68 -14.19 20.57
CA GLU C 183 -3.15 -15.55 20.65
C GLU C 183 -2.14 -16.42 21.40
N ALA C 184 -0.85 -16.05 21.32
CA ALA C 184 0.24 -16.82 21.98
C ALA C 184 -0.01 -16.93 23.48
N PHE C 185 -0.58 -15.87 24.05
CA PHE C 185 -0.90 -15.85 25.49
C PHE C 185 -1.98 -16.83 25.89
N TYR C 186 -2.61 -17.44 24.89
CA TYR C 186 -3.78 -18.25 25.14
C TYR C 186 -3.71 -19.59 24.48
N LEU C 187 -2.59 -19.94 23.87
CA LEU C 187 -2.52 -21.27 23.30
C LEU C 187 -2.89 -22.41 24.30
N PRO C 188 -3.78 -23.33 23.88
CA PRO C 188 -4.23 -24.32 24.88
C PRO C 188 -3.13 -25.30 25.21
N GLU C 189 -2.26 -25.54 24.21
CA GLU C 189 -1.12 -26.45 24.32
CA GLU C 189 -1.14 -26.45 24.32
C GLU C 189 0.18 -25.74 23.92
N PRO C 190 1.30 -26.11 24.53
CA PRO C 190 2.54 -25.48 24.06
C PRO C 190 2.88 -26.13 22.74
N PRO C 191 3.27 -25.34 21.70
CA PRO C 191 3.55 -25.90 20.38
C PRO C 191 4.77 -26.77 20.41
N ARG C 192 4.72 -27.90 19.71
CA ARG C 192 5.89 -28.74 19.58
C ARG C 192 6.92 -28.08 18.67
N ARG C 193 6.43 -27.53 17.58
CA ARG C 193 7.24 -26.77 16.68
C ARG C 193 6.62 -25.40 16.54
N VAL C 194 7.44 -24.38 16.70
CA VAL C 194 6.96 -23.03 16.58
C VAL C 194 7.94 -22.20 15.75
N LEU C 195 7.41 -21.45 14.80
CA LEU C 195 8.15 -20.43 14.15
C LEU C 195 7.76 -19.10 14.73
N THR C 196 8.71 -18.36 15.30
CA THR C 196 8.44 -16.98 15.61
C THR C 196 9.04 -16.13 14.49
N VAL C 197 8.21 -15.32 13.80
CA VAL C 197 8.72 -14.50 12.67
C VAL C 197 9.04 -13.06 13.18
N GLY C 198 10.29 -12.63 13.06
CA GLY C 198 10.62 -11.31 13.57
C GLY C 198 11.89 -11.41 14.35
N GLY C 199 12.72 -10.38 14.28
CA GLY C 199 13.94 -10.36 15.07
C GLY C 199 13.93 -9.41 16.25
N GLY C 200 12.78 -8.81 16.50
CA GLY C 200 12.61 -7.79 17.56
C GLY C 200 12.26 -8.51 18.86
N PHE C 201 11.94 -7.71 19.87
CA PHE C 201 12.01 -8.29 21.19
C PHE C 201 10.86 -9.25 21.48
N ILE C 202 9.68 -9.01 20.86
CA ILE C 202 8.52 -9.83 21.16
C ILE C 202 8.79 -11.28 20.62
N SER C 203 9.35 -11.37 19.45
CA SER C 203 9.69 -12.65 18.86
C SER C 203 10.77 -13.35 19.64
N VAL C 204 11.82 -12.64 20.02
CA VAL C 204 12.86 -13.20 20.84
C VAL C 204 12.34 -13.66 22.18
N GLU C 205 11.52 -12.83 22.88
CA GLU C 205 11.04 -13.18 24.19
C GLU C 205 10.17 -14.47 24.15
N PHE C 206 9.27 -14.54 23.16
CA PHE C 206 8.38 -15.68 23.00
C PHE C 206 9.13 -16.91 22.58
N ALA C 207 10.11 -16.75 21.69
CA ALA C 207 10.95 -17.90 21.35
C ALA C 207 11.56 -18.52 22.62
N GLY C 208 11.96 -17.69 23.60
CA GLY C 208 12.54 -18.22 24.85
C GLY C 208 11.44 -18.93 25.64
N ILE C 209 10.20 -18.41 25.59
CA ILE C 209 9.12 -18.96 26.41
C ILE C 209 8.72 -20.30 25.78
N PHE C 210 8.62 -20.36 24.46
CA PHE C 210 8.18 -21.56 23.78
C PHE C 210 9.25 -22.65 23.93
N ASN C 211 10.49 -22.21 23.88
CA ASN C 211 11.63 -23.11 24.04
C ASN C 211 11.62 -23.87 25.37
N ALA C 212 11.17 -23.21 26.42
CA ALA C 212 11.18 -23.84 27.71
C ALA C 212 9.95 -24.74 27.90
N TYR C 213 8.84 -24.42 27.21
CA TYR C 213 7.65 -25.19 27.50
C TYR C 213 7.28 -26.20 26.43
N LYS C 214 8.19 -26.44 25.49
CA LYS C 214 7.86 -27.25 24.36
C LYS C 214 7.86 -28.74 24.81
N PRO C 215 6.92 -29.55 24.33
CA PRO C 215 6.89 -30.98 24.55
C PRO C 215 8.18 -31.62 24.09
N PRO C 216 8.41 -32.92 24.46
CA PRO C 216 9.53 -33.76 23.97
C PRO C 216 9.69 -33.74 22.45
N GLY C 217 10.94 -33.61 21.99
CA GLY C 217 11.24 -33.54 20.55
C GLY C 217 10.80 -32.22 19.92
N GLY C 218 10.41 -31.23 20.73
CA GLY C 218 10.02 -29.92 20.15
C GLY C 218 11.25 -29.13 19.63
N LYS C 219 10.97 -28.16 18.78
CA LYS C 219 11.94 -27.22 18.27
C LYS C 219 11.30 -25.82 18.09
N VAL C 220 11.95 -24.84 18.67
CA VAL C 220 11.64 -23.47 18.35
C VAL C 220 12.60 -22.90 17.28
N THR C 221 12.02 -22.29 16.26
CA THR C 221 12.73 -21.62 15.21
C THR C 221 12.32 -20.13 15.19
N LEU C 222 13.31 -19.26 15.18
CA LEU C 222 13.03 -17.85 15.05
C LEU C 222 13.54 -17.48 13.68
N CYS C 223 12.73 -16.79 12.86
CA CYS C 223 13.28 -16.28 11.63
C CYS C 223 13.25 -14.73 11.55
N TYR C 224 14.12 -14.19 10.73
CA TYR C 224 14.28 -12.80 10.62
C TYR C 224 14.83 -12.52 9.26
N ARG C 225 14.26 -11.49 8.64
CA ARG C 225 14.48 -11.19 7.23
C ARG C 225 15.92 -10.72 6.91
N ASN C 226 16.55 -10.03 7.87
CA ASN C 226 17.93 -9.57 7.70
C ASN C 226 18.92 -10.46 8.43
N ASN C 227 20.15 -9.96 8.57
CA ASN C 227 21.35 -10.76 8.88
CA ASN C 227 21.26 -10.85 8.86
C ASN C 227 21.38 -11.06 10.36
N LEU C 228 20.82 -10.14 11.16
CA LEU C 228 21.07 -10.22 12.59
C LEU C 228 19.92 -9.71 13.35
N ILE C 229 19.44 -10.47 14.34
CA ILE C 229 18.19 -10.16 15.09
C ILE C 229 18.45 -8.95 15.99
N LEU C 230 17.41 -8.35 16.50
CA LEU C 230 17.49 -7.24 17.46
C LEU C 230 18.17 -6.01 16.93
N ARG C 231 17.83 -5.67 15.68
CA ARG C 231 18.21 -4.40 15.15
C ARG C 231 17.89 -3.31 16.13
N GLY C 232 18.78 -2.35 16.27
CA GLY C 232 18.51 -1.18 17.16
C GLY C 232 19.17 -1.47 18.51
N PHE C 233 19.64 -2.71 18.70
CA PHE C 233 20.37 -3.02 19.90
C PHE C 233 21.87 -3.06 19.68
N ASP C 234 22.60 -3.14 20.78
CA ASP C 234 24.03 -3.19 20.69
C ASP C 234 24.36 -4.39 19.82
N GLU C 235 25.32 -4.24 18.89
CA GLU C 235 25.63 -5.29 17.95
C GLU C 235 26.37 -6.47 18.59
N THR C 236 27.33 -6.21 19.48
CA THR C 236 27.97 -7.34 20.19
C THR C 236 26.86 -8.18 20.92
N ILE C 237 25.93 -7.47 21.55
CA ILE C 237 24.79 -8.06 22.28
C ILE C 237 23.85 -8.81 21.32
N ARG C 238 23.55 -8.20 20.15
CA ARG C 238 22.78 -8.89 19.10
C ARG C 238 23.48 -10.19 18.73
N GLU C 239 24.80 -10.19 18.56
CA GLU C 239 25.47 -11.44 18.15
C GLU C 239 25.47 -12.45 19.29
N GLU C 240 25.57 -11.93 20.49
CA GLU C 240 25.86 -12.79 21.60
C GLU C 240 24.55 -13.43 22.04
N VAL C 241 23.44 -12.68 21.98
CA VAL C 241 22.19 -13.25 22.37
C VAL C 241 21.78 -14.34 21.31
N THR C 242 22.19 -14.15 20.06
CA THR C 242 21.95 -15.14 19.00
C THR C 242 22.68 -16.43 19.38
N LYS C 243 23.92 -16.28 19.81
CA LYS C 243 24.69 -17.45 20.22
C LYS C 243 24.01 -18.10 21.43
N GLN C 244 23.48 -17.32 22.36
CA GLN C 244 23.02 -17.94 23.59
C GLN C 244 21.65 -18.59 23.45
N LEU C 245 20.83 -18.04 22.55
CA LEU C 245 19.58 -18.64 22.16
C LEU C 245 19.90 -19.91 21.40
N THR C 246 20.83 -19.87 20.46
CA THR C 246 21.18 -21.10 19.77
C THR C 246 21.63 -22.16 20.78
N ALA C 247 22.42 -21.72 21.76
CA ALA C 247 23.03 -22.61 22.72
C ALA C 247 21.96 -23.29 23.55
N ASN C 248 20.84 -22.64 23.70
CA ASN C 248 19.76 -23.22 24.46
C ASN C 248 18.71 -23.82 23.50
N GLY C 249 19.09 -24.12 22.27
CA GLY C 249 18.34 -25.02 21.41
C GLY C 249 17.33 -24.36 20.47
N ILE C 250 17.31 -23.01 20.42
CA ILE C 250 16.49 -22.27 19.45
C ILE C 250 17.23 -22.12 18.14
N GLU C 251 16.60 -22.41 17.04
CA GLU C 251 17.22 -22.22 15.74
C GLU C 251 17.00 -20.82 15.26
N ILE C 252 18.03 -20.09 14.89
CA ILE C 252 17.73 -18.70 14.43
C ILE C 252 17.98 -18.67 12.93
N MET C 253 16.93 -18.43 12.15
CA MET C 253 17.01 -18.40 10.68
C MET C 253 17.05 -16.98 10.25
N THR C 254 18.23 -16.48 9.95
CA THR C 254 18.32 -15.12 9.55
C THR C 254 18.35 -15.13 8.03
N ASN C 255 18.14 -13.96 7.45
CA ASN C 255 18.01 -13.82 6.00
C ASN C 255 16.90 -14.71 5.47
N GLU C 256 15.90 -14.98 6.30
CA GLU C 256 14.75 -15.73 5.84
C GLU C 256 13.47 -14.97 6.09
N ASN C 257 12.51 -15.09 5.17
CA ASN C 257 11.26 -14.39 5.34
C ASN C 257 10.12 -15.20 4.77
N PRO C 258 9.03 -15.42 5.53
CA PRO C 258 7.88 -16.22 5.05
C PRO C 258 7.25 -15.60 3.85
N ALA C 259 7.08 -16.33 2.77
CA ALA C 259 6.35 -15.82 1.62
C ALA C 259 4.90 -16.35 1.57
N LYS C 260 4.69 -17.50 2.19
CA LYS C 260 3.39 -18.14 2.12
C LYS C 260 3.22 -19.07 3.32
N VAL C 261 2.01 -19.17 3.85
CA VAL C 261 1.74 -20.13 4.91
C VAL C 261 0.54 -20.95 4.46
N SER C 262 0.73 -22.24 4.26
CA SER C 262 -0.45 -23.06 4.05
C SER C 262 -0.83 -23.93 5.26
N LEU C 263 -2.12 -24.15 5.39
CA LEU C 263 -2.67 -25.00 6.45
C LEU C 263 -2.72 -26.46 6.00
N ASN C 264 -1.99 -27.28 6.71
CA ASN C 264 -2.00 -28.71 6.47
C ASN C 264 -3.30 -29.25 7.02
N THR C 265 -3.74 -30.37 6.50
CA THR C 265 -4.96 -30.90 7.12
C THR C 265 -4.86 -31.24 8.58
N ASP C 266 -3.66 -31.59 9.07
CA ASP C 266 -3.56 -31.87 10.53
C ASP C 266 -3.44 -30.64 11.38
N GLY C 267 -3.59 -29.47 10.77
CA GLY C 267 -3.71 -28.22 11.60
C GLY C 267 -2.35 -27.54 11.73
N SER C 268 -1.30 -28.29 11.40
CA SER C 268 0.05 -27.71 11.32
C SER C 268 0.18 -26.73 10.10
N LYS C 269 1.25 -25.95 10.09
CA LYS C 269 1.48 -24.99 9.01
C LYS C 269 2.68 -25.34 8.20
N HIS C 270 2.53 -25.21 6.89
CA HIS C 270 3.60 -25.40 5.96
C HIS C 270 4.06 -24.03 5.57
N VAL C 271 5.27 -23.68 6.02
CA VAL C 271 5.80 -22.34 5.74
C VAL C 271 6.74 -22.37 4.54
N THR C 272 6.47 -21.55 3.53
CA THR C 272 7.39 -21.34 2.42
C THR C 272 8.00 -19.95 2.53
N PHE C 273 9.33 -19.93 2.51
CA PHE C 273 10.14 -18.70 2.61
C PHE C 273 10.41 -18.13 1.23
N GLU C 274 10.75 -16.87 1.14
CA GLU C 274 11.18 -16.26 -0.16
C GLU C 274 12.26 -17.08 -0.80
N SER C 275 13.18 -17.57 0.01
CA SER C 275 14.24 -18.43 -0.46
C SER C 275 13.76 -19.72 -1.11
N GLY C 276 12.47 -20.01 -1.00
CA GLY C 276 12.02 -21.33 -1.38
C GLY C 276 12.28 -22.36 -0.33
N LYS C 277 12.94 -21.99 0.77
CA LYS C 277 13.00 -22.94 1.87
C LYS C 277 11.57 -23.22 2.46
N THR C 278 11.36 -24.38 3.07
CA THR C 278 10.04 -24.63 3.67
C THR C 278 10.28 -25.17 5.00
N LEU C 279 9.36 -24.91 5.91
CA LEU C 279 9.36 -25.45 7.25
C LEU C 279 7.92 -25.74 7.70
N ASP C 280 7.77 -26.85 8.41
CA ASP C 280 6.47 -27.25 8.97
C ASP C 280 6.53 -27.03 10.43
N VAL C 281 5.58 -26.27 10.96
CA VAL C 281 5.55 -26.05 12.39
C VAL C 281 4.09 -26.20 12.85
N ASP C 282 3.84 -26.16 14.14
CA ASP C 282 2.53 -26.21 14.66
C ASP C 282 1.95 -24.85 14.79
N VAL C 283 2.82 -23.90 15.05
CA VAL C 283 2.34 -22.53 15.21
C VAL C 283 3.36 -21.58 14.55
N VAL C 284 2.82 -20.64 13.77
CA VAL C 284 3.57 -19.56 13.21
C VAL C 284 3.19 -18.27 13.93
N MET C 285 4.08 -17.72 14.72
CA MET C 285 3.67 -16.54 15.45
C MET C 285 4.30 -15.35 14.79
N MET C 286 3.51 -14.41 14.25
CA MET C 286 4.07 -13.23 13.56
C MET C 286 4.32 -12.14 14.57
N ALA C 287 5.56 -11.65 14.64
CA ALA C 287 5.94 -10.66 15.61
C ALA C 287 6.89 -9.71 14.88
N ILE C 288 6.47 -9.20 13.73
CA ILE C 288 7.35 -8.33 12.88
C ILE C 288 7.19 -6.84 13.16
N GLY C 289 6.18 -6.46 13.91
CA GLY C 289 6.04 -5.10 14.32
C GLY C 289 4.70 -4.95 14.99
N ARG C 290 4.47 -3.73 15.47
CA ARG C 290 3.17 -3.34 16.01
C ARG C 290 2.90 -1.99 15.41
N ILE C 291 1.63 -1.80 15.04
CA ILE C 291 1.16 -0.62 14.37
C ILE C 291 0.12 0.07 15.22
N PRO C 292 0.10 1.42 15.14
CA PRO C 292 -0.80 2.28 15.84
C PRO C 292 -2.23 1.89 15.54
N ARG C 293 -3.06 1.92 16.57
CA ARG C 293 -4.37 1.39 16.44
C ARG C 293 -5.36 2.57 16.24
N THR C 294 -5.50 2.99 14.98
CA THR C 294 -6.26 4.19 14.56
C THR C 294 -7.48 3.94 13.69
N ASN C 295 -7.51 2.82 12.99
CA ASN C 295 -8.68 2.44 12.16
C ASN C 295 -10.05 2.67 12.74
N ASP C 296 -10.24 2.26 13.98
CA ASP C 296 -11.56 2.23 14.57
C ASP C 296 -12.01 3.59 15.10
N LEU C 297 -11.08 4.53 15.22
CA LEU C 297 -11.35 5.85 15.86
C LEU C 297 -12.18 6.87 15.02
N GLN C 298 -12.41 6.56 13.74
CA GLN C 298 -13.12 7.47 12.81
C GLN C 298 -12.54 8.89 12.85
N LEU C 299 -11.21 8.96 12.91
CA LEU C 299 -10.46 10.21 12.88
C LEU C 299 -10.78 11.10 11.66
N GLY C 300 -11.27 10.44 10.59
CA GLY C 300 -11.76 11.13 9.40
C GLY C 300 -12.84 12.13 9.78
N ASN C 301 -13.74 11.73 10.67
CA ASN C 301 -14.75 12.63 11.20
C ASN C 301 -14.23 14.01 11.62
N VAL C 302 -13.04 14.09 12.22
CA VAL C 302 -12.55 15.38 12.70
C VAL C 302 -11.26 15.84 12.05
N GLY C 303 -10.73 15.07 11.10
CA GLY C 303 -9.48 15.43 10.42
C GLY C 303 -8.19 15.40 11.24
N VAL C 304 -8.12 14.49 12.23
CA VAL C 304 -6.90 14.30 13.05
C VAL C 304 -5.80 13.67 12.17
N LYS C 305 -4.69 14.39 11.95
CA LYS C 305 -3.69 13.91 11.01
C LYS C 305 -2.93 12.71 11.54
N LEU C 306 -2.59 11.81 10.60
CA LEU C 306 -1.83 10.59 10.82
C LEU C 306 -0.54 10.70 10.05
N THR C 307 0.54 10.09 10.54
CA THR C 307 1.84 10.11 9.80
C THR C 307 1.89 9.02 8.74
N PRO C 308 2.91 9.04 7.84
CA PRO C 308 3.02 7.90 6.89
C PRO C 308 2.77 6.54 7.59
N LYS C 309 3.55 6.20 8.63
CA LYS C 309 3.34 4.94 9.38
C LYS C 309 1.92 4.63 9.98
N GLY C 310 0.98 5.60 9.98
CA GLY C 310 -0.39 5.37 10.51
C GLY C 310 -0.59 5.88 11.93
N GLY C 311 0.51 6.38 12.51
CA GLY C 311 0.51 6.98 13.84
C GLY C 311 -0.19 8.35 13.89
N VAL C 312 -0.89 8.63 14.99
CA VAL C 312 -1.42 9.96 15.23
C VAL C 312 -0.29 10.94 15.36
N GLN C 313 -0.25 11.95 14.48
CA GLN C 313 0.81 12.98 14.65
C GLN C 313 0.52 13.86 15.87
N VAL C 314 1.57 14.21 16.59
CA VAL C 314 1.43 15.02 17.78
C VAL C 314 2.70 15.83 17.85
N ASP C 315 2.65 16.94 18.57
CA ASP C 315 3.87 17.71 18.86
C ASP C 315 4.42 17.20 20.20
N GLU C 316 5.50 17.80 20.67
CA GLU C 316 6.11 17.34 21.91
C GLU C 316 5.20 17.38 23.10
N PHE C 317 4.03 18.00 23.00
CA PHE C 317 3.12 18.08 24.14
C PHE C 317 1.92 17.19 23.89
N SER C 318 2.03 16.34 22.86
CA SER C 318 1.00 15.34 22.55
C SER C 318 -0.31 15.96 21.94
N ARG C 319 -0.21 17.17 21.43
CA ARG C 319 -1.39 17.80 20.82
C ARG C 319 -1.43 17.31 19.40
N THR C 320 -2.63 16.91 18.97
CA THR C 320 -2.83 16.63 17.54
C THR C 320 -3.10 17.97 16.85
N ASN C 321 -3.46 17.93 15.56
CA ASN C 321 -3.85 19.12 14.81
C ASN C 321 -5.21 19.66 15.29
N VAL C 322 -6.02 18.83 15.93
CA VAL C 322 -7.34 19.26 16.39
C VAL C 322 -7.25 19.71 17.83
N PRO C 323 -7.63 20.98 18.12
CA PRO C 323 -7.43 21.50 19.46
C PRO C 323 -8.38 20.81 20.43
N ASN C 324 -7.91 20.60 21.67
CA ASN C 324 -8.61 19.75 22.66
CA ASN C 324 -8.58 19.73 22.67
C ASN C 324 -8.60 18.22 22.36
N ILE C 325 -7.82 17.81 21.34
CA ILE C 325 -7.63 16.40 20.98
C ILE C 325 -6.16 15.99 21.07
N TYR C 326 -5.90 15.04 21.97
CA TYR C 326 -4.51 14.66 22.25
C TYR C 326 -4.29 13.17 22.00
N ALA C 327 -3.03 12.82 21.81
CA ALA C 327 -2.66 11.42 21.63
C ALA C 327 -1.35 11.07 22.35
N ILE C 328 -1.40 9.97 23.11
CA ILE C 328 -0.17 9.50 23.78
C ILE C 328 -0.02 8.01 23.56
N GLY C 329 1.23 7.54 23.70
CA GLY C 329 1.43 6.13 23.82
C GLY C 329 1.69 5.56 22.47
N ASP C 330 1.44 4.26 22.31
CA ASP C 330 1.77 3.56 21.07
C ASP C 330 1.00 4.09 19.87
N ILE C 331 -0.18 4.67 20.11
CA ILE C 331 -0.96 5.29 18.99
C ILE C 331 -0.08 6.31 18.30
N THR C 332 0.90 6.86 19.01
CA THR C 332 1.71 7.94 18.44
C THR C 332 2.90 7.37 17.71
N ASP C 333 3.09 6.05 17.83
CA ASP C 333 4.09 5.32 17.04
C ASP C 333 5.51 5.80 17.29
N ARG C 334 5.89 5.99 18.55
CA ARG C 334 7.24 6.49 18.82
C ARG C 334 8.02 5.48 19.62
N LEU C 335 8.15 5.70 20.91
CA LEU C 335 8.69 4.65 21.73
C LEU C 335 7.55 3.85 22.24
N MET C 336 7.51 2.59 21.84
CA MET C 336 6.45 1.68 22.30
C MET C 336 6.81 0.99 23.62
N LEU C 337 6.78 1.76 24.72
CA LEU C 337 7.00 1.26 26.05
C LEU C 337 5.91 1.77 26.97
N THR C 338 5.46 0.92 27.89
CA THR C 338 4.49 1.30 28.93
C THR C 338 4.86 2.54 29.76
N PRO C 339 6.08 2.58 30.31
CA PRO C 339 6.44 3.73 31.16
C PRO C 339 6.56 5.00 30.38
N VAL C 340 6.86 4.90 29.07
CA VAL C 340 6.83 6.09 28.19
C VAL C 340 5.37 6.59 28.04
N ALA C 341 4.45 5.68 27.73
CA ALA C 341 3.06 6.04 27.62
C ALA C 341 2.50 6.63 28.95
N ILE C 342 2.98 6.11 30.10
CA ILE C 342 2.48 6.56 31.39
C ILE C 342 2.98 8.01 31.64
N ASN C 343 4.22 8.24 31.25
CA ASN C 343 4.88 9.54 31.40
C ASN C 343 4.20 10.61 30.51
N GLU C 344 4.04 10.30 29.22
CA GLU C 344 3.26 11.16 28.31
C GLU C 344 1.88 11.49 28.84
N GLY C 345 1.22 10.48 29.41
CA GLY C 345 -0.11 10.65 29.91
C GLY C 345 -0.12 11.62 31.05
N ALA C 346 0.91 11.52 31.90
CA ALA C 346 0.97 12.27 33.14
C ALA C 346 1.30 13.70 32.82
N ALA C 347 2.21 13.86 31.85
CA ALA C 347 2.68 15.15 31.39
C ALA C 347 1.53 15.89 30.68
N LEU C 348 0.75 15.16 29.89
CA LEU C 348 -0.39 15.76 29.19
C LEU C 348 -1.35 16.38 30.22
N VAL C 349 -1.87 15.57 31.15
CA VAL C 349 -2.70 16.07 32.25
C VAL C 349 -2.09 17.26 33.01
N ASP C 350 -0.78 17.24 33.24
CA ASP C 350 -0.11 18.38 33.87
C ASP C 350 -0.12 19.66 32.96
N THR C 351 -0.10 19.48 31.65
CA THR C 351 -0.19 20.62 30.73
C THR C 351 -1.60 21.10 30.47
N VAL C 352 -2.57 20.20 30.49
CA VAL C 352 -3.91 20.60 30.19
C VAL C 352 -4.62 21.06 31.45
N PHE C 353 -4.37 20.40 32.57
CA PHE C 353 -5.01 20.74 33.84
C PHE C 353 -4.06 21.22 34.94
N GLY C 354 -2.76 21.15 34.72
CA GLY C 354 -1.80 21.76 35.64
C GLY C 354 -1.36 23.11 35.09
N ASN C 355 -0.56 23.83 35.83
CA ASN C 355 -0.20 25.19 35.40
C ASN C 355 1.09 25.20 34.62
N LYS C 356 1.85 24.11 34.73
CA LYS C 356 3.16 24.04 34.13
C LYS C 356 3.16 22.95 33.07
N PRO C 357 3.30 23.36 31.80
CA PRO C 357 3.58 22.39 30.76
C PRO C 357 4.76 21.50 31.10
N ARG C 358 4.70 20.29 30.56
CA ARG C 358 5.74 19.30 30.67
C ARG C 358 5.67 18.42 29.43
N LYS C 359 6.85 18.11 28.90
CA LYS C 359 6.96 17.20 27.76
C LYS C 359 7.85 16.03 28.17
N THR C 360 7.43 14.85 27.73
CA THR C 360 8.19 13.62 27.91
C THR C 360 9.50 13.73 27.15
N ASP C 361 10.58 13.30 27.78
CA ASP C 361 11.85 13.17 27.12
C ASP C 361 11.93 11.70 26.60
N HIS C 362 12.12 11.56 25.30
CA HIS C 362 12.12 10.27 24.63
C HIS C 362 13.56 9.78 24.38
N THR C 363 14.56 10.50 24.93
CA THR C 363 15.95 10.12 24.76
C THR C 363 16.40 9.45 26.03
N ARG C 364 17.41 8.62 25.98
CA ARG C 364 17.98 8.10 27.24
C ARG C 364 16.97 7.31 28.05
N VAL C 365 15.96 6.76 27.36
CA VAL C 365 15.02 5.85 28.01
C VAL C 365 15.60 4.45 28.14
N ALA C 366 15.65 3.98 29.36
CA ALA C 366 16.11 2.62 29.61
C ALA C 366 15.03 1.60 29.21
N SER C 367 15.42 0.47 28.65
CA SER C 367 14.45 -0.58 28.26
C SER C 367 15.13 -1.91 28.44
N ALA C 368 14.33 -2.98 28.33
CA ALA C 368 14.85 -4.33 28.52
C ALA C 368 14.31 -5.29 27.49
N VAL C 369 15.07 -6.37 27.22
CA VAL C 369 14.47 -7.49 26.50
C VAL C 369 14.49 -8.64 27.51
N PHE C 370 13.34 -9.22 27.78
CA PHE C 370 13.34 -10.41 28.62
C PHE C 370 13.63 -11.67 27.86
N SER C 371 14.66 -11.64 27.06
CA SER C 371 15.14 -12.86 26.52
C SER C 371 15.87 -13.62 27.61
N ILE C 372 16.28 -14.82 27.26
CA ILE C 372 16.99 -15.68 28.13
C ILE C 372 18.27 -15.93 27.30
N PRO C 373 19.39 -15.22 27.64
CA PRO C 373 19.45 -14.36 28.83
C PRO C 373 18.98 -12.91 28.44
N PRO C 374 18.65 -12.07 29.43
CA PRO C 374 17.94 -10.80 29.16
C PRO C 374 18.91 -9.68 28.83
N ILE C 375 18.35 -8.57 28.28
CA ILE C 375 19.14 -7.42 27.86
C ILE C 375 18.65 -6.20 28.62
N GLY C 376 19.54 -5.30 29.01
CA GLY C 376 19.15 -3.99 29.54
C GLY C 376 19.94 -2.99 28.76
N THR C 377 19.28 -1.88 28.37
CA THR C 377 20.00 -0.90 27.62
C THR C 377 19.44 0.49 27.85
N CYS C 378 20.31 1.52 27.75
CA CYS C 378 19.81 2.86 27.88
C CYS C 378 20.72 3.74 27.05
N GLY C 379 20.13 4.55 26.15
CA GLY C 379 20.92 5.49 25.38
C GLY C 379 21.49 4.89 24.08
N LEU C 380 22.50 5.54 23.53
CA LEU C 380 22.92 5.30 22.16
C LEU C 380 23.76 4.05 21.98
N ILE C 381 23.46 3.31 20.91
CA ILE C 381 24.39 2.28 20.47
C ILE C 381 25.54 2.97 19.70
N GLU C 382 26.72 2.37 19.69
CA GLU C 382 27.93 3.01 19.19
C GLU C 382 27.82 3.53 17.73
N GLU C 383 27.20 2.73 16.84
CA GLU C 383 27.08 3.12 15.46
C GLU C 383 26.28 4.42 15.31
N VAL C 384 25.26 4.60 16.13
CA VAL C 384 24.47 5.83 16.13
C VAL C 384 25.33 6.94 16.79
N ALA C 385 26.00 6.57 17.88
CA ALA C 385 26.94 7.46 18.57
C ALA C 385 28.02 7.98 17.59
N ALA C 386 28.65 7.07 16.84
CA ALA C 386 29.79 7.36 15.98
C ALA C 386 29.42 8.29 14.82
N LYS C 387 28.12 8.40 14.57
CA LYS C 387 27.61 9.19 13.50
C LYS C 387 27.44 10.62 13.93
N GLU C 388 27.15 10.84 15.21
CA GLU C 388 26.94 12.16 15.77
C GLU C 388 28.04 12.76 16.62
N PHE C 389 29.13 12.02 16.82
CA PHE C 389 30.26 12.46 17.64
C PHE C 389 31.50 12.02 16.92
N GLU C 390 32.44 12.93 16.83
CA GLU C 390 33.74 12.69 16.23
C GLU C 390 34.51 11.54 16.85
N LYS C 391 34.55 11.52 18.18
CA LYS C 391 35.33 10.53 18.92
C LYS C 391 34.44 9.77 19.87
N VAL C 392 34.32 8.49 19.60
CA VAL C 392 33.48 7.60 20.46
C VAL C 392 34.37 6.54 21.04
N ALA C 393 34.29 6.31 22.33
CA ALA C 393 35.06 5.19 22.90
C ALA C 393 34.02 4.13 23.36
N VAL C 394 34.40 2.87 23.22
CA VAL C 394 33.56 1.74 23.71
C VAL C 394 34.36 0.93 24.73
N TYR C 395 33.86 0.88 25.96
CA TYR C 395 34.37 0.00 26.98
C TYR C 395 33.47 -1.24 27.03
N MET C 396 34.10 -2.38 26.92
CA MET C 396 33.35 -3.62 26.83
C MET C 396 33.96 -4.63 27.76
N SER C 397 33.11 -5.38 28.45
CA SER C 397 33.52 -6.53 29.22
C SER C 397 32.62 -7.72 28.87
N SER C 398 33.24 -8.87 28.62
CA SER C 398 32.46 -10.05 28.28
C SER C 398 33.04 -11.30 28.90
N PHE C 399 32.48 -11.75 30.01
CA PHE C 399 33.10 -12.83 30.79
C PHE C 399 31.90 -13.82 31.00
N THR C 400 32.10 -15.14 30.85
CA THR C 400 31.15 -16.13 31.43
C THR C 400 31.34 -16.02 32.94
N PRO C 401 30.36 -15.44 33.67
CA PRO C 401 30.41 -15.44 35.15
C PRO C 401 30.70 -16.87 35.74
N LEU C 402 31.36 -16.87 36.89
CA LEU C 402 31.78 -18.11 37.56
C LEU C 402 30.61 -19.04 37.90
N MET C 403 29.54 -18.50 38.51
CA MET C 403 28.34 -19.33 38.79
C MET C 403 27.99 -20.13 37.57
N HIS C 404 28.27 -19.60 36.37
CA HIS C 404 27.99 -20.32 35.14
C HIS C 404 29.04 -21.32 34.65
N ASN C 405 30.23 -21.22 35.19
CA ASN C 405 31.18 -22.27 34.95
C ASN C 405 30.75 -23.50 35.74
N ILE C 406 30.40 -23.29 37.00
CA ILE C 406 29.78 -24.29 37.82
C ILE C 406 28.41 -24.81 37.32
N SER C 407 27.50 -23.90 36.93
CA SER C 407 26.16 -24.35 36.53
C SER C 407 26.19 -25.31 35.34
N GLY C 408 27.25 -25.27 34.56
CA GLY C 408 27.27 -25.96 33.30
C GLY C 408 26.84 -25.10 32.11
N SER C 409 26.39 -23.84 32.33
CA SER C 409 25.91 -22.96 31.24
C SER C 409 27.04 -22.03 30.77
N LYS C 410 28.06 -22.65 30.22
CA LYS C 410 29.31 -21.92 29.94
C LYS C 410 29.09 -20.89 28.86
N TYR C 411 28.12 -21.09 28.00
CA TYR C 411 27.80 -20.14 26.95
C TYR C 411 27.19 -18.80 27.44
N LYS C 412 26.87 -18.69 28.72
CA LYS C 412 26.17 -17.54 29.28
C LYS C 412 27.11 -16.38 29.67
N LYS C 413 27.69 -15.76 28.66
CA LYS C 413 28.55 -14.62 28.87
C LYS C 413 27.71 -13.42 29.33
N PHE C 414 28.17 -12.74 30.36
CA PHE C 414 27.62 -11.45 30.65
C PHE C 414 28.37 -10.39 29.80
N VAL C 415 27.64 -9.56 29.04
CA VAL C 415 28.27 -8.50 28.27
C VAL C 415 27.91 -7.15 28.86
N ALA C 416 28.93 -6.34 29.11
CA ALA C 416 28.67 -4.98 29.67
C ALA C 416 29.41 -4.05 28.74
N LYS C 417 28.69 -3.15 28.07
CA LYS C 417 29.33 -2.13 27.21
C LYS C 417 28.94 -0.74 27.62
N ILE C 418 29.92 0.16 27.72
CA ILE C 418 29.65 1.58 27.89
C ILE C 418 30.11 2.33 26.65
N VAL C 419 29.26 3.25 26.13
CA VAL C 419 29.61 4.01 24.97
C VAL C 419 29.74 5.46 25.38
N THR C 420 30.85 6.09 25.02
CA THR C 420 31.10 7.44 25.49
C THR C 420 31.46 8.36 24.33
N ASN C 421 31.23 9.66 24.55
CA ASN C 421 31.87 10.70 23.75
C ASN C 421 33.26 10.79 24.33
N HIS C 422 34.25 10.24 23.65
CA HIS C 422 35.59 10.28 24.14
C HIS C 422 36.18 11.70 24.34
N SER C 423 35.55 12.73 23.76
CA SER C 423 36.04 14.09 23.90
C SER C 423 35.88 14.61 25.30
N ASP C 424 34.69 14.46 25.88
CA ASP C 424 34.51 14.86 27.26
C ASP C 424 34.30 13.70 28.24
N GLY C 425 34.22 12.43 27.79
CA GLY C 425 33.92 11.30 28.71
C GLY C 425 32.44 11.00 29.01
N THR C 426 31.55 11.83 28.46
CA THR C 426 30.11 11.65 28.63
C THR C 426 29.67 10.24 28.19
N VAL C 427 29.02 9.53 29.11
CA VAL C 427 28.36 8.26 28.77
C VAL C 427 27.19 8.46 27.82
N LEU C 428 27.24 7.87 26.64
CA LEU C 428 26.17 8.05 25.62
C LEU C 428 25.12 6.93 25.64
N GLY C 429 25.54 5.77 26.09
CA GLY C 429 24.60 4.64 26.22
C GLY C 429 25.30 3.50 26.93
N VAL C 430 24.50 2.59 27.49
CA VAL C 430 25.02 1.49 28.28
C VAL C 430 24.20 0.27 27.85
N HIS C 431 24.89 -0.83 27.58
CA HIS C 431 24.27 -2.01 26.95
C HIS C 431 24.71 -3.25 27.66
N LEU C 432 23.75 -4.08 28.12
CA LEU C 432 24.09 -5.22 28.96
C LEU C 432 23.36 -6.47 28.52
N LEU C 433 24.01 -7.60 28.63
CA LEU C 433 23.32 -8.88 28.40
C LEU C 433 23.71 -9.82 29.54
N GLY C 434 22.72 -10.48 30.14
CA GLY C 434 23.05 -11.41 31.21
C GLY C 434 22.04 -11.20 32.30
N ASP C 435 21.88 -12.21 33.17
CA ASP C 435 20.90 -12.13 34.29
C ASP C 435 21.03 -10.82 35.04
N GLY C 436 19.90 -10.19 35.33
CA GLY C 436 19.89 -8.92 36.09
C GLY C 436 20.07 -7.71 35.20
N ALA C 437 20.39 -7.88 33.91
CA ALA C 437 20.58 -6.74 32.97
C ALA C 437 19.43 -5.69 33.01
N PRO C 438 18.16 -6.12 32.91
CA PRO C 438 17.07 -5.19 33.08
C PRO C 438 17.03 -4.46 34.46
N GLU C 439 17.38 -5.16 35.53
CA GLU C 439 17.43 -4.52 36.87
C GLU C 439 18.61 -3.52 36.98
N ILE C 440 19.76 -3.92 36.43
CA ILE C 440 20.98 -3.12 36.48
C ILE C 440 20.83 -1.78 35.81
N ILE C 441 20.23 -1.83 34.62
CA ILE C 441 20.18 -0.71 33.73
C ILE C 441 19.34 0.44 34.31
N GLN C 442 18.44 0.14 35.23
CA GLN C 442 17.47 1.14 35.63
C GLN C 442 18.11 2.40 36.18
N ALA C 443 19.00 2.25 37.17
CA ALA C 443 19.62 3.41 37.76
C ALA C 443 20.67 3.98 36.75
N VAL C 444 21.13 3.16 35.81
CA VAL C 444 21.93 3.73 34.69
C VAL C 444 21.18 4.84 34.02
N GLY C 445 19.89 4.60 33.75
CA GLY C 445 19.02 5.61 33.19
C GLY C 445 19.04 6.94 33.97
N VAL C 446 19.11 6.85 35.30
CA VAL C 446 19.21 8.05 36.16
C VAL C 446 20.57 8.76 35.91
N CYS C 447 21.65 7.97 35.89
CA CYS C 447 23.00 8.46 35.60
C CYS C 447 23.10 9.28 34.34
N LEU C 448 22.33 8.93 33.32
CA LEU C 448 22.44 9.58 32.03
C LEU C 448 21.70 10.91 32.07
N ARG C 449 20.81 11.03 33.02
CA ARG C 449 20.00 12.22 33.23
C ARG C 449 20.89 13.19 34.02
N LEU C 450 22.01 12.67 34.51
CA LEU C 450 22.93 13.43 35.37
C LEU C 450 24.26 13.69 34.68
N ASN C 451 24.25 13.48 33.37
CA ASN C 451 25.42 13.67 32.55
C ASN C 451 26.67 12.97 33.09
N ALA C 452 26.43 11.76 33.62
CA ALA C 452 27.48 10.85 34.03
C ALA C 452 28.55 10.74 32.96
N LYS C 453 29.81 10.68 33.40
CA LYS C 453 30.94 10.42 32.53
C LYS C 453 31.48 9.08 32.94
N ILE C 454 32.27 8.50 32.05
CA ILE C 454 32.91 7.23 32.36
C ILE C 454 33.74 7.24 33.66
N SER C 455 34.45 8.32 33.97
CA SER C 455 35.18 8.37 35.25
C SER C 455 34.20 8.31 36.44
N ASP C 456 32.96 8.81 36.31
CA ASP C 456 31.91 8.67 37.37
C ASP C 456 31.51 7.23 37.66
N PHE C 457 31.38 6.45 36.59
CA PHE C 457 31.20 5.00 36.73
C PHE C 457 32.44 4.37 37.29
N TYR C 458 33.60 4.63 36.69
CA TYR C 458 34.81 3.96 37.14
C TYR C 458 35.24 4.31 38.56
N ASN C 459 35.05 5.55 39.00
CA ASN C 459 35.45 5.90 40.35
C ASN C 459 34.44 5.53 41.43
N THR C 460 33.25 5.01 41.05
CA THR C 460 32.27 4.49 42.04
C THR C 460 32.78 3.14 42.48
N ILE C 461 32.67 2.86 43.79
CA ILE C 461 33.12 1.62 44.29
C ILE C 461 32.11 0.46 43.96
N GLY C 462 32.64 -0.60 43.40
CA GLY C 462 31.84 -1.75 43.04
C GLY C 462 31.18 -2.43 44.26
N VAL C 463 30.14 -3.22 43.96
CA VAL C 463 29.43 -4.03 44.91
C VAL C 463 29.82 -5.43 44.53
N HIS C 464 30.37 -6.15 45.43
CA HIS C 464 31.00 -7.37 44.94
C HIS C 464 30.49 -8.53 45.76
N PRO C 465 30.30 -9.73 45.15
CA PRO C 465 30.43 -10.00 43.73
C PRO C 465 29.11 -9.79 42.95
N THR C 466 29.10 -9.01 41.87
CA THR C 466 27.84 -8.84 41.14
C THR C 466 28.29 -8.76 39.73
N SER C 467 27.38 -8.93 38.76
CA SER C 467 27.71 -8.55 37.41
C SER C 467 27.81 -7.07 37.24
N ALA C 468 26.94 -6.34 37.93
CA ALA C 468 26.83 -4.88 37.88
C ALA C 468 28.12 -4.14 38.09
N GLU C 469 29.01 -4.67 38.94
CA GLU C 469 30.23 -3.98 39.32
C GLU C 469 31.11 -3.83 38.11
N GLU C 470 30.85 -4.63 37.08
CA GLU C 470 31.63 -4.58 35.85
C GLU C 470 31.63 -3.18 35.22
N LEU C 471 30.52 -2.47 35.46
CA LEU C 471 30.30 -1.18 34.93
C LEU C 471 31.14 -0.18 35.67
N CYS C 472 31.58 -0.55 36.86
CA CYS C 472 32.32 0.37 37.71
C CYS C 472 33.76 -0.02 37.73
N SER C 473 34.12 -0.88 36.79
CA SER C 473 35.43 -1.46 36.71
C SER C 473 36.09 -1.20 35.39
N MET C 474 35.46 -0.46 34.47
CA MET C 474 36.11 -0.26 33.17
C MET C 474 36.68 1.15 32.99
N ARG C 475 37.99 1.22 32.75
CA ARG C 475 38.61 2.55 32.61
C ARG C 475 39.40 2.73 31.32
N THR C 476 39.63 1.67 30.56
CA THR C 476 40.33 1.80 29.32
C THR C 476 39.41 1.35 28.19
N PRO C 477 39.18 2.17 27.15
CA PRO C 477 38.31 1.73 26.03
C PRO C 477 38.81 0.48 25.39
N SER C 478 37.90 -0.39 24.96
CA SER C 478 38.33 -1.53 24.18
C SER C 478 38.62 -1.11 22.73
N TYR C 479 37.88 -0.12 22.23
CA TYR C 479 38.09 0.40 20.85
C TYR C 479 37.36 1.71 20.72
N TYR C 480 37.55 2.41 19.59
CA TYR C 480 36.95 3.73 19.32
C TYR C 480 36.31 3.75 17.95
N TYR C 481 35.49 4.79 17.77
CA TYR C 481 35.13 5.28 16.45
C TYR C 481 35.68 6.71 16.39
N VAL C 482 36.51 6.93 15.38
CA VAL C 482 37.01 8.26 15.08
C VAL C 482 36.49 8.63 13.73
N LYS C 483 35.66 9.67 13.68
CA LYS C 483 35.00 10.11 12.42
C LYS C 483 34.20 8.97 11.75
N GLY C 484 33.43 8.23 12.54
CA GLY C 484 32.65 7.10 12.02
C GLY C 484 33.51 5.86 11.82
N GLU C 485 34.79 5.95 12.11
CA GLU C 485 35.63 4.82 11.84
C GLU C 485 36.13 4.07 13.07
N LYS C 486 35.74 2.80 13.12
CA LYS C 486 36.08 1.83 14.15
C LYS C 486 37.57 1.58 14.10
N MET C 487 38.21 1.65 15.24
CA MET C 487 39.62 1.37 15.31
C MET C 487 40.01 1.04 16.75
N GLU C 488 40.92 0.09 16.86
CA GLU C 488 41.32 -0.38 18.15
C GLU C 488 42.06 0.68 18.97
N LYS C 489 42.90 1.46 18.30
CA LYS C 489 43.64 2.54 18.97
C LYS C 489 43.17 3.93 18.51
N LEU C 490 43.37 4.96 19.34
CA LEU C 490 43.29 6.33 18.83
C LEU C 490 44.47 6.58 17.81
N PRO C 491 44.21 7.37 16.72
CA PRO C 491 45.32 7.69 15.78
C PRO C 491 46.53 8.39 16.45
N ASP C 492 46.28 9.52 17.14
CA ASP C 492 47.30 10.44 17.67
C ASP C 492 46.78 11.11 18.92
N GLY D 1 81.03 -15.12 53.12
CA GLY D 1 80.61 -13.68 53.02
C GLY D 1 79.11 -13.47 53.00
N SER D 2 78.72 -12.21 53.01
CA SER D 2 77.34 -11.81 52.96
C SER D 2 76.92 -11.65 51.52
N HIS D 3 75.60 -11.62 51.29
CA HIS D 3 75.05 -11.46 49.96
C HIS D 3 73.68 -10.76 50.09
N MET D 4 73.20 -10.26 48.97
CA MET D 4 72.21 -9.20 48.93
C MET D 4 70.85 -9.77 49.17
N SER D 5 70.07 -9.07 49.97
CA SER D 5 68.64 -9.37 50.13
C SER D 5 67.98 -9.01 48.82
N LYS D 6 66.99 -9.81 48.43
CA LYS D 6 66.03 -9.37 47.41
C LYS D 6 65.43 -8.03 47.79
N ALA D 7 65.49 -7.08 46.85
CA ALA D 7 65.03 -5.70 47.15
C ALA D 7 63.86 -5.33 46.23
N PHE D 8 62.93 -4.51 46.80
CA PHE D 8 61.70 -4.05 46.20
C PHE D 8 61.42 -2.60 46.56
N ASP D 9 60.77 -1.90 45.62
CA ASP D 9 60.07 -0.67 45.90
C ASP D 9 58.94 -0.87 46.91
N LEU D 10 58.25 -1.98 46.81
CA LEU D 10 57.07 -2.20 47.63
C LEU D 10 57.02 -3.63 48.11
N VAL D 11 56.86 -3.78 49.41
CA VAL D 11 56.57 -5.07 49.87
C VAL D 11 55.18 -5.00 50.42
N VAL D 12 54.33 -5.89 49.90
CA VAL D 12 52.99 -6.06 50.38
C VAL D 12 52.83 -7.31 51.21
N ILE D 13 52.33 -7.14 52.43
CA ILE D 13 52.11 -8.30 53.23
C ILE D 13 50.61 -8.56 53.22
N GLY D 14 50.20 -9.67 52.60
CA GLY D 14 48.75 -10.03 52.43
C GLY D 14 48.49 -9.95 50.94
N ALA D 15 48.35 -11.11 50.31
CA ALA D 15 48.11 -11.17 48.89
C ALA D 15 46.56 -11.21 48.73
N GLY D 16 45.86 -10.27 49.35
CA GLY D 16 44.40 -10.22 49.22
C GLY D 16 43.84 -9.14 48.34
N SER D 17 42.60 -8.73 48.64
CA SER D 17 41.85 -7.81 47.75
C SER D 17 42.70 -6.56 47.60
N GLY D 18 43.12 -6.04 48.74
CA GLY D 18 43.84 -4.77 48.78
C GLY D 18 45.27 -4.94 48.26
N GLY D 19 45.95 -5.93 48.81
CA GLY D 19 47.36 -6.15 48.53
C GLY D 19 47.59 -6.42 47.07
N LEU D 20 46.73 -7.23 46.47
CA LEU D 20 46.93 -7.61 45.06
C LEU D 20 46.65 -6.47 44.11
N GLU D 21 45.58 -5.72 44.40
CA GLU D 21 45.35 -4.52 43.63
C GLU D 21 46.56 -3.59 43.73
N ALA D 22 47.02 -3.30 44.93
CA ALA D 22 48.21 -2.45 45.05
C ALA D 22 49.47 -3.03 44.34
N GLY D 23 49.74 -4.28 44.62
CA GLY D 23 50.88 -5.02 44.02
C GLY D 23 50.91 -4.99 42.50
N TRP D 24 49.83 -5.47 41.92
CA TRP D 24 49.64 -5.45 40.52
C TRP D 24 49.83 -4.03 39.95
N ASN D 25 49.18 -3.01 40.54
CA ASN D 25 49.24 -1.65 40.00
C ASN D 25 50.64 -1.03 40.06
N ALA D 26 51.31 -1.21 41.19
CA ALA D 26 52.66 -0.67 41.34
C ALA D 26 53.58 -1.35 40.31
N ALA D 27 53.48 -2.66 40.16
CA ALA D 27 54.27 -3.38 39.17
C ALA D 27 53.89 -3.07 37.71
N THR D 28 52.61 -3.11 37.38
CA THR D 28 52.26 -3.10 35.96
C THR D 28 51.95 -1.70 35.45
N LEU D 29 51.53 -0.79 36.32
CA LEU D 29 51.36 0.60 35.89
C LEU D 29 52.55 1.50 36.17
N TYR D 30 53.28 1.30 37.26
CA TYR D 30 54.39 2.22 37.57
C TYR D 30 55.76 1.60 37.50
N GLY D 31 55.77 0.35 37.02
CA GLY D 31 57.02 -0.36 36.69
C GLY D 31 57.84 -0.59 37.98
N LYS D 32 57.16 -0.69 39.13
CA LYS D 32 57.85 -0.92 40.41
C LYS D 32 58.17 -2.39 40.60
N ARG D 33 59.16 -2.65 41.43
CA ARG D 33 59.51 -4.02 41.79
C ARG D 33 58.77 -4.35 43.11
N VAL D 34 57.94 -5.39 43.12
CA VAL D 34 56.92 -5.55 44.15
C VAL D 34 57.01 -6.96 44.65
N ALA D 35 57.08 -7.11 45.97
CA ALA D 35 57.09 -8.42 46.61
C ALA D 35 55.69 -8.48 47.19
N VAL D 36 55.03 -9.63 47.04
CA VAL D 36 53.83 -9.89 47.79
C VAL D 36 53.93 -11.17 48.62
N VAL D 37 53.61 -11.05 49.91
CA VAL D 37 53.71 -12.17 50.86
C VAL D 37 52.31 -12.63 51.24
N ASP D 38 52.09 -13.92 51.16
CA ASP D 38 50.95 -14.55 51.81
C ASP D 38 51.37 -15.93 52.29
N VAL D 39 50.54 -16.50 53.16
CA VAL D 39 50.86 -17.69 53.96
C VAL D 39 50.51 -19.00 53.26
N GLN D 40 49.73 -18.92 52.18
CA GLN D 40 49.36 -20.10 51.44
C GLN D 40 49.15 -19.71 50.01
N THR D 41 49.46 -20.63 49.10
CA THR D 41 49.30 -20.33 47.68
C THR D 41 47.88 -20.75 47.23
N SER D 42 47.17 -21.53 48.04
CA SER D 42 45.82 -21.91 47.63
C SER D 42 44.89 -22.07 48.86
N HIS D 43 43.58 -22.10 48.64
CA HIS D 43 42.61 -22.01 49.71
C HIS D 43 42.64 -23.18 50.65
N GLY D 44 42.13 -22.93 51.83
CA GLY D 44 41.73 -24.00 52.67
C GLY D 44 42.57 -24.11 53.91
N PRO D 45 42.31 -25.17 54.73
CA PRO D 45 43.08 -25.40 55.98
C PRO D 45 44.54 -25.63 55.65
N PRO D 46 45.49 -25.23 56.51
CA PRO D 46 45.26 -24.71 57.85
C PRO D 46 44.97 -23.24 57.91
N PHE D 47 45.33 -22.45 56.89
CA PHE D 47 45.32 -20.96 57.08
C PHE D 47 44.14 -20.28 56.40
N TYR D 48 43.43 -21.09 55.61
CA TYR D 48 42.16 -20.67 55.01
C TYR D 48 42.28 -19.59 53.94
N ALA D 49 42.65 -18.39 54.32
CA ALA D 49 42.95 -17.39 53.31
C ALA D 49 44.31 -17.78 52.74
N ALA D 50 44.61 -17.22 51.57
CA ALA D 50 45.72 -17.67 50.77
C ALA D 50 45.90 -16.61 49.69
N LEU D 51 46.76 -16.87 48.73
CA LEU D 51 46.87 -16.03 47.53
C LEU D 51 45.48 -15.67 47.04
N GLY D 52 45.18 -14.38 46.89
CA GLY D 52 43.83 -13.97 46.50
C GLY D 52 43.03 -13.39 47.65
N GLY D 53 43.48 -13.63 48.86
CA GLY D 53 42.79 -13.08 50.03
C GLY D 53 41.54 -13.80 50.51
N THR D 54 40.87 -13.14 51.44
CA THR D 54 39.77 -13.64 52.12
C THR D 54 38.65 -13.79 51.13
N CYS D 55 38.50 -12.79 50.27
CA CYS D 55 37.43 -12.75 49.30
C CYS D 55 37.45 -13.95 48.41
N VAL D 56 38.53 -14.17 47.69
CA VAL D 56 38.67 -15.35 46.84
C VAL D 56 38.51 -16.73 47.53
N ASN D 57 39.10 -16.88 48.71
CA ASN D 57 39.32 -18.16 49.32
C ASN D 57 38.22 -18.55 50.28
N VAL D 58 37.77 -17.60 51.13
CA VAL D 58 36.86 -17.92 52.27
C VAL D 58 36.03 -16.68 52.56
N GLY D 59 35.53 -16.04 51.48
CA GLY D 59 34.73 -14.81 51.61
C GLY D 59 33.76 -14.72 50.45
N CYS D 60 33.77 -13.57 49.78
CA CYS D 60 32.80 -13.23 48.79
C CYS D 60 32.65 -14.28 47.71
N VAL D 61 33.76 -14.73 47.11
CA VAL D 61 33.61 -15.67 46.01
C VAL D 61 32.91 -17.01 46.39
N PRO D 62 33.52 -17.85 47.28
CA PRO D 62 32.86 -19.12 47.67
C PRO D 62 31.48 -18.86 48.36
N LYS D 63 31.30 -17.75 49.10
CA LYS D 63 30.00 -17.62 49.70
C LYS D 63 28.93 -17.32 48.69
N LYS D 64 29.28 -16.53 47.66
CA LYS D 64 28.28 -16.21 46.61
C LYS D 64 27.90 -17.51 45.85
N LEU D 65 28.92 -18.32 45.56
CA LEU D 65 28.66 -19.61 44.92
C LEU D 65 27.75 -20.45 45.81
N MET D 66 28.00 -20.42 47.09
CA MET D 66 27.13 -21.16 48.02
C MET D 66 25.74 -20.61 48.22
N VAL D 67 25.62 -19.30 48.28
CA VAL D 67 24.28 -18.67 48.30
C VAL D 67 23.50 -19.03 47.00
N THR D 68 24.17 -18.91 45.85
CA THR D 68 23.57 -19.36 44.61
C THR D 68 23.07 -20.80 44.68
N GLY D 69 23.88 -21.74 45.20
CA GLY D 69 23.42 -23.10 45.41
C GLY D 69 22.21 -23.01 46.34
N ALA D 70 22.29 -22.22 47.40
CA ALA D 70 21.20 -22.25 48.34
C ALA D 70 19.91 -21.76 47.68
N GLN D 71 20.01 -20.83 46.73
CA GLN D 71 18.80 -20.32 46.11
C GLN D 71 17.99 -21.39 45.36
N TYR D 72 18.58 -22.53 45.00
CA TYR D 72 17.79 -23.53 44.26
C TYR D 72 16.72 -24.16 45.13
N MET D 73 16.91 -24.13 46.44
CA MET D 73 15.88 -24.64 47.29
C MET D 73 14.60 -23.89 46.88
N ASP D 74 14.71 -22.56 46.80
CA ASP D 74 13.60 -21.67 46.51
C ASP D 74 13.14 -21.83 45.07
N HIS D 75 14.06 -21.83 44.13
CA HIS D 75 13.70 -22.04 42.72
C HIS D 75 12.92 -23.37 42.53
N LEU D 76 13.44 -24.46 43.08
CA LEU D 76 12.80 -25.76 42.82
C LEU D 76 11.38 -25.68 43.35
N ARG D 77 11.22 -25.14 44.55
CA ARG D 77 9.86 -24.96 45.09
C ARG D 77 8.98 -23.97 44.28
N GLU D 78 9.53 -22.80 44.00
CA GLU D 78 8.80 -21.78 43.31
C GLU D 78 8.50 -22.18 41.88
N SER D 79 9.29 -23.10 41.29
CA SER D 79 9.02 -23.42 39.92
C SER D 79 7.55 -23.97 39.77
N ALA D 80 6.93 -24.50 40.84
CA ALA D 80 5.70 -25.24 40.68
C ALA D 80 4.61 -24.30 40.31
N GLY D 81 4.62 -23.08 40.86
CA GLY D 81 3.63 -22.04 40.49
C GLY D 81 3.65 -21.78 38.98
N PHE D 82 4.76 -22.14 38.31
CA PHE D 82 4.85 -21.79 36.88
C PHE D 82 4.71 -23.04 36.02
N GLY D 83 4.39 -24.16 36.67
CA GLY D 83 3.93 -25.39 35.98
C GLY D 83 5.02 -26.40 35.82
N TRP D 84 6.13 -26.18 36.51
CA TRP D 84 7.16 -27.17 36.48
C TRP D 84 6.76 -28.28 37.41
N GLU D 85 6.90 -29.52 36.92
CA GLU D 85 6.43 -30.64 37.69
C GLU D 85 7.62 -31.53 37.68
N PHE D 86 7.90 -32.09 38.82
CA PHE D 86 8.83 -33.19 38.92
C PHE D 86 8.59 -33.83 40.27
N ASP D 87 9.34 -34.89 40.50
CA ASP D 87 9.18 -35.70 41.69
C ASP D 87 9.91 -35.03 42.85
N GLY D 88 9.18 -34.25 43.64
CA GLY D 88 9.81 -33.52 44.73
C GLY D 88 10.39 -34.40 45.82
N SER D 89 9.97 -35.65 45.86
CA SER D 89 10.56 -36.56 46.84
C SER D 89 11.94 -37.09 46.42
N SER D 90 12.30 -36.94 45.16
CA SER D 90 13.67 -37.32 44.75
C SER D 90 14.68 -36.19 45.04
N VAL D 91 14.23 -35.08 45.61
CA VAL D 91 15.09 -33.92 45.66
C VAL D 91 16.05 -34.07 46.81
N LYS D 92 17.33 -33.93 46.51
CA LYS D 92 18.35 -33.89 47.56
C LYS D 92 19.49 -32.90 47.21
N ALA D 93 19.77 -32.09 48.23
CA ALA D 93 20.76 -31.06 48.26
C ALA D 93 22.07 -31.73 48.65
N ASN D 94 22.98 -31.88 47.72
CA ASN D 94 24.22 -32.59 48.05
C ASN D 94 25.28 -31.60 48.37
N TRP D 95 25.44 -31.36 49.66
CA TRP D 95 26.49 -30.47 50.14
C TRP D 95 27.93 -30.79 49.64
N LYS D 96 28.32 -32.07 49.65
CA LYS D 96 29.70 -32.43 49.26
C LYS D 96 30.00 -32.03 47.82
N LYS D 97 28.99 -32.12 46.96
CA LYS D 97 29.19 -31.74 45.57
C LYS D 97 29.30 -30.21 45.53
N LEU D 98 28.46 -29.51 46.30
CA LEU D 98 28.59 -28.06 46.36
C LEU D 98 30.03 -27.66 46.70
N ILE D 99 30.56 -28.24 47.77
CA ILE D 99 31.82 -27.79 48.33
C ILE D 99 32.93 -28.17 47.37
N ALA D 100 32.88 -29.38 46.82
CA ALA D 100 33.85 -29.82 45.80
C ALA D 100 33.86 -28.90 44.58
N ALA D 101 32.66 -28.50 44.10
CA ALA D 101 32.60 -27.59 42.96
C ALA D 101 33.20 -26.20 43.36
N LYS D 102 32.81 -25.76 44.54
CA LYS D 102 33.26 -24.48 45.05
C LYS D 102 34.79 -24.55 45.25
N ASN D 103 35.28 -25.67 45.74
CA ASN D 103 36.71 -25.78 45.94
C ASN D 103 37.43 -25.70 44.61
N GLU D 104 36.86 -26.31 43.56
CA GLU D 104 37.55 -26.34 42.25
C GLU D 104 37.57 -24.92 41.73
N ALA D 105 36.46 -24.24 41.84
CA ALA D 105 36.37 -22.88 41.37
C ALA D 105 37.41 -21.97 42.08
N VAL D 106 37.59 -22.15 43.37
CA VAL D 106 38.50 -21.30 44.09
C VAL D 106 39.93 -21.69 43.72
N LEU D 107 40.18 -23.00 43.60
CA LEU D 107 41.52 -23.45 43.22
C LEU D 107 41.93 -22.89 41.84
N ASP D 108 41.01 -22.87 40.86
CA ASP D 108 41.39 -22.29 39.55
C ASP D 108 41.74 -20.84 39.76
N ILE D 109 41.10 -20.18 40.73
CA ILE D 109 41.42 -18.74 40.92
C ILE D 109 42.82 -18.65 41.54
N ASN D 110 43.12 -19.56 42.47
CA ASN D 110 44.43 -19.52 43.13
C ASN D 110 45.52 -19.74 42.07
N LYS D 111 45.32 -20.78 41.26
CA LYS D 111 46.28 -21.13 40.21
C LYS D 111 46.51 -20.01 39.20
N SER D 112 45.39 -19.43 38.80
CA SER D 112 45.37 -18.32 37.96
C SER D 112 46.18 -17.16 38.55
N TYR D 113 46.07 -16.87 39.84
CA TYR D 113 46.89 -15.79 40.40
C TYR D 113 48.39 -16.15 40.49
N GLU D 114 48.65 -17.42 40.68
CA GLU D 114 50.03 -17.84 40.71
C GLU D 114 50.64 -17.67 39.28
N GLY D 115 49.89 -18.09 38.26
CA GLY D 115 50.31 -17.89 36.88
C GLY D 115 50.58 -16.42 36.64
N MET D 116 49.74 -15.57 37.18
CA MET D 116 49.88 -14.14 37.01
C MET D 116 51.15 -13.59 37.67
N PHE D 117 51.49 -14.08 38.85
CA PHE D 117 52.87 -13.80 39.36
C PHE D 117 53.94 -14.28 38.41
N ASN D 118 53.82 -15.55 38.06
CA ASN D 118 54.81 -16.15 37.21
C ASN D 118 55.03 -15.34 35.98
N ASP D 119 53.97 -14.77 35.39
CA ASP D 119 54.04 -14.09 34.12
C ASP D 119 54.36 -12.62 34.12
N THR D 120 54.26 -11.98 35.27
CA THR D 120 54.38 -10.55 35.38
C THR D 120 55.77 -10.17 35.95
N GLU D 121 56.59 -9.56 35.12
CA GLU D 121 57.89 -9.01 35.52
C GLU D 121 57.76 -7.97 36.66
N GLY D 122 58.71 -7.98 37.60
CA GLY D 122 58.67 -7.09 38.76
C GLY D 122 57.59 -7.42 39.82
N LEU D 123 56.83 -8.52 39.67
CA LEU D 123 55.80 -8.88 40.68
C LEU D 123 56.03 -10.29 41.15
N ASP D 124 56.45 -10.43 42.41
CA ASP D 124 57.02 -11.64 43.00
C ASP D 124 56.21 -12.07 44.20
N PHE D 125 55.96 -13.36 44.27
CA PHE D 125 55.18 -13.84 45.37
C PHE D 125 56.15 -14.51 46.32
N PHE D 126 55.87 -14.38 47.61
CA PHE D 126 56.67 -15.04 48.67
C PHE D 126 55.71 -15.71 49.60
N LEU D 127 55.82 -17.03 49.69
CA LEU D 127 55.05 -17.80 50.60
C LEU D 127 55.61 -17.74 52.06
N GLY D 128 54.77 -17.39 53.03
CA GLY D 128 55.24 -17.48 54.41
C GLY D 128 54.58 -16.40 55.21
N TRP D 129 55.09 -16.19 56.39
CA TRP D 129 54.56 -15.22 57.29
C TRP D 129 55.38 -13.94 57.30
N GLY D 130 54.77 -12.84 56.91
CA GLY D 130 55.43 -11.52 56.76
C GLY D 130 55.41 -10.81 58.07
N SER D 131 56.55 -10.23 58.46
CA SER D 131 56.55 -9.36 59.61
C SER D 131 57.56 -8.30 59.38
N LEU D 132 57.45 -7.25 60.18
CA LEU D 132 58.26 -6.08 60.03
C LEU D 132 59.43 -6.30 60.95
N GLU D 133 60.60 -6.54 60.40
CA GLU D 133 61.77 -6.59 61.25
C GLU D 133 62.18 -5.17 61.65
N SER D 134 62.19 -4.28 60.67
CA SER D 134 62.43 -2.85 60.89
C SER D 134 61.75 -2.08 59.75
N LYS D 135 61.81 -0.74 59.82
CA LYS D 135 61.11 0.18 58.94
C LYS D 135 61.20 -0.13 57.41
N ASN D 136 62.31 -0.70 57.00
CA ASN D 136 62.56 -1.04 55.60
C ASN D 136 62.99 -2.48 55.41
N VAL D 137 62.64 -3.32 56.39
CA VAL D 137 62.92 -4.74 56.30
C VAL D 137 61.70 -5.52 56.63
N VAL D 138 61.28 -6.34 55.67
CA VAL D 138 60.22 -7.32 55.87
C VAL D 138 60.85 -8.68 55.89
N VAL D 139 60.57 -9.40 56.96
CA VAL D 139 61.03 -10.72 56.97
C VAL D 139 59.82 -11.66 56.78
N VAL D 140 60.10 -12.79 56.14
CA VAL D 140 59.18 -13.81 55.82
C VAL D 140 59.62 -15.06 56.52
N ARG D 141 58.78 -15.53 57.46
CA ARG D 141 59.09 -16.69 58.31
C ARG D 141 58.21 -17.89 57.97
N GLU D 142 58.69 -19.02 58.45
CA GLU D 142 58.08 -20.31 58.20
C GLU D 142 56.67 -20.37 58.81
N THR D 143 56.44 -19.81 60.00
CA THR D 143 55.10 -19.88 60.57
C THR D 143 54.84 -18.56 61.22
N ALA D 144 53.65 -18.37 61.83
CA ALA D 144 53.27 -17.10 62.49
C ALA D 144 54.07 -16.89 63.77
N ASP D 145 54.67 -17.97 64.25
CA ASP D 145 55.57 -17.86 65.42
C ASP D 145 56.79 -16.98 65.07
N PRO D 146 56.97 -15.86 65.80
CA PRO D 146 58.01 -14.95 65.40
C PRO D 146 59.40 -15.57 65.62
N LYS D 147 59.43 -16.76 66.20
CA LYS D 147 60.71 -17.49 66.33
C LYS D 147 60.94 -18.53 65.28
N SER D 148 59.97 -18.79 64.38
CA SER D 148 60.20 -19.79 63.32
C SER D 148 61.30 -19.26 62.40
N ALA D 149 61.89 -20.14 61.58
CA ALA D 149 63.00 -19.76 60.72
C ALA D 149 62.65 -18.64 59.77
N VAL D 150 63.54 -17.68 59.65
CA VAL D 150 63.39 -16.65 58.65
C VAL D 150 63.61 -17.27 57.28
N LYS D 151 62.59 -17.28 56.41
CA LYS D 151 62.82 -17.82 55.04
C LYS D 151 63.53 -16.76 54.17
N GLU D 152 63.10 -15.50 54.27
CA GLU D 152 63.65 -14.50 53.41
C GLU D 152 63.58 -13.26 54.18
N ARG D 153 64.53 -12.39 53.93
CA ARG D 153 64.57 -11.07 54.49
C ARG D 153 64.59 -10.16 53.27
N LEU D 154 63.60 -9.27 53.19
CA LEU D 154 63.32 -8.49 52.01
C LEU D 154 63.67 -7.04 52.31
N GLN D 155 64.47 -6.45 51.42
CA GLN D 155 64.72 -5.02 51.58
C GLN D 155 63.48 -4.30 51.01
N ALA D 156 62.86 -3.40 51.76
CA ALA D 156 61.67 -2.72 51.22
C ALA D 156 61.73 -1.25 51.38
N ASP D 157 61.53 -0.48 50.30
CA ASP D 157 61.44 0.99 50.37
C ASP D 157 60.10 1.42 50.96
N HIS D 158 59.05 0.68 50.59
CA HIS D 158 57.72 0.92 51.08
C HIS D 158 57.10 -0.40 51.48
N ILE D 159 56.37 -0.36 52.58
CA ILE D 159 55.79 -1.57 53.08
C ILE D 159 54.29 -1.35 53.11
N LEU D 160 53.57 -2.29 52.52
CA LEU D 160 52.10 -2.20 52.58
C LEU D 160 51.55 -3.24 53.53
N LEU D 161 50.89 -2.82 54.59
CA LEU D 161 50.17 -3.82 55.44
C LEU D 161 48.77 -4.07 54.90
N ALA D 162 48.51 -5.30 54.48
CA ALA D 162 47.26 -5.63 53.82
C ALA D 162 46.84 -7.04 54.27
N THR D 163 46.96 -7.29 55.56
CA THR D 163 46.72 -8.64 56.08
C THR D 163 45.28 -8.96 56.41
N GLY D 164 44.35 -8.03 56.18
CA GLY D 164 42.94 -8.35 56.34
C GLY D 164 42.48 -8.43 57.80
N SER D 165 41.49 -9.26 58.02
CA SER D 165 40.87 -9.40 59.32
C SER D 165 40.72 -10.90 59.55
N TRP D 166 40.20 -11.29 60.70
CA TRP D 166 40.09 -12.71 61.06
C TRP D 166 38.90 -12.80 61.97
N PRO D 167 38.23 -13.97 62.07
CA PRO D 167 37.06 -13.99 62.94
C PRO D 167 37.40 -13.81 64.40
N GLN D 168 36.56 -13.03 65.07
CA GLN D 168 36.62 -12.77 66.48
C GLN D 168 35.93 -13.91 67.25
N MET D 169 36.67 -14.59 68.13
CA MET D 169 36.11 -15.72 68.85
C MET D 169 35.99 -15.30 70.29
N PRO D 170 34.75 -15.17 70.78
CA PRO D 170 34.59 -14.64 72.14
C PRO D 170 35.18 -15.59 73.20
N ALA D 171 35.87 -15.02 74.18
CA ALA D 171 36.49 -15.72 75.28
C ALA D 171 35.41 -16.39 76.18
N ILE D 172 34.80 -17.47 75.70
CA ILE D 172 33.82 -18.19 76.50
C ILE D 172 34.31 -19.61 76.77
N PRO D 173 33.93 -20.19 77.92
CA PRO D 173 34.13 -21.62 78.08
C PRO D 173 33.60 -22.41 76.87
N GLY D 174 34.49 -23.19 76.23
CA GLY D 174 34.08 -24.06 75.11
C GLY D 174 34.09 -23.37 73.77
N ILE D 175 34.76 -22.22 73.65
CA ILE D 175 34.94 -21.59 72.38
C ILE D 175 35.62 -22.56 71.40
N GLU D 176 36.48 -23.43 71.93
CA GLU D 176 37.22 -24.35 71.10
C GLU D 176 36.32 -25.38 70.42
N HIS D 177 35.06 -25.44 70.82
CA HIS D 177 34.12 -26.37 70.22
C HIS D 177 33.34 -25.74 69.07
N CYS D 178 33.55 -24.44 68.91
CA CYS D 178 32.86 -23.60 67.90
C CYS D 178 33.71 -23.42 66.64
N ILE D 179 33.07 -23.03 65.54
CA ILE D 179 33.85 -22.72 64.37
C ILE D 179 33.61 -21.30 63.97
N SER D 180 34.30 -20.91 62.92
CA SER D 180 34.07 -19.64 62.28
C SER D 180 33.63 -19.92 60.83
N SER D 181 33.44 -18.84 60.08
CA SER D 181 33.17 -18.98 58.67
C SER D 181 34.28 -19.75 57.97
N ASN D 182 35.52 -19.60 58.42
CA ASN D 182 36.64 -20.25 57.78
C ASN D 182 36.34 -21.75 57.60
N GLU D 183 36.01 -22.39 58.70
CA GLU D 183 35.67 -23.80 58.69
C GLU D 183 34.31 -24.10 58.06
N ALA D 184 33.35 -23.17 58.13
CA ALA D 184 32.02 -23.46 57.51
C ALA D 184 32.23 -23.89 56.04
N PHE D 185 33.23 -23.30 55.38
CA PHE D 185 33.48 -23.53 53.97
C PHE D 185 33.99 -24.93 53.67
N TYR D 186 34.43 -25.66 54.70
CA TYR D 186 35.01 -27.01 54.51
C TYR D 186 34.37 -28.16 55.28
N LEU D 187 33.27 -27.89 55.95
CA LEU D 187 32.49 -28.90 56.65
C LEU D 187 32.30 -30.10 55.74
N PRO D 188 32.73 -31.31 56.17
CA PRO D 188 32.62 -32.43 55.22
C PRO D 188 31.16 -32.84 54.98
N GLU D 189 30.27 -32.56 55.95
CA GLU D 189 28.83 -32.79 55.75
C GLU D 189 28.09 -31.57 56.15
N PRO D 190 26.89 -31.41 55.60
CA PRO D 190 26.13 -30.25 56.02
C PRO D 190 25.63 -30.47 57.45
N PRO D 191 25.81 -29.49 58.35
CA PRO D 191 25.28 -29.72 59.71
C PRO D 191 23.75 -29.93 59.73
N ARG D 192 23.28 -30.88 60.55
CA ARG D 192 21.84 -31.11 60.72
C ARG D 192 21.23 -29.93 61.50
N ARG D 193 21.86 -29.59 62.61
CA ARG D 193 21.47 -28.39 63.35
C ARG D 193 22.69 -27.48 63.45
N VAL D 194 22.47 -26.22 63.15
CA VAL D 194 23.52 -25.24 63.29
C VAL D 194 23.05 -24.01 64.04
N LEU D 195 23.90 -23.48 64.92
CA LEU D 195 23.64 -22.14 65.42
C LEU D 195 24.65 -21.22 64.69
N THR D 196 24.17 -20.17 64.01
CA THR D 196 25.08 -19.08 63.54
C THR D 196 25.02 -17.95 64.56
N VAL D 197 26.13 -17.66 65.23
CA VAL D 197 26.09 -16.60 66.25
C VAL D 197 26.50 -15.26 65.63
N GLY D 198 25.62 -14.26 65.67
CA GLY D 198 25.95 -13.00 65.06
C GLY D 198 24.74 -12.49 64.32
N GLY D 199 24.58 -11.18 64.27
CA GLY D 199 23.43 -10.60 63.56
C GLY D 199 23.80 -9.92 62.26
N GLY D 200 25.08 -10.02 61.91
CA GLY D 200 25.61 -9.34 60.75
C GLY D 200 25.60 -10.19 59.49
N PHE D 201 26.17 -9.67 58.39
CA PHE D 201 25.92 -10.35 57.11
C PHE D 201 26.41 -11.75 57.06
N ILE D 202 27.50 -12.06 57.72
CA ILE D 202 28.09 -13.36 57.47
C ILE D 202 27.20 -14.46 58.13
N SER D 203 26.68 -14.18 59.33
CA SER D 203 25.78 -15.09 60.01
C SER D 203 24.49 -15.19 59.17
N VAL D 204 23.94 -14.06 58.78
CA VAL D 204 22.68 -14.06 57.97
C VAL D 204 22.86 -14.90 56.72
N GLU D 205 24.00 -14.74 56.04
CA GLU D 205 24.17 -15.38 54.74
C GLU D 205 24.40 -16.88 54.90
N PHE D 206 25.23 -17.25 55.86
CA PHE D 206 25.47 -18.65 56.09
C PHE D 206 24.24 -19.34 56.71
N ALA D 207 23.45 -18.62 57.46
CA ALA D 207 22.18 -19.20 57.91
C ALA D 207 21.35 -19.70 56.71
N GLY D 208 21.28 -18.89 55.66
CA GLY D 208 20.54 -19.27 54.47
C GLY D 208 21.24 -20.40 53.74
N ILE D 209 22.58 -20.37 53.69
CA ILE D 209 23.31 -21.48 53.08
C ILE D 209 22.95 -22.77 53.83
N PHE D 210 23.12 -22.78 55.15
CA PHE D 210 22.93 -24.01 55.93
C PHE D 210 21.50 -24.53 55.77
N ASN D 211 20.57 -23.60 55.70
CA ASN D 211 19.16 -23.87 55.68
C ASN D 211 18.82 -24.64 54.43
N ALA D 212 19.48 -24.32 53.32
CA ALA D 212 19.12 -24.94 52.06
C ALA D 212 19.70 -26.35 51.96
N TYR D 213 20.87 -26.58 52.54
CA TYR D 213 21.56 -27.90 52.40
C TYR D 213 21.50 -28.85 53.57
N LYS D 214 20.85 -28.42 54.64
CA LYS D 214 20.79 -29.20 55.87
C LYS D 214 20.06 -30.51 55.52
N PRO D 215 20.48 -31.61 56.15
CA PRO D 215 19.83 -32.92 55.93
C PRO D 215 18.39 -32.91 56.49
N PRO D 216 17.60 -33.98 56.22
CA PRO D 216 16.23 -34.08 56.79
C PRO D 216 16.21 -33.89 58.32
N GLY D 217 15.18 -33.21 58.80
CA GLY D 217 15.06 -32.90 60.23
C GLY D 217 16.07 -31.92 60.79
N GLY D 218 16.77 -31.20 59.90
CA GLY D 218 17.73 -30.25 60.41
C GLY D 218 17.03 -28.96 60.76
N LYS D 219 17.76 -28.07 61.39
CA LYS D 219 17.21 -26.83 61.82
C LYS D 219 18.35 -25.82 61.90
N VAL D 220 18.20 -24.66 61.28
CA VAL D 220 19.25 -23.62 61.46
C VAL D 220 18.74 -22.57 62.43
N THR D 221 19.54 -22.19 63.40
CA THR D 221 19.13 -21.10 64.31
C THR D 221 20.18 -20.05 64.20
N LEU D 222 19.77 -18.79 64.24
CA LEU D 222 20.69 -17.66 64.23
C LEU D 222 20.43 -16.95 65.54
N CYS D 223 21.46 -16.68 66.33
CA CYS D 223 21.27 -15.83 67.48
C CYS D 223 22.09 -14.57 67.40
N TYR D 224 21.61 -13.53 68.12
CA TYR D 224 22.23 -12.22 68.14
C TYR D 224 21.93 -11.52 69.47
N ARG D 225 22.97 -10.95 70.07
CA ARG D 225 22.90 -10.49 71.46
C ARG D 225 22.01 -9.28 71.54
N ASN D 226 21.80 -8.61 70.42
CA ASN D 226 20.90 -7.46 70.43
C ASN D 226 19.52 -7.70 69.92
N ASN D 227 18.74 -6.64 69.82
CA ASN D 227 17.30 -6.71 69.57
CA ASN D 227 17.29 -6.78 69.56
C ASN D 227 16.89 -7.12 68.14
N LEU D 228 17.67 -6.66 67.17
CA LEU D 228 17.28 -6.75 65.76
C LEU D 228 18.55 -6.99 64.92
N ILE D 229 18.63 -8.12 64.21
CA ILE D 229 19.76 -8.36 63.35
C ILE D 229 20.07 -7.20 62.35
N LEU D 230 21.25 -7.30 61.77
CA LEU D 230 21.74 -6.39 60.71
C LEU D 230 21.79 -4.92 61.11
N ARG D 231 22.27 -4.63 62.32
CA ARG D 231 22.57 -3.29 62.74
C ARG D 231 23.40 -2.63 61.60
N GLY D 232 23.16 -1.35 61.35
CA GLY D 232 23.84 -0.63 60.24
C GLY D 232 22.94 -0.50 59.00
N PHE D 233 21.99 -1.40 58.89
CA PHE D 233 21.08 -1.45 57.78
C PHE D 233 19.80 -0.75 58.06
N ASP D 234 19.03 -0.55 57.00
CA ASP D 234 17.81 0.23 57.11
C ASP D 234 16.92 -0.58 58.04
N GLU D 235 16.16 0.08 58.91
CA GLU D 235 15.36 -0.68 59.85
C GLU D 235 14.19 -1.44 59.23
N THR D 236 13.51 -0.86 58.25
CA THR D 236 12.46 -1.62 57.60
C THR D 236 13.06 -2.91 57.03
N ILE D 237 14.24 -2.80 56.44
CA ILE D 237 14.89 -4.01 55.88
C ILE D 237 15.23 -5.06 56.93
N ARG D 238 15.81 -4.59 58.02
CA ARG D 238 16.22 -5.47 59.08
C ARG D 238 15.05 -6.28 59.54
N GLU D 239 13.89 -5.64 59.69
CA GLU D 239 12.69 -6.32 60.16
C GLU D 239 12.09 -7.19 59.11
N GLU D 240 12.08 -6.72 57.87
CA GLU D 240 11.65 -7.58 56.80
C GLU D 240 12.58 -8.83 56.63
N VAL D 241 13.88 -8.63 56.60
CA VAL D 241 14.81 -9.77 56.47
C VAL D 241 14.54 -10.78 57.56
N THR D 242 14.31 -10.30 58.78
CA THR D 242 14.04 -11.18 59.91
C THR D 242 12.80 -12.02 59.59
N LYS D 243 11.73 -11.38 59.10
CA LYS D 243 10.52 -12.08 58.78
C LYS D 243 10.74 -13.08 57.68
N GLN D 244 11.56 -12.71 56.69
CA GLN D 244 11.73 -13.57 55.53
C GLN D 244 12.63 -14.74 55.83
N LEU D 245 13.63 -14.53 56.68
CA LEU D 245 14.34 -15.70 57.24
C LEU D 245 13.44 -16.67 57.99
N THR D 246 12.58 -16.13 58.87
CA THR D 246 11.69 -16.95 59.66
C THR D 246 10.79 -17.70 58.73
N ALA D 247 10.24 -17.00 57.72
CA ALA D 247 9.32 -17.62 56.77
C ALA D 247 10.05 -18.77 56.07
N ASN D 248 11.36 -18.64 55.92
CA ASN D 248 12.09 -19.72 55.25
C ASN D 248 12.59 -20.82 56.19
N GLY D 249 12.25 -20.72 57.48
CA GLY D 249 12.43 -21.84 58.39
C GLY D 249 13.61 -21.65 59.33
N ILE D 250 14.25 -20.49 59.26
CA ILE D 250 15.36 -20.22 60.15
C ILE D 250 14.80 -19.66 61.48
N GLU D 251 15.30 -20.16 62.60
CA GLU D 251 14.92 -19.69 63.92
CA GLU D 251 14.87 -19.64 63.89
C GLU D 251 15.81 -18.51 64.27
N ILE D 252 15.25 -17.30 64.48
CA ILE D 252 16.10 -16.16 64.89
C ILE D 252 16.03 -15.93 66.40
N MET D 253 17.08 -16.15 67.16
CA MET D 253 17.05 -15.81 68.57
C MET D 253 17.67 -14.45 68.84
N THR D 254 16.89 -13.38 68.91
CA THR D 254 17.49 -12.10 69.26
C THR D 254 17.48 -11.98 70.78
N ASN D 255 18.21 -10.98 71.26
CA ASN D 255 18.56 -10.77 72.67
C ASN D 255 19.15 -11.99 73.36
N GLU D 256 19.86 -12.80 72.58
CA GLU D 256 20.51 -13.98 73.11
C GLU D 256 21.97 -14.03 72.71
N ASN D 257 22.79 -14.55 73.63
CA ASN D 257 24.21 -14.54 73.48
C ASN D 257 24.81 -15.74 74.19
N PRO D 258 25.58 -16.57 73.47
CA PRO D 258 26.15 -17.74 74.17
C PRO D 258 27.12 -17.40 75.34
N ALA D 259 26.94 -18.09 76.47
CA ALA D 259 27.86 -17.96 77.59
C ALA D 259 28.89 -19.08 77.67
N LYS D 260 28.54 -20.24 77.10
CA LYS D 260 29.43 -21.38 77.15
C LYS D 260 28.92 -22.43 76.22
N VAL D 261 29.84 -23.33 75.86
CA VAL D 261 29.51 -24.35 74.94
C VAL D 261 30.19 -25.57 75.51
N SER D 262 29.45 -26.70 75.60
CA SER D 262 30.06 -27.97 75.97
C SER D 262 29.82 -29.06 74.93
N LEU D 263 30.70 -30.04 74.92
CA LEU D 263 30.57 -31.15 73.97
C LEU D 263 29.70 -32.20 74.60
N ASN D 264 28.65 -32.60 73.89
CA ASN D 264 27.78 -33.66 74.37
C ASN D 264 28.48 -34.93 74.08
N THR D 265 28.03 -36.01 74.68
CA THR D 265 28.75 -37.27 74.49
C THR D 265 28.69 -37.78 73.04
N ASP D 266 27.68 -37.38 72.28
CA ASP D 266 27.58 -37.78 70.88
C ASP D 266 28.34 -36.84 69.95
N GLY D 267 28.97 -35.78 70.49
CA GLY D 267 29.88 -34.93 69.71
C GLY D 267 29.21 -33.65 69.27
N SER D 268 27.90 -33.60 69.45
CA SER D 268 27.16 -32.39 69.26
C SER D 268 27.51 -31.42 70.38
N LYS D 269 27.08 -30.17 70.23
CA LYS D 269 27.49 -29.12 71.12
C LYS D 269 26.30 -28.67 71.93
N HIS D 270 26.55 -28.36 73.21
CA HIS D 270 25.40 -27.96 74.05
C HIS D 270 25.69 -26.54 74.39
N VAL D 271 24.89 -25.64 73.83
CA VAL D 271 25.12 -24.20 74.01
C VAL D 271 24.23 -23.65 75.09
N THR D 272 24.84 -23.01 76.09
CA THR D 272 24.08 -22.27 77.09
C THR D 272 24.20 -20.79 76.87
N PHE D 273 23.07 -20.10 76.80
CA PHE D 273 23.10 -18.65 76.60
C PHE D 273 23.17 -17.91 77.92
N GLU D 274 23.66 -16.66 77.88
CA GLU D 274 23.60 -15.75 79.02
C GLU D 274 22.28 -15.81 79.81
N SER D 275 21.16 -15.94 79.10
CA SER D 275 19.84 -15.90 79.73
C SER D 275 19.47 -17.24 80.39
N GLY D 276 20.32 -18.24 80.30
CA GLY D 276 19.98 -19.56 80.86
C GLY D 276 19.44 -20.53 79.84
N LYS D 277 18.84 -19.99 78.78
CA LYS D 277 18.38 -20.77 77.66
C LYS D 277 19.50 -21.71 77.13
N THR D 278 19.10 -22.81 76.52
CA THR D 278 20.09 -23.77 75.97
C THR D 278 19.64 -24.22 74.60
N LEU D 279 20.61 -24.72 73.84
CA LEU D 279 20.38 -25.24 72.50
C LEU D 279 21.44 -26.28 72.19
N ASP D 280 21.02 -27.45 71.71
CA ASP D 280 21.96 -28.36 71.10
C ASP D 280 21.93 -28.25 69.61
N VAL D 281 23.15 -28.20 69.06
CA VAL D 281 23.34 -28.10 67.62
C VAL D 281 24.54 -28.96 67.30
N ASP D 282 24.76 -29.25 66.02
CA ASP D 282 25.90 -30.01 65.51
C ASP D 282 27.13 -29.15 65.22
N VAL D 283 26.84 -27.92 64.84
CA VAL D 283 27.83 -26.89 64.54
C VAL D 283 27.39 -25.56 65.20
N VAL D 284 28.31 -24.99 65.97
CA VAL D 284 28.14 -23.63 66.38
C VAL D 284 29.08 -22.79 65.53
N MET D 285 28.52 -21.95 64.65
CA MET D 285 29.38 -21.04 63.86
C MET D 285 29.38 -19.64 64.42
N MET D 286 30.54 -19.23 64.95
CA MET D 286 30.74 -17.87 65.50
C MET D 286 31.04 -16.91 64.37
N ALA D 287 30.22 -15.86 64.25
CA ALA D 287 30.28 -14.88 63.22
C ALA D 287 29.93 -13.55 63.89
N ILE D 288 30.51 -13.29 65.05
CA ILE D 288 30.15 -12.10 65.81
C ILE D 288 30.91 -10.89 65.39
N GLY D 289 31.87 -11.03 64.50
CA GLY D 289 32.69 -9.89 64.10
C GLY D 289 33.94 -10.41 63.47
N ARG D 290 34.68 -9.53 62.80
CA ARG D 290 36.04 -9.88 62.38
C ARG D 290 36.97 -8.82 62.89
N ILE D 291 38.15 -9.21 63.35
CA ILE D 291 39.08 -8.23 63.88
C ILE D 291 40.34 -8.08 63.03
N PRO D 292 40.96 -6.89 63.03
CA PRO D 292 42.10 -6.63 62.17
C PRO D 292 43.19 -7.61 62.51
N ARG D 293 43.84 -8.18 61.49
CA ARG D 293 44.84 -9.19 61.70
C ARG D 293 46.21 -8.53 61.85
N THR D 294 46.48 -7.98 63.03
CA THR D 294 47.68 -7.17 63.25
C THR D 294 48.75 -7.92 64.04
N ASN D 295 48.36 -9.08 64.59
CA ASN D 295 49.08 -9.71 65.65
C ASN D 295 50.40 -10.32 65.25
N ASP D 296 50.50 -10.80 64.01
CA ASP D 296 51.65 -11.55 63.52
C ASP D 296 52.66 -10.62 62.82
N LEU D 297 52.33 -9.33 62.71
CA LEU D 297 53.18 -8.40 61.93
C LEU D 297 54.33 -7.80 62.69
N GLN D 298 54.29 -8.03 64.00
CA GLN D 298 55.34 -7.55 64.95
C GLN D 298 55.53 -6.07 64.79
N LEU D 299 54.40 -5.35 64.76
CA LEU D 299 54.40 -3.93 64.54
C LEU D 299 55.15 -3.14 65.61
N GLY D 300 55.31 -3.75 66.78
CA GLY D 300 56.09 -3.15 67.85
C GLY D 300 57.56 -3.01 67.48
N ASN D 301 58.07 -3.82 66.55
CA ASN D 301 59.42 -3.60 66.00
C ASN D 301 59.62 -2.24 65.37
N VAL D 302 58.57 -1.66 64.78
CA VAL D 302 58.68 -0.35 64.15
C VAL D 302 57.72 0.69 64.76
N GLY D 303 56.89 0.31 65.73
CA GLY D 303 56.07 1.34 66.41
C GLY D 303 54.91 1.89 65.61
N VAL D 304 54.29 1.03 64.79
CA VAL D 304 53.11 1.39 64.02
C VAL D 304 51.91 1.46 64.95
N LYS D 305 51.21 2.59 65.00
CA LYS D 305 50.17 2.78 66.01
C LYS D 305 48.91 2.10 65.59
N LEU D 306 48.30 1.43 66.57
CA LEU D 306 46.93 0.92 66.46
C LEU D 306 45.90 1.92 66.98
N THR D 307 44.69 1.86 66.46
CA THR D 307 43.58 2.54 67.08
C THR D 307 43.21 1.79 68.36
N PRO D 308 42.39 2.46 69.25
CA PRO D 308 42.03 1.80 70.51
C PRO D 308 41.14 0.59 70.23
N LYS D 309 40.37 0.60 69.12
CA LYS D 309 39.69 -0.64 68.68
C LYS D 309 40.57 -1.64 67.89
N GLY D 310 41.83 -1.27 67.58
CA GLY D 310 42.87 -2.28 67.14
C GLY D 310 43.24 -2.33 65.66
N GLY D 311 42.65 -1.48 64.85
CA GLY D 311 43.12 -1.48 63.46
C GLY D 311 44.48 -0.82 63.41
N VAL D 312 45.20 -0.99 62.32
CA VAL D 312 46.30 -0.08 62.06
C VAL D 312 45.73 1.32 61.83
N GLN D 313 46.20 2.32 62.59
CA GLN D 313 45.73 3.68 62.42
C GLN D 313 46.32 4.24 61.13
N VAL D 314 45.47 4.84 60.31
CA VAL D 314 45.94 5.45 59.12
C VAL D 314 45.22 6.77 58.97
N ASP D 315 45.82 7.62 58.14
CA ASP D 315 45.19 8.86 57.73
C ASP D 315 44.40 8.59 56.46
N GLU D 316 43.80 9.64 55.88
CA GLU D 316 42.98 9.46 54.66
C GLU D 316 43.72 8.88 53.45
N PHE D 317 45.05 8.94 53.50
CA PHE D 317 45.86 8.44 52.42
C PHE D 317 46.47 7.08 52.78
N SER D 318 45.96 6.40 53.83
CA SER D 318 46.44 5.07 54.20
C SER D 318 47.82 5.06 54.81
N ARG D 319 48.32 6.23 55.23
CA ARG D 319 49.60 6.21 55.94
C ARG D 319 49.55 5.93 57.39
N THR D 320 50.45 5.06 57.84
CA THR D 320 50.66 4.95 59.27
C THR D 320 51.48 6.08 59.82
N ASN D 321 51.76 6.00 61.14
CA ASN D 321 52.65 7.00 61.73
C ASN D 321 54.10 6.79 61.30
N VAL D 322 54.40 5.65 60.66
CA VAL D 322 55.77 5.32 60.25
C VAL D 322 55.95 5.62 58.76
N PRO D 323 56.91 6.53 58.42
CA PRO D 323 57.07 6.83 57.02
C PRO D 323 57.39 5.54 56.19
N ASN D 324 56.80 5.49 54.99
CA ASN D 324 56.94 4.37 54.06
C ASN D 324 56.15 3.11 54.49
N ILE D 325 55.44 3.16 55.60
CA ILE D 325 54.58 2.06 55.99
C ILE D 325 53.11 2.49 55.84
N TYR D 326 52.39 1.71 55.07
CA TYR D 326 50.98 1.97 54.78
C TYR D 326 50.04 0.78 55.15
N ALA D 327 48.72 0.99 55.16
CA ALA D 327 47.78 -0.09 55.58
C ALA D 327 46.47 0.21 54.92
N ILE D 328 45.89 -0.80 54.31
CA ILE D 328 44.67 -0.63 53.54
C ILE D 328 43.85 -1.92 53.86
N GLY D 329 42.57 -1.88 53.52
CA GLY D 329 41.69 -3.03 53.70
C GLY D 329 41.32 -3.24 55.13
N ASP D 330 40.91 -4.47 55.43
CA ASP D 330 40.27 -4.70 56.72
C ASP D 330 41.22 -4.43 57.85
N ILE D 331 42.55 -4.43 57.61
CA ILE D 331 43.50 -4.22 58.72
C ILE D 331 43.26 -2.81 59.35
N THR D 332 42.64 -1.92 58.60
CA THR D 332 42.35 -0.58 59.11
C THR D 332 40.96 -0.48 59.80
N ASP D 333 40.15 -1.54 59.74
CA ASP D 333 38.92 -1.68 60.56
C ASP D 333 37.91 -0.60 60.24
N ARG D 334 37.86 -0.21 58.97
CA ARG D 334 36.99 0.80 58.46
C ARG D 334 35.81 0.01 57.83
N LEU D 335 35.56 0.18 56.53
CA LEU D 335 34.55 -0.65 55.86
C LEU D 335 35.23 -1.94 55.51
N MET D 336 34.71 -3.07 55.97
CA MET D 336 35.33 -4.30 55.58
C MET D 336 34.68 -4.86 54.31
N LEU D 337 34.99 -4.26 53.18
CA LEU D 337 34.50 -4.76 51.90
C LEU D 337 35.67 -4.95 50.95
N THR D 338 35.60 -5.96 50.09
CA THR D 338 36.54 -6.13 49.01
C THR D 338 36.73 -4.90 48.10
N PRO D 339 35.65 -4.32 47.57
CA PRO D 339 36.00 -3.28 46.60
C PRO D 339 36.60 -2.04 47.26
N VAL D 340 36.39 -1.94 48.56
CA VAL D 340 36.98 -0.83 49.30
C VAL D 340 38.44 -1.11 49.55
N ALA D 341 38.80 -2.36 49.86
CA ALA D 341 40.24 -2.64 50.08
C ALA D 341 40.93 -2.35 48.75
N ILE D 342 40.23 -2.71 47.68
CA ILE D 342 40.76 -2.57 46.32
C ILE D 342 40.93 -1.10 46.01
N ASN D 343 39.88 -0.30 46.21
CA ASN D 343 39.93 1.13 46.04
C ASN D 343 41.09 1.76 46.87
N GLU D 344 41.22 1.37 48.13
CA GLU D 344 42.35 1.86 48.97
C GLU D 344 43.72 1.51 48.40
N GLY D 345 43.87 0.27 47.91
CA GLY D 345 45.15 -0.19 47.36
C GLY D 345 45.52 0.59 46.11
N ALA D 346 44.61 0.74 45.16
CA ALA D 346 44.88 1.51 43.98
C ALA D 346 45.13 2.99 44.33
N ALA D 347 44.41 3.50 45.33
CA ALA D 347 44.50 4.93 45.63
C ALA D 347 45.87 5.13 46.30
N LEU D 348 46.25 4.18 47.16
CA LEU D 348 47.55 4.23 47.83
C LEU D 348 48.72 4.24 46.81
N VAL D 349 48.70 3.28 45.89
CA VAL D 349 49.73 3.18 44.83
C VAL D 349 49.72 4.41 43.89
N ASP D 350 48.55 4.88 43.49
CA ASP D 350 48.50 6.12 42.77
C ASP D 350 49.18 7.23 43.52
N THR D 351 49.01 7.25 44.82
CA THR D 351 49.52 8.42 45.59
C THR D 351 51.04 8.29 45.77
N VAL D 352 51.53 7.08 46.08
CA VAL D 352 52.93 6.85 46.41
C VAL D 352 53.85 6.68 45.19
N PHE D 353 53.37 6.00 44.14
CA PHE D 353 54.15 5.66 42.95
C PHE D 353 53.64 6.32 41.70
N GLY D 354 52.36 6.68 41.69
CA GLY D 354 51.82 7.43 40.55
C GLY D 354 51.98 8.90 40.84
N ASN D 355 51.35 9.72 40.05
CA ASN D 355 51.53 11.13 40.23
C ASN D 355 50.17 11.70 40.52
N LYS D 356 49.24 10.80 40.89
CA LYS D 356 47.84 11.09 41.07
C LYS D 356 47.39 10.87 42.54
N PRO D 357 47.85 11.73 43.48
CA PRO D 357 47.46 11.53 44.89
C PRO D 357 45.94 11.46 44.97
N ARG D 358 45.43 10.53 45.79
CA ARG D 358 44.01 10.22 45.80
C ARG D 358 43.66 9.52 47.12
N LYS D 359 42.49 9.82 47.63
CA LYS D 359 42.10 9.10 48.79
C LYS D 359 40.76 8.46 48.49
N THR D 360 40.56 7.33 49.14
CA THR D 360 39.28 6.65 49.10
C THR D 360 38.14 7.44 49.74
N ASP D 361 37.03 7.57 49.00
CA ASP D 361 35.76 8.07 49.54
C ASP D 361 35.04 6.88 50.19
N HIS D 362 34.96 6.88 51.52
CA HIS D 362 34.33 5.80 52.28
C HIS D 362 32.83 6.01 52.50
N THR D 363 32.27 7.05 51.89
CA THR D 363 30.86 7.38 52.03
C THR D 363 30.20 6.91 50.76
N ARG D 364 28.93 6.57 50.87
CA ARG D 364 28.12 6.27 49.71
C ARG D 364 28.66 5.06 48.97
N VAL D 365 29.29 4.15 49.72
CA VAL D 365 29.71 2.89 49.14
C VAL D 365 28.54 1.92 49.07
N ALA D 366 28.24 1.45 47.89
CA ALA D 366 27.16 0.46 47.78
C ALA D 366 27.67 -0.84 48.30
N SER D 367 26.79 -1.59 48.97
CA SER D 367 27.11 -2.96 49.36
C SER D 367 25.85 -3.81 49.35
N ALA D 368 26.05 -5.09 49.59
CA ALA D 368 25.01 -6.07 49.39
C ALA D 368 25.01 -7.04 50.55
N VAL D 369 23.85 -7.66 50.83
CA VAL D 369 23.83 -8.81 51.73
C VAL D 369 23.14 -9.86 50.97
N PHE D 370 23.85 -11.00 50.80
CA PHE D 370 23.29 -12.10 50.06
C PHE D 370 22.46 -13.02 50.94
N SER D 371 21.51 -12.45 51.68
CA SER D 371 20.42 -13.25 52.22
C SER D 371 19.56 -13.73 51.06
N ILE D 372 18.57 -14.57 51.35
CA ILE D 372 17.58 -14.87 50.35
C ILE D 372 16.19 -14.39 50.79
N PRO D 373 15.67 -13.29 50.20
CA PRO D 373 16.24 -12.49 49.12
C PRO D 373 17.25 -11.46 49.66
N PRO D 374 18.03 -10.89 48.77
CA PRO D 374 19.17 -10.11 49.19
C PRO D 374 18.81 -8.64 49.45
N ILE D 375 19.77 -7.95 50.03
CA ILE D 375 19.69 -6.55 50.37
C ILE D 375 20.72 -5.87 49.48
N GLY D 376 20.38 -4.70 48.96
CA GLY D 376 21.27 -3.87 48.20
C GLY D 376 21.21 -2.52 48.88
N THR D 377 22.35 -1.94 49.26
CA THR D 377 22.27 -0.64 49.97
C THR D 377 23.39 0.32 49.60
N CYS D 378 23.13 1.62 49.70
CA CYS D 378 24.17 2.61 49.43
C CYS D 378 23.76 3.87 50.20
N GLY D 379 24.62 4.34 51.11
CA GLY D 379 24.53 5.67 51.69
C GLY D 379 23.87 5.55 53.01
N LEU D 380 23.28 6.67 53.46
CA LEU D 380 22.75 6.76 54.81
C LEU D 380 21.39 6.18 55.02
N ILE D 381 21.29 5.45 56.13
CA ILE D 381 20.03 5.07 56.75
C ILE D 381 19.40 6.35 57.38
N GLU D 382 18.07 6.39 57.39
CA GLU D 382 17.30 7.56 57.75
C GLU D 382 17.65 8.08 59.14
N GLU D 383 17.77 7.19 60.11
CA GLU D 383 18.07 7.60 61.48
C GLU D 383 19.41 8.27 61.56
N VAL D 384 20.40 7.81 60.80
CA VAL D 384 21.66 8.53 60.72
C VAL D 384 21.49 9.92 60.02
N ALA D 385 20.93 9.92 58.81
CA ALA D 385 20.61 11.16 58.12
C ALA D 385 19.89 12.23 58.97
N ALA D 386 18.89 11.79 59.74
CA ALA D 386 18.04 12.68 60.52
C ALA D 386 18.94 13.46 61.51
N LYS D 387 20.05 12.83 61.92
CA LYS D 387 20.98 13.46 62.85
C LYS D 387 21.83 14.51 62.21
N GLU D 388 21.99 14.43 60.88
CA GLU D 388 22.84 15.33 60.16
C GLU D 388 22.09 16.41 59.38
N PHE D 389 20.80 16.21 59.09
CA PHE D 389 20.09 17.15 58.22
C PHE D 389 18.83 17.55 58.92
N GLU D 390 18.41 18.79 58.69
CA GLU D 390 17.25 19.30 59.42
C GLU D 390 15.93 18.67 58.92
N LYS D 391 15.83 18.49 57.60
CA LYS D 391 14.67 17.94 56.97
C LYS D 391 15.17 16.73 56.16
N VAL D 392 14.76 15.54 56.60
CA VAL D 392 14.98 14.30 55.83
C VAL D 392 13.64 13.78 55.26
N ALA D 393 13.57 13.38 53.99
CA ALA D 393 12.39 12.74 53.54
C ALA D 393 12.67 11.27 53.34
N VAL D 394 11.69 10.45 53.69
CA VAL D 394 11.73 9.03 53.33
C VAL D 394 10.62 8.60 52.32
N TYR D 395 11.04 8.05 51.19
CA TYR D 395 10.18 7.56 50.15
C TYR D 395 10.34 6.07 50.26
N MET D 396 9.23 5.36 50.38
CA MET D 396 9.32 3.97 50.64
C MET D 396 8.30 3.27 49.79
N SER D 397 8.71 2.18 49.17
CA SER D 397 7.81 1.30 48.50
C SER D 397 7.97 -0.14 49.01
N SER D 398 6.86 -0.81 49.30
CA SER D 398 6.93 -2.17 49.80
C SER D 398 5.77 -2.98 49.22
N PHE D 399 6.01 -4.26 48.93
CA PHE D 399 4.96 -5.10 48.37
C PHE D 399 5.59 -6.44 47.96
N THR D 400 4.80 -7.52 48.08
CA THR D 400 5.10 -8.77 47.43
C THR D 400 5.00 -8.56 45.91
N PRO D 401 6.12 -8.69 45.15
CA PRO D 401 5.97 -8.62 43.68
C PRO D 401 5.02 -9.73 43.11
N LEU D 402 4.42 -9.47 41.96
CA LEU D 402 3.50 -10.44 41.33
C LEU D 402 4.10 -11.84 41.21
N MET D 403 5.27 -11.98 40.58
CA MET D 403 5.89 -13.28 40.38
C MET D 403 5.87 -14.14 41.65
N HIS D 404 5.95 -13.46 42.80
CA HIS D 404 5.91 -14.15 44.05
C HIS D 404 4.53 -14.44 44.57
N ASN D 405 3.51 -13.76 44.08
CA ASN D 405 2.17 -14.29 44.31
C ASN D 405 2.02 -15.60 43.57
N ILE D 406 2.55 -15.66 42.35
CA ILE D 406 2.44 -16.89 41.57
C ILE D 406 3.39 -17.95 42.05
N SER D 407 4.59 -17.57 42.49
CA SER D 407 5.54 -18.57 42.96
C SER D 407 5.12 -19.20 44.27
N GLY D 408 4.48 -18.41 45.12
CA GLY D 408 3.95 -18.91 46.33
C GLY D 408 4.71 -18.36 47.51
N SER D 409 5.77 -17.59 47.26
CA SER D 409 6.59 -17.13 48.37
C SER D 409 6.13 -15.73 48.67
N LYS D 410 4.93 -15.63 49.21
CA LYS D 410 4.25 -14.35 49.36
C LYS D 410 4.85 -13.53 50.48
N TYR D 411 5.62 -14.17 51.35
CA TYR D 411 6.41 -13.44 52.35
C TYR D 411 7.46 -12.53 51.69
N LYS D 412 7.70 -12.71 50.38
CA LYS D 412 8.87 -12.08 49.74
C LYS D 412 8.62 -10.63 49.34
N LYS D 413 8.45 -9.74 50.34
CA LYS D 413 8.24 -8.33 50.09
C LYS D 413 9.53 -7.69 49.57
N PHE D 414 9.41 -7.03 48.43
CA PHE D 414 10.38 -6.09 47.95
C PHE D 414 10.21 -4.79 48.71
N VAL D 415 11.31 -4.31 49.30
CA VAL D 415 11.32 -2.99 49.96
C VAL D 415 12.26 -2.08 49.18
N ALA D 416 11.77 -0.92 48.75
CA ALA D 416 12.63 0.12 48.23
C ALA D 416 12.42 1.41 49.04
N LYS D 417 13.51 1.90 49.61
CA LYS D 417 13.47 3.19 50.33
C LYS D 417 14.57 4.11 49.79
N ILE D 418 14.16 5.35 49.50
CA ILE D 418 15.08 6.39 49.21
C ILE D 418 15.04 7.40 50.35
N VAL D 419 16.22 7.77 50.86
CA VAL D 419 16.32 8.73 51.93
C VAL D 419 16.93 10.03 51.35
N THR D 420 16.26 11.18 51.54
CA THR D 420 16.72 12.46 50.97
C THR D 420 16.99 13.54 51.99
N ASN D 421 17.83 14.46 51.58
CA ASN D 421 17.83 15.72 52.27
C ASN D 421 16.69 16.47 51.62
N HIS D 422 15.62 16.61 52.37
CA HIS D 422 14.45 17.33 51.88
C HIS D 422 14.67 18.84 51.56
N SER D 423 15.72 19.43 52.07
CA SER D 423 16.00 20.84 51.74
C SER D 423 16.48 21.07 50.32
N ASP D 424 17.13 20.10 49.67
CA ASP D 424 17.43 20.27 48.26
C ASP D 424 17.12 19.04 47.40
N GLY D 425 16.48 18.04 47.99
CA GLY D 425 16.15 16.82 47.28
C GLY D 425 17.29 15.80 47.11
N THR D 426 18.48 16.15 47.58
CA THR D 426 19.65 15.27 47.39
C THR D 426 19.41 13.92 47.99
N VAL D 427 19.64 12.88 47.21
CA VAL D 427 19.52 11.49 47.72
C VAL D 427 20.65 11.16 48.66
N LEU D 428 20.31 10.81 49.89
CA LEU D 428 21.32 10.52 50.87
C LEU D 428 21.62 9.03 50.94
N GLY D 429 20.64 8.20 50.68
CA GLY D 429 20.75 6.75 50.95
C GLY D 429 19.66 6.11 50.17
N VAL D 430 19.90 4.89 49.70
CA VAL D 430 18.90 4.09 48.96
C VAL D 430 18.97 2.68 49.51
N HIS D 431 17.82 2.02 49.79
CA HIS D 431 17.86 0.80 50.55
C HIS D 431 16.94 -0.19 49.94
N LEU D 432 17.47 -1.35 49.55
CA LEU D 432 16.68 -2.35 48.79
C LEU D 432 16.73 -3.71 49.39
N LEU D 433 15.56 -4.37 49.43
CA LEU D 433 15.41 -5.76 49.89
C LEU D 433 14.59 -6.42 48.82
N GLY D 434 15.11 -7.49 48.23
CA GLY D 434 14.35 -8.20 47.17
C GLY D 434 15.32 -8.74 46.15
N ASP D 435 14.90 -9.79 45.45
CA ASP D 435 15.64 -10.39 44.27
C ASP D 435 16.27 -9.30 43.41
N GLY D 436 17.58 -9.41 43.14
CA GLY D 436 18.32 -8.45 42.28
C GLY D 436 18.68 -7.11 42.94
N ALA D 437 18.37 -6.93 44.24
CA ALA D 437 18.82 -5.75 44.99
C ALA D 437 20.32 -5.47 44.82
N PRO D 438 21.20 -6.51 44.92
CA PRO D 438 22.61 -6.18 44.78
C PRO D 438 22.97 -5.62 43.40
N GLU D 439 22.24 -6.02 42.36
CA GLU D 439 22.52 -5.68 40.98
C GLU D 439 21.98 -4.29 40.76
N ILE D 440 20.83 -4.03 41.35
CA ILE D 440 20.12 -2.75 41.19
C ILE D 440 20.94 -1.67 41.79
N ILE D 441 21.50 -1.92 42.96
CA ILE D 441 22.14 -0.90 43.75
C ILE D 441 23.40 -0.35 43.14
N GLN D 442 24.03 -1.09 42.21
CA GLN D 442 25.38 -0.70 41.79
C GLN D 442 25.31 0.64 41.10
N ALA D 443 24.48 0.79 40.04
CA ALA D 443 24.41 2.13 39.38
C ALA D 443 23.85 3.19 40.34
N VAL D 444 23.15 2.75 41.38
CA VAL D 444 22.64 3.72 42.39
C VAL D 444 23.84 4.30 43.07
N GLY D 445 24.93 3.50 43.21
CA GLY D 445 26.17 4.08 43.77
C GLY D 445 26.68 5.21 42.91
N VAL D 446 26.61 5.05 41.61
CA VAL D 446 27.02 6.12 40.64
C VAL D 446 26.08 7.39 40.80
N CYS D 447 24.81 7.15 41.03
CA CYS D 447 23.83 8.24 41.17
C CYS D 447 24.22 9.09 42.38
N LEU D 448 24.58 8.41 43.46
CA LEU D 448 24.95 9.14 44.66
C LEU D 448 26.24 9.96 44.50
N ARG D 449 27.18 9.40 43.76
CA ARG D 449 28.38 10.12 43.45
C ARG D 449 28.14 11.27 42.51
N LEU D 450 27.11 11.21 41.71
CA LEU D 450 26.72 12.37 40.92
C LEU D 450 25.77 13.28 41.68
N ASN D 451 25.64 13.11 43.01
CA ASN D 451 24.69 13.90 43.85
C ASN D 451 23.24 13.96 43.33
N ALA D 452 22.76 12.84 42.83
CA ALA D 452 21.41 12.76 42.29
C ALA D 452 20.37 13.23 43.34
N LYS D 453 19.31 13.85 42.87
CA LYS D 453 18.22 14.24 43.74
C LYS D 453 17.03 13.33 43.45
N ILE D 454 16.10 13.23 44.37
CA ILE D 454 14.92 12.41 44.15
C ILE D 454 14.27 12.80 42.82
N SER D 455 14.31 14.07 42.47
CA SER D 455 13.73 14.51 41.20
C SER D 455 14.41 13.82 40.00
N ASP D 456 15.71 13.53 40.09
CA ASP D 456 16.36 12.77 38.99
C ASP D 456 15.90 11.33 38.93
N PHE D 457 15.75 10.69 40.09
CA PHE D 457 15.14 9.35 40.12
C PHE D 457 13.73 9.37 39.54
N TYR D 458 12.90 10.27 40.06
CA TYR D 458 11.53 10.37 39.63
C TYR D 458 11.41 10.74 38.16
N ASN D 459 12.23 11.66 37.73
CA ASN D 459 12.22 12.00 36.32
C ASN D 459 12.63 10.92 35.36
N THR D 460 13.45 10.00 35.82
CA THR D 460 13.90 8.93 34.93
C THR D 460 12.72 7.97 34.59
N ILE D 461 12.63 7.57 33.32
CA ILE D 461 11.58 6.64 32.91
C ILE D 461 11.90 5.20 33.37
N GLY D 462 10.91 4.57 33.99
CA GLY D 462 11.08 3.24 34.54
C GLY D 462 11.33 2.22 33.45
N VAL D 463 12.10 1.19 33.78
CA VAL D 463 12.16 -0.01 32.91
C VAL D 463 11.01 -0.91 33.40
N HIS D 464 10.13 -1.33 32.50
CA HIS D 464 8.97 -2.10 32.99
C HIS D 464 8.93 -3.48 32.34
N PRO D 465 8.60 -4.56 33.10
CA PRO D 465 8.37 -4.54 34.57
C PRO D 465 9.69 -4.92 35.21
N THR D 466 10.15 -4.17 36.20
CA THR D 466 11.30 -4.57 37.02
C THR D 466 10.99 -4.22 38.45
N SER D 467 11.85 -4.63 39.38
CA SER D 467 11.71 -4.17 40.76
C SER D 467 12.37 -2.78 40.82
N ALA D 468 13.42 -2.62 40.02
CA ALA D 468 14.18 -1.37 40.06
C ALA D 468 13.29 -0.20 39.72
N GLU D 469 12.28 -0.39 38.86
CA GLU D 469 11.54 0.79 38.43
C GLU D 469 10.87 1.50 39.60
N GLU D 470 10.63 0.77 40.70
CA GLU D 470 10.04 1.39 41.90
C GLU D 470 10.75 2.67 42.30
N LEU D 471 12.06 2.69 42.08
CA LEU D 471 12.92 3.83 42.45
C LEU D 471 12.71 5.10 41.66
N CYS D 472 12.04 4.95 40.53
CA CYS D 472 11.80 6.02 39.61
C CYS D 472 10.33 6.37 39.53
N SER D 473 9.54 5.89 40.48
CA SER D 473 8.09 6.17 40.57
C SER D 473 7.71 6.71 41.93
N MET D 474 8.63 7.34 42.64
CA MET D 474 8.38 7.80 44.00
C MET D 474 8.64 9.28 44.01
N ARG D 475 7.60 10.00 44.40
CA ARG D 475 7.57 11.43 44.21
C ARG D 475 7.19 12.07 45.54
N THR D 476 6.43 11.33 46.33
CA THR D 476 5.88 11.83 47.55
C THR D 476 6.45 11.07 48.74
N PRO D 477 7.15 11.78 49.64
CA PRO D 477 7.65 11.04 50.82
C PRO D 477 6.56 10.24 51.53
N SER D 478 6.91 9.09 52.08
CA SER D 478 6.04 8.39 53.00
C SER D 478 6.06 9.11 54.34
N TYR D 479 7.21 9.66 54.74
CA TYR D 479 7.33 10.43 56.00
C TYR D 479 8.60 11.27 55.97
N TYR D 480 8.85 12.00 57.05
CA TYR D 480 9.99 12.87 57.15
C TYR D 480 10.62 12.74 58.52
N TYR D 481 11.82 13.29 58.65
CA TYR D 481 12.40 13.61 59.96
C TYR D 481 12.59 15.13 59.95
N VAL D 482 12.18 15.81 61.02
CA VAL D 482 12.32 17.27 61.07
C VAL D 482 12.98 17.51 62.38
N LYS D 483 14.23 17.94 62.31
CA LYS D 483 15.14 17.85 63.43
C LYS D 483 14.86 16.60 64.26
N GLY D 484 15.36 15.46 63.80
CA GLY D 484 15.40 14.23 64.57
C GLY D 484 14.10 13.47 64.70
N GLU D 485 12.99 14.10 64.37
CA GLU D 485 11.75 13.52 64.77
C GLU D 485 10.88 13.16 63.58
N LYS D 486 10.40 11.92 63.62
CA LYS D 486 9.58 11.35 62.57
C LYS D 486 8.15 11.97 62.45
N MET D 487 7.62 12.06 61.23
CA MET D 487 6.22 12.49 61.06
C MET D 487 5.78 12.29 59.62
N GLU D 488 4.51 11.96 59.40
CA GLU D 488 4.13 11.72 58.01
C GLU D 488 3.95 12.99 57.17
N LYS D 489 3.64 14.10 57.83
CA LYS D 489 3.46 15.38 57.11
C LYS D 489 4.40 16.45 57.69
N LEU D 490 4.88 17.39 56.85
CA LEU D 490 5.71 18.50 57.34
C LEU D 490 4.85 19.37 58.31
N PRO D 491 5.47 20.27 59.11
CA PRO D 491 4.64 21.15 60.01
C PRO D 491 3.69 22.13 59.30
PA FAD E . 3.70 6.38 -27.34
O1A FAD E . 3.36 5.59 -26.17
O2A FAD E . 2.91 6.30 -28.62
O5B FAD E . 5.24 6.29 -27.62
C5B FAD E . 6.14 6.22 -26.48
C4B FAD E . 7.30 5.42 -27.05
O4B FAD E . 8.46 5.75 -26.22
C3B FAD E . 7.07 3.89 -26.96
O3B FAD E . 7.26 3.16 -28.24
C2B FAD E . 8.07 3.47 -25.86
O2B FAD E . 8.68 2.21 -26.17
C1B FAD E . 9.19 4.54 -26.02
N9A FAD E . 10.04 4.76 -24.84
C8A FAD E . 9.61 4.85 -23.51
N7A FAD E . 10.66 5.13 -22.72
C5A FAD E . 11.75 5.19 -23.50
C6A FAD E . 13.09 5.45 -23.20
N6A FAD E . 13.49 6.14 -22.06
N1A FAD E . 13.91 5.41 -24.30
C2A FAD E . 13.55 5.17 -25.59
N3A FAD E . 12.26 4.94 -25.92
C4A FAD E . 11.38 4.96 -24.85
N1 FAD E . -5.57 6.64 -28.22
C2 FAD E . -6.46 7.02 -29.20
O2 FAD E . -6.37 8.11 -29.75
N3 FAD E . -7.43 6.16 -29.64
C4 FAD E . -7.52 4.92 -29.11
O4 FAD E . -8.42 4.16 -29.50
C4X FAD E . -6.62 4.55 -28.12
N5 FAD E . -6.69 3.32 -27.56
C5X FAD E . -5.74 2.88 -26.63
C6 FAD E . -5.84 1.64 -26.02
C7 FAD E . -4.90 1.27 -25.05
C7M FAD E . -4.93 -0.10 -24.41
C8 FAD E . -3.89 2.16 -24.71
C8M FAD E . -2.94 1.78 -23.62
C9 FAD E . -3.83 3.42 -25.24
C9A FAD E . -4.75 3.77 -26.19
N10 FAD E . -4.72 5.02 -26.72
C10 FAD E . -5.63 5.40 -27.69
C1' FAD E . -3.67 6.01 -26.27
C2' FAD E . -2.53 6.12 -27.22
O2' FAD E . -1.92 4.81 -27.38
C3' FAD E . -1.68 7.17 -26.59
O3' FAD E . -2.42 8.34 -26.13
C4' FAD E . -0.56 7.52 -27.53
O4' FAD E . 0.15 6.39 -27.98
C5' FAD E . 0.45 8.34 -26.77
O5' FAD E . 1.46 8.69 -27.75
P FAD E . 2.91 9.10 -27.26
O1P FAD E . 3.77 9.59 -28.35
O2P FAD E . 2.76 10.17 -26.13
O3P FAD E . 3.58 7.82 -26.66
CAR WPF F . 3.62 9.97 -45.47
NAQ WPF F . 3.54 8.52 -45.20
CAY WPF F . 3.80 7.71 -46.42
CAP WPF F . 4.50 8.20 -44.14
CAO WPF F . 3.75 8.34 -42.82
CAN WPF F . 4.57 9.25 -41.96
NAM WPF F . 4.07 9.25 -40.55
CAW WPF F . 3.71 10.49 -40.04
CAX WPF F . 3.69 11.67 -41.06
NAV WPF F . 3.23 10.64 -38.73
CAU WPF F . 3.17 9.55 -37.85
CAT WPF F . 2.66 9.78 -36.56
CAS WPF F . 2.57 8.71 -35.68
CAI WPF F . 2.97 7.43 -36.09
CL1 WPF F . 2.84 6.12 -34.97
CAJ WPF F . 3.48 7.19 -37.40
CAK WPF F . 3.58 8.26 -38.27
CAL WPF F . 4.13 8.03 -39.70
CAF WPF F . 5.63 7.73 -39.67
CAG WPF F . 6.55 8.64 -39.14
CAD WPF F . 7.94 8.35 -39.14
CAC WPF F . 8.40 7.14 -39.74
CAA WPF F . 9.88 6.74 -39.78
CAB WPF F . 7.44 6.26 -40.28
CAE WPF F . 6.07 6.53 -40.25
CL CL G . -8.82 -20.10 -28.67
CL CL H . -11.00 1.21 -10.13
CL CL I . -6.21 2.98 -17.91
PA FAD J . -43.54 10.29 -51.29
O1A FAD J . -43.34 9.28 -52.42
O2A FAD J . -42.87 10.01 -50.00
O5B FAD J . -45.10 10.39 -51.02
C5B FAD J . -46.03 10.62 -52.02
C4B FAD J . -47.31 10.00 -51.54
O4B FAD J . -48.35 10.43 -52.41
C3B FAD J . -47.31 8.49 -51.59
O3B FAD J . -47.64 8.05 -50.32
C2B FAD J . -48.43 8.15 -52.57
O2B FAD J . -49.12 7.00 -52.16
C1B FAD J . -49.30 9.40 -52.45
N9A FAD J . -50.05 9.75 -53.68
C8A FAD J . -49.56 9.71 -54.95
N7A FAD J . -50.53 10.12 -55.79
C5A FAD J . -51.65 10.39 -55.09
C6A FAD J . -52.92 10.84 -55.48
N6A FAD J . -53.12 11.42 -56.66
N1A FAD J . -53.85 11.05 -54.48
C2A FAD J . -53.56 10.82 -53.14
N3A FAD J . -52.28 10.38 -52.76
C4A FAD J . -51.36 10.16 -53.73
N1 FAD J . -34.44 8.94 -50.23
C2 FAD J . -33.49 9.16 -49.22
O2 FAD J . -33.33 10.31 -48.80
N3 FAD J . -32.76 8.11 -48.76
C4 FAD J . -32.92 6.81 -49.20
O4 FAD J . -32.22 5.85 -48.76
C4X FAD J . -33.88 6.63 -50.20
N5 FAD J . -34.09 5.40 -50.70
C5X FAD J . -35.06 5.12 -51.63
C6 FAD J . -35.24 3.83 -52.13
C7 FAD J . -36.25 3.55 -53.07
C7M FAD J . -36.42 2.15 -53.56
C8 FAD J . -37.02 4.60 -53.58
C8M FAD J . -38.11 4.43 -54.64
C9 FAD J . -36.77 5.90 -53.12
C9A FAD J . -35.81 6.16 -52.13
N10 FAD J . -35.58 7.45 -51.69
C10 FAD J . -34.64 7.68 -50.69
C1' FAD J . -36.42 8.57 -52.24
C2' FAD J . -37.42 8.98 -51.23
O2' FAD J . -38.15 7.82 -50.83
C3' FAD J . -38.28 10.03 -51.90
O3' FAD J . -37.48 11.14 -52.25
C4' FAD J . -39.37 10.52 -50.94
O4' FAD J . -40.21 9.46 -50.54
C5' FAD J . -40.18 11.60 -51.63
O5' FAD J . -41.05 12.18 -50.72
P FAD J . -42.31 12.90 -51.40
O1P FAD J . -42.95 13.59 -50.24
O2P FAD J . -41.97 13.79 -52.56
O3P FAD J . -43.22 11.71 -51.89
CAR WPF K . -43.33 13.02 -31.96
NAQ WPF K . -42.66 13.05 -33.29
CAY WPF K . -42.26 11.67 -33.69
CAP WPF K . -43.54 13.72 -34.27
CAO WPF K . -42.90 13.89 -35.65
CAN WPF K . -44.01 13.98 -36.69
NAM WPF K . -43.47 13.99 -38.09
CAW WPF K . -42.87 15.16 -38.65
CAX WPF K . -42.67 16.47 -37.86
NAV WPF K . -42.40 15.16 -39.97
CAU WPF K . -42.48 14.06 -40.82
CAT WPF K . -41.96 14.18 -42.13
CAS WPF K . -42.05 13.06 -42.97
CAI WPF K . -42.64 11.86 -42.52
CL1 WPF K . -42.76 10.44 -43.56
CAJ WPF K . -43.15 11.78 -41.20
CAK WPF K . -43.08 12.88 -40.35
CAL WPF K . -43.67 12.76 -38.91
CAF WPF K . -45.19 12.65 -39.03
CAG WPF K . -45.95 13.75 -39.47
CAD WPF K . -47.34 13.66 -39.56
CAC WPF K . -47.97 12.47 -39.19
CAA WPF K . -49.47 12.35 -39.27
CAB WPF K . -47.22 11.37 -38.75
CAE WPF K . -45.82 11.46 -38.66
CL CL L . -30.07 1.80 -67.95
CL CL M . -36.10 -17.94 -48.50
BR BR N . -20.75 7.17 -68.23
PA FAD O . -2.42 0.24 25.61
O1A FAD O . -2.32 -0.72 24.49
O2A FAD O . -1.85 -0.10 26.97
O5B FAD O . -3.97 0.52 25.74
C5B FAD O . -4.76 0.59 24.58
C4B FAD O . -6.17 0.34 25.09
O4B FAD O . -7.10 0.94 24.20
C3B FAD O . -6.37 -1.16 25.06
O3B FAD O . -6.81 -1.58 26.34
C2B FAD O . -7.44 -1.37 24.00
O2B FAD O . -8.40 -2.31 24.37
C1B FAD O . -8.10 -0.02 24.00
N9A FAD O . -8.77 0.36 22.74
C8A FAD O . -8.31 0.19 21.47
N7A FAD O . -9.22 0.76 20.65
C5A FAD O . -10.23 1.25 21.36
C6A FAD O . -11.38 1.86 20.98
N6A FAD O . -11.45 2.30 19.71
N1A FAD O . -12.28 2.25 21.97
C2A FAD O . -12.03 2.05 23.30
N3A FAD O . -10.87 1.38 23.66
C4A FAD O . -9.97 1.02 22.69
N1 FAD O . 6.41 -2.27 27.19
C2 FAD O . 7.33 -2.18 28.20
O2 FAD O . 7.59 -1.06 28.60
N3 FAD O . 7.94 -3.29 28.71
C4 FAD O . 7.65 -4.52 28.21
O4 FAD O . 8.18 -5.55 28.66
C4X FAD O . 6.71 -4.61 27.23
N5 FAD O . 6.43 -5.83 26.73
C5X FAD O . 5.47 -6.04 25.76
C6 FAD O . 5.18 -7.35 25.27
C7 FAD O . 4.20 -7.47 24.26
C7M FAD O . 3.76 -8.79 23.70
C8 FAD O . 3.56 -6.34 23.78
C8M FAD O . 2.51 -6.41 22.69
C9 FAD O . 3.88 -5.09 24.25
C9A FAD O . 4.81 -4.92 25.26
N10 FAD O . 5.16 -3.63 25.67
C10 FAD O . 6.08 -3.50 26.70
C1' FAD O . 4.53 -2.39 25.12
C2' FAD O . 3.42 -1.85 26.00
O2' FAD O . 2.44 -2.84 26.10
C3' FAD O . 2.82 -0.70 25.25
O3' FAD O . 3.95 0.11 25.01
C4' FAD O . 1.80 -0.02 26.15
O4' FAD O . 0.80 -0.92 26.62
C5' FAD O . 1.13 1.15 25.47
O5' FAD O . 0.14 1.70 26.32
P FAD O . -0.89 2.60 25.53
O1P FAD O . -1.43 3.45 26.66
O2P FAD O . -0.22 3.35 24.38
O3P FAD O . -1.91 1.56 24.94
CAR WPF P . -3.18 3.20 44.85
NAQ WPF P . -2.10 3.30 43.84
CAY WPF P . -0.85 2.60 44.25
CAP WPF P . -2.58 2.82 42.53
CAO WPF P . -2.01 3.69 41.38
CAN WPF P . -3.10 4.17 40.40
NAM WPF P . -2.58 4.04 38.99
CAW WPF P . -1.70 5.03 38.50
CAX WPF P . -1.24 6.19 39.40
NAV WPF P . -1.20 4.97 37.18
CAU WPF P . -1.45 3.91 36.31
CAT WPF P . -0.78 3.85 35.08
CAS WPF P . -1.00 2.78 34.19
CAI WPF P . -1.87 1.72 34.52
CL1 WPF P . -2.15 0.35 33.41
CAJ WPF P . -2.50 1.80 35.79
CAK WPF P . -2.30 2.88 36.71
CAL WPF P . -3.02 2.92 38.10
CAF WPF P . -4.58 3.06 37.92
CAG WPF P . -5.15 3.97 37.04
CAD WPF P . -6.54 4.06 36.93
CAC WPF P . -7.39 3.25 37.70
CAA WPF P . -8.92 3.32 37.59
CAB WPF P . -6.82 2.36 38.59
CAE WPF P . -5.43 2.27 38.70
CL CL Q . 11.11 -10.49 9.78
CL CL R . 0.92 -28.66 28.99
PA FAD S . 42.33 -10.06 52.62
O1A FAD S . 41.74 -10.76 53.79
O2A FAD S . 41.61 -10.27 51.31
O5B FAD S . 43.81 -10.54 52.46
C5B FAD S . 44.69 -10.54 53.56
C4B FAD S . 45.62 -11.66 53.20
O4B FAD S . 46.71 -11.53 54.12
C3B FAD S . 45.05 -13.08 53.39
O3B FAD S . 45.14 -13.79 52.14
C2B FAD S . 45.95 -13.69 54.46
O2B FAD S . 46.34 -15.08 54.30
C1B FAD S . 47.18 -12.82 54.33
N9A FAD S . 47.97 -12.71 55.57
C8A FAD S . 47.49 -12.51 56.80
N7A FAD S . 48.55 -12.40 57.62
C5A FAD S . 49.70 -12.54 56.92
C6A FAD S . 51.05 -12.53 57.27
N6A FAD S . 51.50 -12.04 58.43
N1A FAD S . 51.98 -12.70 56.27
C2A FAD S . 51.56 -12.88 55.00
N3A FAD S . 50.25 -12.86 54.65
C4A FAD S . 49.34 -12.74 55.62
N1 FAD S . 33.27 -8.32 50.95
C2 FAD S . 32.51 -7.89 49.89
O2 FAD S . 32.76 -6.83 49.34
N3 FAD S . 31.42 -8.60 49.47
C4 FAD S . 31.07 -9.79 50.05
O4 FAD S . 30.09 -10.44 49.59
C4X FAD S . 31.89 -10.25 51.09
N5 FAD S . 31.61 -11.43 51.74
C5X FAD S . 32.38 -11.91 52.77
C6 FAD S . 32.05 -13.14 53.37
C7 FAD S . 32.83 -13.65 54.38
C7M FAD S . 32.41 -14.98 55.00
C8 FAD S . 33.96 -12.90 54.82
C8M FAD S . 34.91 -13.38 55.89
C9 FAD S . 34.31 -11.70 54.19
C9A FAD S . 33.49 -11.18 53.17
N10 FAD S . 33.75 -9.94 52.59
C10 FAD S . 32.96 -9.50 51.54
C1' FAD S . 34.91 -9.11 53.04
C2' FAD S . 36.15 -9.14 52.22
O2' FAD S . 36.63 -10.48 52.03
C3' FAD S . 37.17 -8.31 52.97
O3' FAD S . 36.68 -7.01 53.28
C4' FAD S . 38.36 -8.22 52.07
O4' FAD S . 38.76 -9.51 51.66
C5' FAD S . 39.51 -7.52 52.81
O5' FAD S . 40.57 -7.33 51.88
P FAD S . 42.07 -7.16 52.44
O1P FAD S . 43.00 -6.86 51.31
O2P FAD S . 42.03 -6.25 53.61
O3P FAD S . 42.43 -8.54 53.06
CAR WPF T . 44.52 -8.41 33.46
NAQ WPF T . 43.58 -8.62 34.59
CAY WPF T . 42.47 -9.57 34.26
CAP WPF T . 44.33 -9.07 35.79
CAO WPF T . 43.67 -8.50 37.03
CAN WPF T . 44.71 -8.06 38.03
NAM WPF T . 44.09 -7.83 39.39
CAW WPF T . 43.77 -6.53 39.83
CAX WPF T . 44.04 -5.31 38.92
NAV WPF T . 43.24 -6.29 41.11
CAU WPF T . 42.95 -7.32 42.00
CAT WPF T . 42.38 -7.00 43.26
CAS WPF T . 42.07 -8.01 44.16
CAI WPF T . 42.33 -9.34 43.77
CL1 WPF T . 41.96 -10.68 44.84
CAJ WPF T . 42.89 -9.63 42.54
CAK WPF T . 43.22 -8.63 41.64
CAL WPF T . 43.85 -9.01 40.26
CAF WPF T . 45.21 -9.71 40.40
CAG WPF T . 46.32 -8.95 40.76
CAD WPF T . 47.57 -9.52 40.89
CAC WPF T . 47.74 -10.89 40.59
CAA WPF T . 49.12 -11.49 40.73
CAB WPF T . 46.65 -11.67 40.23
CAE WPF T . 45.37 -11.09 40.14
BR BR U . 19.19 -3.29 67.93
BR BR V . 26.18 -11.65 68.71
#